data_4U6K
# 
_entry.id   4U6K 
# 
_audit_conform.dict_name       mmcif_pdbx.dic 
_audit_conform.dict_version    5.395 
_audit_conform.dict_location   http://mmcif.pdb.org/dictionaries/ascii/mmcif_pdbx.dic 
# 
loop_
_database_2.database_id 
_database_2.database_code 
_database_2.pdbx_database_accession 
_database_2.pdbx_DOI 
PDB   4U6K         pdb_00004u6k 10.2210/pdb4u6k/pdb 
WWPDB D_1000202750 ?            ?                   
# 
loop_
_pdbx_audit_revision_history.ordinal 
_pdbx_audit_revision_history.data_content_type 
_pdbx_audit_revision_history.major_revision 
_pdbx_audit_revision_history.minor_revision 
_pdbx_audit_revision_history.revision_date 
1 'Structure model' 1 0 2015-08-19 
2 'Structure model' 1 1 2020-01-29 
3 'Structure model' 1 2 2022-07-06 
4 'Structure model' 1 3 2024-06-26 
# 
_pdbx_audit_revision_details.ordinal             1 
_pdbx_audit_revision_details.revision_ordinal    1 
_pdbx_audit_revision_details.data_content_type   'Structure model' 
_pdbx_audit_revision_details.provider            repository 
_pdbx_audit_revision_details.type                'Initial release' 
_pdbx_audit_revision_details.description         ? 
_pdbx_audit_revision_details.details             ? 
# 
loop_
_pdbx_audit_revision_group.ordinal 
_pdbx_audit_revision_group.revision_ordinal 
_pdbx_audit_revision_group.data_content_type 
_pdbx_audit_revision_group.group 
1 2 'Structure model' 'Data collection'        
2 2 'Structure model' 'Derived calculations'   
3 2 'Structure model' 'Refinement description' 
4 3 'Structure model' 'Database references'    
5 4 'Structure model' 'Data collection'        
# 
loop_
_pdbx_audit_revision_category.ordinal 
_pdbx_audit_revision_category.revision_ordinal 
_pdbx_audit_revision_category.data_content_type 
_pdbx_audit_revision_category.category 
1 2 'Structure model' computing             
2 2 'Structure model' diffrn_radiation      
3 2 'Structure model' diffrn_source         
4 2 'Structure model' pdbx_struct_oper_list 
5 2 'Structure model' software              
6 3 'Structure model' citation              
7 3 'Structure model' database_2            
8 4 'Structure model' chem_comp_atom        
9 4 'Structure model' chem_comp_bond        
# 
loop_
_pdbx_audit_revision_item.ordinal 
_pdbx_audit_revision_item.revision_ordinal 
_pdbx_audit_revision_item.data_content_type 
_pdbx_audit_revision_item.item 
1  2 'Structure model' '_computing.pdbx_data_reduction_ds'         
2  2 'Structure model' '_diffrn_radiation.pdbx_diffrn_protocol'    
3  2 'Structure model' '_diffrn_source.pdbx_synchrotron_site'      
4  2 'Structure model' '_pdbx_struct_oper_list.symmetry_operation' 
5  2 'Structure model' '_software.name'                            
6  3 'Structure model' '_citation.country'                         
7  3 'Structure model' '_citation.journal_abbrev'                  
8  3 'Structure model' '_citation.journal_id_CSD'                  
9  3 'Structure model' '_citation.journal_id_ISSN'                 
10 3 'Structure model' '_citation.journal_volume'                  
11 3 'Structure model' '_citation.page_first'                      
12 3 'Structure model' '_citation.page_last'                       
13 3 'Structure model' '_citation.pdbx_database_id_DOI'            
14 3 'Structure model' '_citation.pdbx_database_id_PubMed'         
15 3 'Structure model' '_citation.title'                           
16 3 'Structure model' '_citation.year'                            
17 3 'Structure model' '_database_2.pdbx_DOI'                      
18 3 'Structure model' '_database_2.pdbx_database_accession'       
# 
_pdbx_database_status.status_code                     REL 
_pdbx_database_status.status_code_sf                  REL 
_pdbx_database_status.status_code_mr                  ? 
_pdbx_database_status.entry_id                        4U6K 
_pdbx_database_status.recvd_initial_deposition_date   2014-07-29 
_pdbx_database_status.SG_entry                        N 
_pdbx_database_status.deposit_site                    RCSB 
_pdbx_database_status.process_site                    PDBJ 
_pdbx_database_status.status_code_cs                  ? 
_pdbx_database_status.methods_development_category    ? 
_pdbx_database_status.pdb_format_compatible           Y 
_pdbx_database_status.status_code_nmr_data            ? 
# 
loop_
_pdbx_database_related.content_type 
_pdbx_database_related.db_id 
_pdbx_database_related.db_name 
_pdbx_database_related.details 
unspecified 4U6L PDB . 
unspecified 4U6M PDB . 
# 
loop_
_audit_author.name 
_audit_author.pdbx_ordinal 
'Kondo, J.'    1 
'Nomura, Y.'   2 
'Kitahara, Y.' 3 
'Obika, S.'    4 
'Torigoe, H.'  5 
# 
_citation.abstract                  ? 
_citation.abstract_id_CAS           ? 
_citation.book_id_ISBN              ? 
_citation.book_publisher            ? 
_citation.book_publisher_city       ? 
_citation.book_title                ? 
_citation.coordinate_linkage        ? 
_citation.country                   UK 
_citation.database_id_Medline       ? 
_citation.details                   ? 
_citation.id                        primary 
_citation.journal_abbrev            'Chem.Commun.(Camb.)' 
_citation.journal_id_ASTM           ? 
_citation.journal_id_CSD            ? 
_citation.journal_id_ISSN           1364-548X 
_citation.journal_full              ? 
_citation.journal_issue             ? 
_citation.journal_volume            52 
_citation.language                  ? 
_citation.page_first                2354 
_citation.page_last                 2357 
_citation.title                     
;The crystal structure of a 2',4'-BNA(NC)[N-Me]-modified antisense gapmer in complex with the target RNA.
;
_citation.year                      2016 
_citation.database_id_CSD           ? 
_citation.pdbx_database_id_DOI      10.1039/c5cc08300a 
_citation.pdbx_database_id_PubMed   26731288 
_citation.unpublished_flag          ? 
# 
loop_
_citation_author.citation_id 
_citation_author.name 
_citation_author.ordinal 
_citation_author.identifier_ORCID 
primary 'Kondo, J.'    1 ? 
primary 'Nomura, Y.'   2 ? 
primary 'Kitahara, Y.' 3 ? 
primary 'Obika, S.'    4 ? 
primary 'Torigoe, H.'  5 ? 
# 
loop_
_entity.id 
_entity.type 
_entity.src_method 
_entity.pdbx_description 
_entity.formula_weight 
_entity.pdbx_number_of_molecules 
_entity.pdbx_ec 
_entity.pdbx_mutation 
_entity.pdbx_fragment 
_entity.details 
1 polymer     syn 
;RNA (5'-R(*GP*AP*AP*GP*AP*AP*GP*AP*G)-3')
;
2981.895 2   ? ? ? ? 
2 polymer     syn 
;DNA (5'-D(*(NCU)P*(NTT)P*CP*TP*TP*CP*TP*(NTT)P*(NCU))-3')
;
2888.994 2   ? ? ? ? 
3 non-polymer syn 'COBALT HEXAMMINE(III)'                                     161.116  3   ? ? ? ? 
4 water       nat water                                                       18.015   355 ? ? ? ? 
# 
loop_
_entity_poly.entity_id 
_entity_poly.type 
_entity_poly.nstd_linkage 
_entity_poly.nstd_monomer 
_entity_poly.pdbx_seq_one_letter_code 
_entity_poly.pdbx_seq_one_letter_code_can 
_entity_poly.pdbx_strand_id 
_entity_poly.pdbx_target_identifier 
1 polyribonucleotide      no no  GAAGAAGAG                                  GAAGAAGAG A,C ? 
2 polydeoxyribonucleotide no yes '(NCU)(NTT)(DC)(DT)(DT)(DC)(DT)(NTT)(NCU)' XXCTTCTXX B,D ? 
# 
loop_
_pdbx_entity_nonpoly.entity_id 
_pdbx_entity_nonpoly.name 
_pdbx_entity_nonpoly.comp_id 
3 'COBALT HEXAMMINE(III)' NCO 
4 water                   HOH 
# 
loop_
_entity_poly_seq.entity_id 
_entity_poly_seq.num 
_entity_poly_seq.mon_id 
_entity_poly_seq.hetero 
1 1 G   n 
1 2 A   n 
1 3 A   n 
1 4 G   n 
1 5 A   n 
1 6 A   n 
1 7 G   n 
1 8 A   n 
1 9 G   n 
2 1 NCU n 
2 2 NTT n 
2 3 DC  n 
2 4 DT  n 
2 5 DT  n 
2 6 DC  n 
2 7 DT  n 
2 8 NTT n 
2 9 NCU n 
# 
loop_
_pdbx_entity_src_syn.entity_id 
_pdbx_entity_src_syn.pdbx_src_id 
_pdbx_entity_src_syn.pdbx_alt_source_flag 
_pdbx_entity_src_syn.pdbx_beg_seq_num 
_pdbx_entity_src_syn.pdbx_end_seq_num 
_pdbx_entity_src_syn.organism_scientific 
_pdbx_entity_src_syn.organism_common_name 
_pdbx_entity_src_syn.ncbi_taxonomy_id 
_pdbx_entity_src_syn.details 
1 1 sample 1 9 'synthetic construct' ? 32630 ? 
2 1 sample 1 9 'synthetic construct' ? 32630 ? 
# 
loop_
_chem_comp.id 
_chem_comp.type 
_chem_comp.mon_nstd_flag 
_chem_comp.name 
_chem_comp.pdbx_synonyms 
_chem_comp.formula 
_chem_comp.formula_weight 
A   'RNA linking' y "ADENOSINE-5'-MONOPHOSPHATE" ? 'C10 H14 N5 O7 P' 347.221 
DC  'DNA linking' y "2'-DEOXYCYTIDINE-5'-MONOPHOSPHATE" ? 'C9 H14 N3 O7 P'  307.197 
DT  'DNA linking' y "THYMIDINE-5'-MONOPHOSPHATE" ? 'C10 H15 N2 O8 P' 322.208 
G   'RNA linking' y "GUANOSINE-5'-MONOPHOSPHATE" ? 'C10 H14 N5 O8 P' 363.221 
HOH non-polymer   . WATER ? 'H2 O'            18.015  
NCO non-polymer   . 'COBALT HEXAMMINE(III)' ? 'Co H18 N6 3'     161.116 
NCU 'DNA linking' n 
;[(1R,5R,7R,8S)-7-(4-amino-5-methyl-2-oxopyrimidin-1(2H)-yl)-8-hydroxy-3-methyl-2,6-dioxa-3-azabicyclo[3.2.1]oct-5-yl]methyl dihydrogen phosphate
;
? 'C12 H19 N4 O8 P' 378.275 
NTT 'DNA linking' n 
;[(1R,5R,7R,8S)-8-hydroxy-3-methyl-7-(5-methyl-2,4-dioxo-3,4-dihydropyrimidin-1(2H)-yl)-2,6-dioxa-3-azabicyclo[3.2.1]oct-5-yl]methyl dihydrogen phosphate
;
? 'C12 H18 N3 O9 P' 379.260 
# 
loop_
_pdbx_poly_seq_scheme.asym_id 
_pdbx_poly_seq_scheme.entity_id 
_pdbx_poly_seq_scheme.seq_id 
_pdbx_poly_seq_scheme.mon_id 
_pdbx_poly_seq_scheme.ndb_seq_num 
_pdbx_poly_seq_scheme.pdb_seq_num 
_pdbx_poly_seq_scheme.auth_seq_num 
_pdbx_poly_seq_scheme.pdb_mon_id 
_pdbx_poly_seq_scheme.auth_mon_id 
_pdbx_poly_seq_scheme.pdb_strand_id 
_pdbx_poly_seq_scheme.pdb_ins_code 
_pdbx_poly_seq_scheme.hetero 
A 1 1 G   1 1 1 G   G   A . n 
A 1 2 A   2 2 2 A   A   A . n 
A 1 3 A   3 3 3 A   A   A . n 
A 1 4 G   4 4 4 G   G   A . n 
A 1 5 A   5 5 5 A   A   A . n 
A 1 6 A   6 6 6 A   A   A . n 
A 1 7 G   7 7 7 G   G   A . n 
A 1 8 A   8 8 8 A   A   A . n 
A 1 9 G   9 9 9 G   G   A . n 
B 2 1 NCU 1 1 1 NCU NNC B . n 
B 2 2 NTT 2 2 2 NTT NNT B . n 
B 2 3 DC  3 3 3 DC  DC  B . n 
B 2 4 DT  4 4 4 DT  DT  B . n 
B 2 5 DT  5 5 5 DT  DT  B . n 
B 2 6 DC  6 6 6 DC  DC  B . n 
B 2 7 DT  7 7 7 DT  DT  B . n 
B 2 8 NTT 8 8 8 NTT NNT B . n 
B 2 9 NCU 9 9 9 NCU NNC B . n 
C 1 1 G   1 1 1 G   G   C . n 
C 1 2 A   2 2 2 A   A   C . n 
C 1 3 A   3 3 3 A   A   C . n 
C 1 4 G   4 4 4 G   G   C . n 
C 1 5 A   5 5 5 A   A   C . n 
C 1 6 A   6 6 6 A   A   C . n 
C 1 7 G   7 7 7 G   G   C . n 
C 1 8 A   8 8 8 A   A   C . n 
C 1 9 G   9 9 9 G   G   C . n 
D 2 1 NCU 1 1 1 NCU NNC D . n 
D 2 2 NTT 2 2 2 NTT NNT D . n 
D 2 3 DC  3 3 3 DC  DC  D . n 
D 2 4 DT  4 4 4 DT  DT  D . n 
D 2 5 DT  5 5 5 DT  DT  D . n 
D 2 6 DC  6 6 6 DC  DC  D . n 
D 2 7 DT  7 7 7 DT  DT  D . n 
D 2 8 NTT 8 8 8 NTT NNT D . n 
D 2 9 NCU 9 9 9 NCU NNC D . n 
# 
loop_
_pdbx_nonpoly_scheme.asym_id 
_pdbx_nonpoly_scheme.entity_id 
_pdbx_nonpoly_scheme.mon_id 
_pdbx_nonpoly_scheme.ndb_seq_num 
_pdbx_nonpoly_scheme.pdb_seq_num 
_pdbx_nonpoly_scheme.auth_seq_num 
_pdbx_nonpoly_scheme.pdb_mon_id 
_pdbx_nonpoly_scheme.auth_mon_id 
_pdbx_nonpoly_scheme.pdb_strand_id 
_pdbx_nonpoly_scheme.pdb_ins_code 
E 3 NCO 1   101 51  NCO NCO A . 
F 3 NCO 1   102 52  NCO NCO A . 
G 3 NCO 1   101 53  NCO NCO C . 
H 4 HOH 1   201 270 HOH HOH A . 
H 4 HOH 2   202 191 HOH HOH A . 
H 4 HOH 3   203 202 HOH HOH A . 
H 4 HOH 4   204 206 HOH HOH A . 
H 4 HOH 5   205 143 HOH HOH A . 
H 4 HOH 6   206 351 HOH HOH A . 
H 4 HOH 7   207 174 HOH HOH A . 
H 4 HOH 8   208 122 HOH HOH A . 
H 4 HOH 9   209 114 HOH HOH A . 
H 4 HOH 10  210 129 HOH HOH A . 
H 4 HOH 11  211 149 HOH HOH A . 
H 4 HOH 12  212 134 HOH HOH A . 
H 4 HOH 13  213 145 HOH HOH A . 
H 4 HOH 14  214 420 HOH HOH A . 
H 4 HOH 15  215 168 HOH HOH A . 
H 4 HOH 16  216 238 HOH HOH A . 
H 4 HOH 17  217 221 HOH HOH A . 
H 4 HOH 18  218 158 HOH HOH A . 
H 4 HOH 19  219 130 HOH HOH A . 
H 4 HOH 20  220 195 HOH HOH A . 
H 4 HOH 21  221 161 HOH HOH A . 
H 4 HOH 22  222 226 HOH HOH A . 
H 4 HOH 23  223 169 HOH HOH A . 
H 4 HOH 24  224 406 HOH HOH A . 
H 4 HOH 25  225 108 HOH HOH A . 
H 4 HOH 26  226 113 HOH HOH A . 
H 4 HOH 27  227 353 HOH HOH A . 
H 4 HOH 28  228 284 HOH HOH A . 
H 4 HOH 29  229 357 HOH HOH A . 
H 4 HOH 30  230 112 HOH HOH A . 
H 4 HOH 31  231 175 HOH HOH A . 
H 4 HOH 32  232 328 HOH HOH A . 
H 4 HOH 33  233 152 HOH HOH A . 
H 4 HOH 34  234 287 HOH HOH A . 
H 4 HOH 35  235 128 HOH HOH A . 
H 4 HOH 36  236 200 HOH HOH A . 
H 4 HOH 37  237 162 HOH HOH A . 
H 4 HOH 38  238 234 HOH HOH A . 
H 4 HOH 39  239 242 HOH HOH A . 
H 4 HOH 40  240 245 HOH HOH A . 
H 4 HOH 41  241 331 HOH HOH A . 
H 4 HOH 42  242 212 HOH HOH A . 
H 4 HOH 43  243 368 HOH HOH A . 
H 4 HOH 44  244 102 HOH HOH A . 
H 4 HOH 45  245 366 HOH HOH A . 
H 4 HOH 46  246 229 HOH HOH A . 
H 4 HOH 47  247 132 HOH HOH A . 
H 4 HOH 48  248 107 HOH HOH A . 
H 4 HOH 49  249 159 HOH HOH A . 
H 4 HOH 50  250 190 HOH HOH A . 
H 4 HOH 51  251 187 HOH HOH A . 
H 4 HOH 52  252 315 HOH HOH A . 
H 4 HOH 53  253 189 HOH HOH A . 
H 4 HOH 54  254 211 HOH HOH A . 
H 4 HOH 55  255 153 HOH HOH A . 
H 4 HOH 56  256 140 HOH HOH A . 
H 4 HOH 57  257 124 HOH HOH A . 
H 4 HOH 58  258 116 HOH HOH A . 
H 4 HOH 59  259 241 HOH HOH A . 
H 4 HOH 60  260 141 HOH HOH A . 
H 4 HOH 61  261 264 HOH HOH A . 
H 4 HOH 62  262 235 HOH HOH A . 
H 4 HOH 63  263 123 HOH HOH A . 
H 4 HOH 64  264 240 HOH HOH A . 
H 4 HOH 65  265 150 HOH HOH A . 
H 4 HOH 66  266 254 HOH HOH A . 
H 4 HOH 67  267 339 HOH HOH A . 
H 4 HOH 68  268 296 HOH HOH A . 
H 4 HOH 69  269 370 HOH HOH A . 
H 4 HOH 70  270 374 HOH HOH A . 
H 4 HOH 71  271 308 HOH HOH A . 
H 4 HOH 72  272 285 HOH HOH A . 
H 4 HOH 73  273 263 HOH HOH A . 
H 4 HOH 74  274 275 HOH HOH A . 
H 4 HOH 75  275 257 HOH HOH A . 
H 4 HOH 76  276 302 HOH HOH A . 
H 4 HOH 77  277 396 HOH HOH A . 
H 4 HOH 78  278 278 HOH HOH A . 
H 4 HOH 79  279 371 HOH HOH A . 
H 4 HOH 80  280 289 HOH HOH A . 
H 4 HOH 81  281 385 HOH HOH A . 
H 4 HOH 82  282 271 HOH HOH A . 
H 4 HOH 83  283 431 HOH HOH A . 
H 4 HOH 84  284 421 HOH HOH A . 
H 4 HOH 85  285 393 HOH HOH A . 
H 4 HOH 86  286 304 HOH HOH A . 
H 4 HOH 87  287 401 HOH HOH A . 
H 4 HOH 88  288 250 HOH HOH A . 
H 4 HOH 89  289 326 HOH HOH A . 
H 4 HOH 90  290 256 HOH HOH A . 
H 4 HOH 91  291 319 HOH HOH A . 
H 4 HOH 92  292 428 HOH HOH A . 
H 4 HOH 93  293 253 HOH HOH A . 
H 4 HOH 94  294 268 HOH HOH A . 
H 4 HOH 95  295 266 HOH HOH A . 
H 4 HOH 96  296 251 HOH HOH A . 
H 4 HOH 97  297 355 HOH HOH A . 
H 4 HOH 98  298 311 HOH HOH A . 
H 4 HOH 99  299 450 HOH HOH A . 
H 4 HOH 100 300 375 HOH HOH A . 
H 4 HOH 101 301 362 HOH HOH A . 
H 4 HOH 102 302 367 HOH HOH A . 
I 4 HOH 1   101 146 HOH HOH B . 
I 4 HOH 2   102 381 HOH HOH B . 
I 4 HOH 3   103 135 HOH HOH B . 
I 4 HOH 4   104 330 HOH HOH B . 
I 4 HOH 5   105 178 HOH HOH B . 
I 4 HOH 6   106 218 HOH HOH B . 
I 4 HOH 7   107 451 HOH HOH B . 
I 4 HOH 8   108 425 HOH HOH B . 
I 4 HOH 9   109 188 HOH HOH B . 
I 4 HOH 10  110 127 HOH HOH B . 
I 4 HOH 11  111 228 HOH HOH B . 
I 4 HOH 12  112 274 HOH HOH B . 
I 4 HOH 13  113 180 HOH HOH B . 
I 4 HOH 14  114 160 HOH HOH B . 
I 4 HOH 15  115 247 HOH HOH B . 
I 4 HOH 16  116 279 HOH HOH B . 
I 4 HOH 17  117 119 HOH HOH B . 
I 4 HOH 18  118 429 HOH HOH B . 
I 4 HOH 19  119 333 HOH HOH B . 
I 4 HOH 20  120 184 HOH HOH B . 
I 4 HOH 21  121 177 HOH HOH B . 
I 4 HOH 22  122 320 HOH HOH B . 
I 4 HOH 23  123 403 HOH HOH B . 
I 4 HOH 24  124 139 HOH HOH B . 
I 4 HOH 25  125 138 HOH HOH B . 
I 4 HOH 26  126 111 HOH HOH B . 
I 4 HOH 27  127 117 HOH HOH B . 
I 4 HOH 28  128 156 HOH HOH B . 
I 4 HOH 29  129 349 HOH HOH B . 
I 4 HOH 30  130 144 HOH HOH B . 
I 4 HOH 31  131 142 HOH HOH B . 
I 4 HOH 32  132 179 HOH HOH B . 
I 4 HOH 33  133 337 HOH HOH B . 
I 4 HOH 34  134 199 HOH HOH B . 
I 4 HOH 35  135 105 HOH HOH B . 
I 4 HOH 36  136 120 HOH HOH B . 
I 4 HOH 37  137 104 HOH HOH B . 
I 4 HOH 38  138 300 HOH HOH B . 
I 4 HOH 39  139 103 HOH HOH B . 
I 4 HOH 40  140 203 HOH HOH B . 
I 4 HOH 41  141 172 HOH HOH B . 
I 4 HOH 42  142 151 HOH HOH B . 
I 4 HOH 43  143 217 HOH HOH B . 
I 4 HOH 44  144 170 HOH HOH B . 
I 4 HOH 45  145 232 HOH HOH B . 
I 4 HOH 46  146 101 HOH HOH B . 
I 4 HOH 47  147 348 HOH HOH B . 
I 4 HOH 48  148 388 HOH HOH B . 
I 4 HOH 49  149 223 HOH HOH B . 
I 4 HOH 50  150 394 HOH HOH B . 
I 4 HOH 51  151 437 HOH HOH B . 
I 4 HOH 52  152 290 HOH HOH B . 
I 4 HOH 53  153 345 HOH HOH B . 
I 4 HOH 54  154 430 HOH HOH B . 
I 4 HOH 55  155 438 HOH HOH B . 
I 4 HOH 56  156 258 HOH HOH B . 
I 4 HOH 57  157 433 HOH HOH B . 
I 4 HOH 58  158 314 HOH HOH B . 
I 4 HOH 59  159 399 HOH HOH B . 
I 4 HOH 60  160 273 HOH HOH B . 
I 4 HOH 61  161 341 HOH HOH B . 
I 4 HOH 62  162 359 HOH HOH B . 
I 4 HOH 63  163 267 HOH HOH B . 
I 4 HOH 64  164 352 HOH HOH B . 
I 4 HOH 65  165 395 HOH HOH B . 
I 4 HOH 66  166 260 HOH HOH B . 
I 4 HOH 67  167 288 HOH HOH B . 
I 4 HOH 68  168 252 HOH HOH B . 
I 4 HOH 69  169 255 HOH HOH B . 
I 4 HOH 70  170 281 HOH HOH B . 
I 4 HOH 71  171 292 HOH HOH B . 
I 4 HOH 72  172 361 HOH HOH B . 
I 4 HOH 73  173 378 HOH HOH B . 
I 4 HOH 74  174 265 HOH HOH B . 
I 4 HOH 75  175 407 HOH HOH B . 
I 4 HOH 76  176 262 HOH HOH B . 
I 4 HOH 77  177 415 HOH HOH B . 
I 4 HOH 78  178 360 HOH HOH B . 
I 4 HOH 79  179 436 HOH HOH B . 
J 4 HOH 1   201 414 HOH HOH C . 
J 4 HOH 2   202 167 HOH HOH C . 
J 4 HOH 3   203 405 HOH HOH C . 
J 4 HOH 4   204 443 HOH HOH C . 
J 4 HOH 5   205 115 HOH HOH C . 
J 4 HOH 6   206 364 HOH HOH C . 
J 4 HOH 7   207 397 HOH HOH C . 
J 4 HOH 8   208 163 HOH HOH C . 
J 4 HOH 9   209 236 HOH HOH C . 
J 4 HOH 10  210 376 HOH HOH C . 
J 4 HOH 11  211 299 HOH HOH C . 
J 4 HOH 12  212 208 HOH HOH C . 
J 4 HOH 13  213 411 HOH HOH C . 
J 4 HOH 14  214 239 HOH HOH C . 
J 4 HOH 15  215 209 HOH HOH C . 
J 4 HOH 16  216 204 HOH HOH C . 
J 4 HOH 17  217 342 HOH HOH C . 
J 4 HOH 18  218 276 HOH HOH C . 
J 4 HOH 19  219 248 HOH HOH C . 
J 4 HOH 20  220 303 HOH HOH C . 
J 4 HOH 21  221 386 HOH HOH C . 
J 4 HOH 22  222 306 HOH HOH C . 
J 4 HOH 23  223 118 HOH HOH C . 
J 4 HOH 24  224 237 HOH HOH C . 
J 4 HOH 25  225 198 HOH HOH C . 
J 4 HOH 26  226 136 HOH HOH C . 
J 4 HOH 27  227 110 HOH HOH C . 
J 4 HOH 28  228 126 HOH HOH C . 
J 4 HOH 29  229 321 HOH HOH C . 
J 4 HOH 30  230 210 HOH HOH C . 
J 4 HOH 31  231 171 HOH HOH C . 
J 4 HOH 32  232 185 HOH HOH C . 
J 4 HOH 33  233 294 HOH HOH C . 
J 4 HOH 34  234 194 HOH HOH C . 
J 4 HOH 35  235 147 HOH HOH C . 
J 4 HOH 36  236 243 HOH HOH C . 
J 4 HOH 37  237 182 HOH HOH C . 
J 4 HOH 38  238 164 HOH HOH C . 
J 4 HOH 39  239 205 HOH HOH C . 
J 4 HOH 40  240 225 HOH HOH C . 
J 4 HOH 41  241 327 HOH HOH C . 
J 4 HOH 42  242 301 HOH HOH C . 
J 4 HOH 43  243 387 HOH HOH C . 
J 4 HOH 44  244 196 HOH HOH C . 
J 4 HOH 45  245 121 HOH HOH C . 
J 4 HOH 46  246 305 HOH HOH C . 
J 4 HOH 47  247 193 HOH HOH C . 
J 4 HOH 48  248 322 HOH HOH C . 
J 4 HOH 49  249 213 HOH HOH C . 
J 4 HOH 50  250 131 HOH HOH C . 
J 4 HOH 51  251 382 HOH HOH C . 
J 4 HOH 52  252 148 HOH HOH C . 
J 4 HOH 53  253 166 HOH HOH C . 
J 4 HOH 54  254 454 HOH HOH C . 
J 4 HOH 55  255 363 HOH HOH C . 
J 4 HOH 56  256 449 HOH HOH C . 
J 4 HOH 57  257 379 HOH HOH C . 
J 4 HOH 58  258 106 HOH HOH C . 
J 4 HOH 59  259 329 HOH HOH C . 
J 4 HOH 60  260 324 HOH HOH C . 
J 4 HOH 61  261 338 HOH HOH C . 
J 4 HOH 62  262 336 HOH HOH C . 
J 4 HOH 63  263 452 HOH HOH C . 
J 4 HOH 64  264 231 HOH HOH C . 
J 4 HOH 65  265 412 HOH HOH C . 
J 4 HOH 66  266 448 HOH HOH C . 
J 4 HOH 67  267 455 HOH HOH C . 
J 4 HOH 68  268 277 HOH HOH C . 
J 4 HOH 69  269 419 HOH HOH C . 
J 4 HOH 70  270 233 HOH HOH C . 
J 4 HOH 71  271 418 HOH HOH C . 
J 4 HOH 72  272 259 HOH HOH C . 
J 4 HOH 73  273 426 HOH HOH C . 
J 4 HOH 74  274 373 HOH HOH C . 
J 4 HOH 75  275 343 HOH HOH C . 
J 4 HOH 76  276 432 HOH HOH C . 
J 4 HOH 77  277 444 HOH HOH C . 
J 4 HOH 78  278 291 HOH HOH C . 
J 4 HOH 79  279 340 HOH HOH C . 
J 4 HOH 80  280 417 HOH HOH C . 
J 4 HOH 81  281 442 HOH HOH C . 
J 4 HOH 82  282 424 HOH HOH C . 
J 4 HOH 83  283 445 HOH HOH C . 
J 4 HOH 84  284 298 HOH HOH C . 
J 4 HOH 85  285 323 HOH HOH C . 
J 4 HOH 86  286 261 HOH HOH C . 
J 4 HOH 87  287 439 HOH HOH C . 
J 4 HOH 88  288 318 HOH HOH C . 
J 4 HOH 89  289 447 HOH HOH C . 
J 4 HOH 90  290 416 HOH HOH C . 
J 4 HOH 91  291 453 HOH HOH C . 
J 4 HOH 92  292 446 HOH HOH C . 
K 4 HOH 1   101 224 HOH HOH D . 
K 4 HOH 2   102 286 HOH HOH D . 
K 4 HOH 3   103 280 HOH HOH D . 
K 4 HOH 4   104 222 HOH HOH D . 
K 4 HOH 5   105 181 HOH HOH D . 
K 4 HOH 6   106 165 HOH HOH D . 
K 4 HOH 7   107 282 HOH HOH D . 
K 4 HOH 8   108 244 HOH HOH D . 
K 4 HOH 9   109 137 HOH HOH D . 
K 4 HOH 10  110 293 HOH HOH D . 
K 4 HOH 11  111 230 HOH HOH D . 
K 4 HOH 12  112 183 HOH HOH D . 
K 4 HOH 13  113 109 HOH HOH D . 
K 4 HOH 14  114 157 HOH HOH D . 
K 4 HOH 15  115 125 HOH HOH D . 
K 4 HOH 16  116 409 HOH HOH D . 
K 4 HOH 17  117 201 HOH HOH D . 
K 4 HOH 18  118 335 HOH HOH D . 
K 4 HOH 19  119 197 HOH HOH D . 
K 4 HOH 20  120 220 HOH HOH D . 
K 4 HOH 21  121 207 HOH HOH D . 
K 4 HOH 22  122 307 HOH HOH D . 
K 4 HOH 23  123 214 HOH HOH D . 
K 4 HOH 24  124 272 HOH HOH D . 
K 4 HOH 25  125 216 HOH HOH D . 
K 4 HOH 26  126 334 HOH HOH D . 
K 4 HOH 27  127 154 HOH HOH D . 
K 4 HOH 28  128 133 HOH HOH D . 
K 4 HOH 29  129 246 HOH HOH D . 
K 4 HOH 30  130 358 HOH HOH D . 
K 4 HOH 31  131 297 HOH HOH D . 
K 4 HOH 32  132 186 HOH HOH D . 
K 4 HOH 33  133 219 HOH HOH D . 
K 4 HOH 34  134 312 HOH HOH D . 
K 4 HOH 35  135 173 HOH HOH D . 
K 4 HOH 36  136 215 HOH HOH D . 
K 4 HOH 37  137 325 HOH HOH D . 
K 4 HOH 38  138 408 HOH HOH D . 
K 4 HOH 39  139 155 HOH HOH D . 
K 4 HOH 40  140 192 HOH HOH D . 
K 4 HOH 41  141 332 HOH HOH D . 
K 4 HOH 42  142 176 HOH HOH D . 
K 4 HOH 43  143 347 HOH HOH D . 
K 4 HOH 44  144 249 HOH HOH D . 
K 4 HOH 45  145 227 HOH HOH D . 
K 4 HOH 46  146 317 HOH HOH D . 
K 4 HOH 47  147 389 HOH HOH D . 
K 4 HOH 48  148 410 HOH HOH D . 
K 4 HOH 49  149 372 HOH HOH D . 
K 4 HOH 50  150 413 HOH HOH D . 
K 4 HOH 51  151 346 HOH HOH D . 
K 4 HOH 52  152 356 HOH HOH D . 
K 4 HOH 53  153 384 HOH HOH D . 
K 4 HOH 54  154 390 HOH HOH D . 
K 4 HOH 55  155 422 HOH HOH D . 
K 4 HOH 56  156 400 HOH HOH D . 
K 4 HOH 57  157 383 HOH HOH D . 
K 4 HOH 58  158 283 HOH HOH D . 
K 4 HOH 59  159 269 HOH HOH D . 
K 4 HOH 60  160 310 HOH HOH D . 
K 4 HOH 61  161 398 HOH HOH D . 
K 4 HOH 62  162 313 HOH HOH D . 
K 4 HOH 63  163 402 HOH HOH D . 
K 4 HOH 64  164 295 HOH HOH D . 
K 4 HOH 65  165 423 HOH HOH D . 
K 4 HOH 66  166 440 HOH HOH D . 
K 4 HOH 67  167 380 HOH HOH D . 
K 4 HOH 68  168 354 HOH HOH D . 
K 4 HOH 69  169 427 HOH HOH D . 
K 4 HOH 70  170 316 HOH HOH D . 
K 4 HOH 71  171 392 HOH HOH D . 
K 4 HOH 72  172 365 HOH HOH D . 
K 4 HOH 73  173 391 HOH HOH D . 
K 4 HOH 74  174 377 HOH HOH D . 
K 4 HOH 75  175 404 HOH HOH D . 
K 4 HOH 76  176 350 HOH HOH D . 
K 4 HOH 77  177 434 HOH HOH D . 
K 4 HOH 78  178 441 HOH HOH D . 
K 4 HOH 79  179 344 HOH HOH D . 
K 4 HOH 80  180 369 HOH HOH D . 
K 4 HOH 81  181 309 HOH HOH D . 
K 4 HOH 82  182 435 HOH HOH D . 
# 
loop_
_software.citation_id 
_software.classification 
_software.compiler_name 
_software.compiler_version 
_software.contact_author 
_software.contact_author_email 
_software.date 
_software.description 
_software.dependencies 
_software.hardware 
_software.language 
_software.location 
_software.mods 
_software.name 
_software.os 
_software.os_version 
_software.type 
_software.version 
_software.pdbx_ordinal 
? 'data reduction'  ? ? ? ? ? ? ? ? ? ? ? CrystalClear ? ? ? . 1 
? phasing           ? ? ? ? ? ? ? ? ? ? ? PHENIX       ? ? ? . 2 
? refinement        ? ? ? ? ? ? ? ? ? ? ? CNS          ? ? ? . 3 
? 'data extraction' ? ? ? ? ? ? ? ? ? ? ? PDB_EXTRACT  ? ? ? . 4 
? 'model building'  ? ? ? ? ? ? ? ? ? ? ? SOLVE        ? ? ? . 5 
? 'data scaling'    ? ? ? ? ? ? ? ? ? ? ? d*TREK       ? ? ? . 6 
? phasing           ? ? ? ? ? ? ? ? ? ? ? SOLVE        ? ? ? . 7 
# 
_cell.length_a           43.920 
_cell.length_b           58.960 
_cell.length_c           102.440 
_cell.angle_alpha        90.000 
_cell.angle_beta         90.000 
_cell.angle_gamma        90.000 
_cell.entry_id           4U6K 
_cell.Z_PDB              16 
_cell.pdbx_unique_axis   ? 
# 
_symmetry.entry_id                         4U6K 
_symmetry.cell_setting                     ? 
_symmetry.Int_Tables_number                20 
_symmetry.space_group_name_Hall            ? 
_symmetry.space_group_name_H-M             'C 2 2 21' 
_symmetry.pdbx_full_space_group_name_H-M   ? 
# 
_exptl.absorpt_coefficient_mu     ? 
_exptl.absorpt_correction_T_max   ? 
_exptl.absorpt_correction_T_min   ? 
_exptl.absorpt_correction_type    ? 
_exptl.absorpt_process_details    ? 
_exptl.entry_id                   4U6K 
_exptl.crystals_number            2 
_exptl.details                    ? 
_exptl.method                     'X-RAY DIFFRACTION' 
_exptl.method_details             ? 
# 
loop_
_exptl_crystal.colour 
_exptl_crystal.density_diffrn 
_exptl_crystal.density_Matthews 
_exptl_crystal.density_method 
_exptl_crystal.density_percent_sol 
_exptl_crystal.description 
_exptl_crystal.F_000 
_exptl_crystal.id 
_exptl_crystal.preparation 
_exptl_crystal.size_max 
_exptl_crystal.size_mid 
_exptl_crystal.size_min 
_exptl_crystal.size_rad 
_exptl_crystal.colour_lustre 
_exptl_crystal.colour_modifier 
_exptl_crystal.colour_primary 
_exptl_crystal.density_meas 
_exptl_crystal.density_meas_esd 
_exptl_crystal.density_meas_gt 
_exptl_crystal.density_meas_lt 
_exptl_crystal.density_meas_temp 
_exptl_crystal.density_meas_temp_esd 
_exptl_crystal.density_meas_temp_gt 
_exptl_crystal.density_meas_temp_lt 
_exptl_crystal.pdbx_crystal_image_url 
_exptl_crystal.pdbx_crystal_image_format 
_exptl_crystal.pdbx_mosaicity 
_exptl_crystal.pdbx_mosaicity_esd 
? ? 2.82 ? 61.06 ? ? 1 ? ? ? ? ? ? ? ? ? ? ? ? ? ? ? ? ? ? ? ? 
? ? ?    ? ?     ? ? 2 ? ? ? ? ? ? ? ? ? ? ? ? ? ? ? ? ? ? ? ? 
# 
_exptl_crystal_grow.apparatus       ? 
_exptl_crystal_grow.atmosphere      ? 
_exptl_crystal_grow.crystal_id      1 
_exptl_crystal_grow.details         ? 
_exptl_crystal_grow.method          'VAPOR DIFFUSION, HANGING DROP' 
_exptl_crystal_grow.method_ref      ? 
_exptl_crystal_grow.pH              7.0 
_exptl_crystal_grow.pressure        ? 
_exptl_crystal_grow.pressure_esd    ? 
_exptl_crystal_grow.seeding         ? 
_exptl_crystal_grow.seeding_ref     ? 
_exptl_crystal_grow.temp            293 
_exptl_crystal_grow.temp_details    ? 
_exptl_crystal_grow.temp_esd        ? 
_exptl_crystal_grow.time            ? 
_exptl_crystal_grow.pdbx_details    'Na Cacodylate, NaCl, Hexammine Cobalt, MPD' 
_exptl_crystal_grow.pdbx_pH_range   ? 
# 
loop_
_diffrn.ambient_environment 
_diffrn.ambient_temp 
_diffrn.ambient_temp_details 
_diffrn.ambient_temp_esd 
_diffrn.crystal_id 
_diffrn.crystal_support 
_diffrn.crystal_treatment 
_diffrn.details 
_diffrn.id 
_diffrn.ambient_pressure 
_diffrn.ambient_pressure_esd 
_diffrn.ambient_pressure_gt 
_diffrn.ambient_pressure_lt 
_diffrn.ambient_temp_gt 
_diffrn.ambient_temp_lt 
? 100 ? ? 1 ? ? ? 1 ? ? ? ? ? ? 
? 100 ? ? 2 ? ? ? 2 ? ? ? ? ? ? 
# 
loop_
_diffrn_detector.details 
_diffrn_detector.detector 
_diffrn_detector.diffrn_id 
_diffrn_detector.type 
_diffrn_detector.area_resol_mean 
_diffrn_detector.dtime 
_diffrn_detector.pdbx_frames_total 
_diffrn_detector.pdbx_collection_time_total 
_diffrn_detector.pdbx_collection_date 
? CCD 1 'ADSC QUANTUM 315r' ? ? ? ? 2013-05-25 
? CCD 2 'ADSC QUANTUM 315r' ? ? ? ? 2013-05-25 
# 
loop_
_diffrn_radiation.collimation 
_diffrn_radiation.diffrn_id 
_diffrn_radiation.filter_edge 
_diffrn_radiation.inhomogeneity 
_diffrn_radiation.monochromator 
_diffrn_radiation.polarisn_norm 
_diffrn_radiation.polarisn_ratio 
_diffrn_radiation.probe 
_diffrn_radiation.type 
_diffrn_radiation.xray_symbol 
_diffrn_radiation.wavelength_id 
_diffrn_radiation.pdbx_monochromatic_or_laue_m_l 
_diffrn_radiation.pdbx_wavelength_list 
_diffrn_radiation.pdbx_wavelength 
_diffrn_radiation.pdbx_diffrn_protocol 
_diffrn_radiation.pdbx_analyzer 
_diffrn_radiation.pdbx_scattering_type 
? 1 ? ? ? ? ? ? ? ? 1 M ? ? 'SINGLE WAVELENGTH' ? x-ray 
? 2 ? ? ? ? ? ? ? ? 2 M ? ? MAD                 ? x-ray 
# 
loop_
_diffrn_radiation_wavelength.id 
_diffrn_radiation_wavelength.wavelength 
_diffrn_radiation_wavelength.wt 
1 0.98    1.0 
2 1.60465 1.0 
3 1.60830 1.0 
# 
loop_
_diffrn_source.current 
_diffrn_source.details 
_diffrn_source.diffrn_id 
_diffrn_source.power 
_diffrn_source.size 
_diffrn_source.source 
_diffrn_source.target 
_diffrn_source.type 
_diffrn_source.voltage 
_diffrn_source.take-off_angle 
_diffrn_source.pdbx_wavelength_list 
_diffrn_source.pdbx_wavelength 
_diffrn_source.pdbx_synchrotron_beamline 
_diffrn_source.pdbx_synchrotron_site 
? ? 1 ? ? SYNCHROTRON ? 'PHOTON FACTORY BEAMLINE BL-17A' ? ? 0.98                     ? BL-17A 'Photon Factory' 
? ? 2 ? ? SYNCHROTRON ? 'PHOTON FACTORY BEAMLINE BL-17A' ? ? '1.60465, 1.60830, 0.98' ? BL-17A 'Photon Factory' 
# 
_reflns.B_iso_Wilson_estimate            ? 
_reflns.entry_id                         4U6K 
_reflns.data_reduction_details           ? 
_reflns.data_reduction_method            ? 
_reflns.d_resolution_high                1.500 
_reflns.d_resolution_low                 25.610 
_reflns.details                          ? 
_reflns.limit_h_max                      ? 
_reflns.limit_h_min                      ? 
_reflns.limit_k_max                      ? 
_reflns.limit_k_min                      ? 
_reflns.limit_l_max                      ? 
_reflns.limit_l_min                      ? 
_reflns.number_all                       ? 
_reflns.number_obs                       21282 
_reflns.observed_criterion               ? 
_reflns.observed_criterion_F_max         ? 
_reflns.observed_criterion_F_min         ? 
_reflns.observed_criterion_I_max         ? 
_reflns.observed_criterion_I_min         ? 
_reflns.observed_criterion_sigma_F       ? 
_reflns.observed_criterion_sigma_I       ? 
_reflns.percent_possible_obs             98.000 
_reflns.R_free_details                   ? 
_reflns.Rmerge_F_all                     ? 
_reflns.Rmerge_F_obs                     ? 
_reflns.Friedel_coverage                 ? 
_reflns.number_gt                        ? 
_reflns.threshold_expression             ? 
_reflns.pdbx_redundancy                  6.820 
_reflns.pdbx_Rmerge_I_obs                0.056 
_reflns.pdbx_Rmerge_I_all                ? 
_reflns.pdbx_Rsym_value                  ? 
_reflns.pdbx_netI_over_av_sigmaI         ? 
_reflns.pdbx_netI_over_sigmaI            17.100 
_reflns.pdbx_res_netI_over_av_sigmaI_2   ? 
_reflns.pdbx_res_netI_over_sigmaI_2      ? 
_reflns.pdbx_chi_squared                 0.990 
_reflns.pdbx_scaling_rejects             1099 
_reflns.pdbx_d_res_high_opt              ? 
_reflns.pdbx_d_res_low_opt               ? 
_reflns.pdbx_d_res_opt_method            ? 
_reflns.phase_calculation_details        ? 
_reflns.pdbx_Rrim_I_all                  ? 
_reflns.pdbx_Rpim_I_all                  ? 
_reflns.pdbx_d_opt                       ? 
_reflns.pdbx_number_measured_all         146347 
_reflns.pdbx_diffrn_id                   1 
_reflns.pdbx_ordinal                     1 
_reflns.pdbx_CC_half                     ? 
_reflns.pdbx_R_split                     ? 
# 
loop_
_reflns_shell.d_res_high 
_reflns_shell.d_res_low 
_reflns_shell.meanI_over_sigI_all 
_reflns_shell.meanI_over_sigI_obs 
_reflns_shell.number_measured_all 
_reflns_shell.number_measured_obs 
_reflns_shell.number_possible 
_reflns_shell.number_unique_all 
_reflns_shell.number_unique_obs 
_reflns_shell.percent_possible_all 
_reflns_shell.percent_possible_obs 
_reflns_shell.Rmerge_F_all 
_reflns_shell.Rmerge_F_obs 
_reflns_shell.Rmerge_I_all 
_reflns_shell.Rmerge_I_obs 
_reflns_shell.meanI_over_sigI_gt 
_reflns_shell.meanI_over_uI_all 
_reflns_shell.meanI_over_uI_gt 
_reflns_shell.number_measured_gt 
_reflns_shell.number_unique_gt 
_reflns_shell.percent_possible_gt 
_reflns_shell.Rmerge_F_gt 
_reflns_shell.Rmerge_I_gt 
_reflns_shell.pdbx_redundancy 
_reflns_shell.pdbx_Rsym_value 
_reflns_shell.pdbx_chi_squared 
_reflns_shell.pdbx_netI_over_sigmaI_all 
_reflns_shell.pdbx_netI_over_sigmaI_obs 
_reflns_shell.pdbx_Rrim_I_all 
_reflns_shell.pdbx_Rpim_I_all 
_reflns_shell.pdbx_rejects 
_reflns_shell.pdbx_ordinal 
_reflns_shell.pdbx_diffrn_id 
_reflns_shell.pdbx_CC_half 
_reflns_shell.pdbx_R_split 
1.500 1.550  ? 5.400  14758 ? ? 2110 ? 98.000 ? ? ? ? 0.280 ? ? ? ? ? ? ? ? 6.980 ? 1.090 ? ? ? ? 25  1  1 ? ? 
1.550 1.620  ? 6.300  14644 ? ? 2079 ? 98.200 ? ? ? ? 0.214 ? ? ? ? ? ? ? ? 7.030 ? 1.020 ? ? ? ? 37  2  1 ? ? 
1.620 1.690  ? 7.600  14788 ? ? 2118 ? 97.800 ? ? ? ? 0.160 ? ? ? ? ? ? ? ? 6.970 ? 0.940 ? ? ? ? 33  3  1 ? ? 
1.690 1.780  ? 8.700  14606 ? ? 2105 ? 98.800 ? ? ? ? 0.131 ? ? ? ? ? ? ? ? 6.920 ? 0.850 ? ? ? ? 41  4  1 ? ? 
1.780 1.890  ? 10.400 14570 ? ? 2113 ? 98.600 ? ? ? ? 0.113 ? ? ? ? ? ? ? ? 6.870 ? 0.830 ? ? ? ? 44  5  1 ? ? 
1.890 2.040  ? 12.100 14754 ? ? 2147 ? 98.600 ? ? ? ? 0.094 ? ? ? ? ? ? ? ? 6.830 ? 0.830 ? ? ? ? 81  6  1 ? ? 
2.040 2.240  ? 17.300 14617 ? ? 2126 ? 99.000 ? ? ? ? 0.070 ? ? ? ? ? ? ? ? 6.810 ? 0.920 ? ? ? ? 136 7  1 ? ? 
2.240 2.560  ? 22.700 14903 ? ? 2176 ? 99.400 ? ? ? ? 0.059 ? ? ? ? ? ? ? ? 6.770 ? 1.000 ? ? ? ? 177 8  1 ? ? 
2.560 3.230  ? 34.200 14959 ? ? 2178 ? 99.500 ? ? ? ? 0.042 ? ? ? ? ? ? ? ? 6.800 ? 1.070 ? ? ? ? 156 9  1 ? ? 
3.230 25.610 ? 49.200 13748 ? ? 2130 ? 92.400 ? ? ? ? 0.037 ? ? ? ? ? ? ? ? 6.280 ? 1.380 ? ? ? ? 369 10 1 ? ? 
# 
_refine.aniso_B[1][1]                            0.4410 
_refine.aniso_B[1][2]                            0.0000 
_refine.aniso_B[1][3]                            0.0000 
_refine.aniso_B[2][2]                            0.0040 
_refine.aniso_B[2][3]                            0.0000 
_refine.aniso_B[3][3]                            -0.4450 
_refine.B_iso_max                                82.040 
_refine.B_iso_mean                               22.3891 
_refine.B_iso_min                                8.480 
_refine.correlation_coeff_Fo_to_Fc               ? 
_refine.correlation_coeff_Fo_to_Fc_free          ? 
_refine.details                                  ? 
_refine.diff_density_max                         ? 
_refine.diff_density_max_esd                     ? 
_refine.diff_density_min                         ? 
_refine.diff_density_min_esd                     ? 
_refine.diff_density_rms                         ? 
_refine.diff_density_rms_esd                     ? 
_refine.entry_id                                 4U6K 
_refine.pdbx_refine_id                           'X-RAY DIFFRACTION' 
_refine.ls_abs_structure_details                 ? 
_refine.ls_abs_structure_Flack                   ? 
_refine.ls_abs_structure_Flack_esd               ? 
_refine.ls_abs_structure_Rogers                  ? 
_refine.ls_abs_structure_Rogers_esd              ? 
_refine.ls_d_res_high                            1.5000 
_refine.ls_d_res_low                             25.610 
_refine.ls_extinction_coef                       ? 
_refine.ls_extinction_coef_esd                   ? 
_refine.ls_extinction_expression                 ? 
_refine.ls_extinction_method                     ? 
_refine.ls_goodness_of_fit_all                   ? 
_refine.ls_goodness_of_fit_all_esd               ? 
_refine.ls_goodness_of_fit_obs                   ? 
_refine.ls_goodness_of_fit_obs_esd               ? 
_refine.ls_hydrogen_treatment                    ? 
_refine.ls_matrix_type                           ? 
_refine.ls_number_constraints                    ? 
_refine.ls_number_parameters                     ? 
_refine.ls_number_reflns_all                     ? 
_refine.ls_number_reflns_obs                     21282 
_refine.ls_number_reflns_R_free                  2111 
_refine.ls_number_reflns_R_work                  19171 
_refine.ls_number_restraints                     ? 
_refine.ls_percent_reflns_obs                    98.0000 
_refine.ls_percent_reflns_R_free                 9.7000 
_refine.ls_R_factor_all                          ? 
_refine.ls_R_factor_obs                          ? 
_refine.ls_R_factor_R_free                       0.2156 
_refine.ls_R_factor_R_free_error                 ? 
_refine.ls_R_factor_R_free_error_details         ? 
_refine.ls_R_factor_R_work                       0.1982 
_refine.ls_R_Fsqd_factor_obs                     ? 
_refine.ls_R_I_factor_obs                        ? 
_refine.ls_redundancy_reflns_all                 ? 
_refine.ls_redundancy_reflns_obs                 ? 
_refine.ls_restrained_S_all                      ? 
_refine.ls_restrained_S_obs                      ? 
_refine.ls_shift_over_esd_max                    ? 
_refine.ls_shift_over_esd_mean                   ? 
_refine.ls_structure_factor_coef                 ? 
_refine.ls_weighting_details                     ? 
_refine.ls_weighting_scheme                      ? 
_refine.ls_wR_factor_all                         ? 
_refine.ls_wR_factor_obs                         ? 
_refine.ls_wR_factor_R_free                      ? 
_refine.ls_wR_factor_R_work                      ? 
_refine.occupancy_max                            ? 
_refine.occupancy_min                            ? 
_refine.solvent_model_details                    ? 
_refine.solvent_model_param_bsol                 45.5582 
_refine.solvent_model_param_ksol                 ? 
_refine.ls_R_factor_gt                           ? 
_refine.ls_goodness_of_fit_gt                    ? 
_refine.ls_goodness_of_fit_ref                   ? 
_refine.ls_shift_over_su_max                     ? 
_refine.ls_shift_over_su_max_lt                  ? 
_refine.ls_shift_over_su_mean                    ? 
_refine.ls_shift_over_su_mean_lt                 ? 
_refine.pdbx_ls_sigma_I                          ? 
_refine.pdbx_ls_sigma_F                          0.000 
_refine.pdbx_ls_sigma_Fsqd                       ? 
_refine.pdbx_data_cutoff_high_absF               ? 
_refine.pdbx_data_cutoff_high_rms_absF           ? 
_refine.pdbx_data_cutoff_low_absF                ? 
_refine.pdbx_isotropic_thermal_model             ? 
_refine.pdbx_ls_cross_valid_method               'FREE R-VALUE' 
_refine.pdbx_method_to_determine_struct          MAD 
_refine.pdbx_starting_model                      ? 
_refine.pdbx_stereochemistry_target_values       ? 
_refine.pdbx_R_Free_selection_details            ? 
_refine.pdbx_stereochem_target_val_spec_case     ? 
_refine.pdbx_overall_ESU_R                       ? 
_refine.pdbx_overall_ESU_R_Free                  ? 
_refine.pdbx_solvent_vdw_probe_radii             ? 
_refine.pdbx_solvent_ion_probe_radii             ? 
_refine.pdbx_solvent_shrinkage_radii             ? 
_refine.pdbx_real_space_R                        ? 
_refine.pdbx_density_correlation                 ? 
_refine.pdbx_pd_number_of_powder_patterns        ? 
_refine.pdbx_pd_number_of_points                 ? 
_refine.pdbx_pd_meas_number_of_points            ? 
_refine.pdbx_pd_proc_ls_prof_R_factor            ? 
_refine.pdbx_pd_proc_ls_prof_wR_factor           ? 
_refine.pdbx_pd_Marquardt_correlation_coeff      ? 
_refine.pdbx_pd_Fsqrd_R_factor                   ? 
_refine.pdbx_pd_ls_matrix_band_width             ? 
_refine.pdbx_overall_phase_error                 ? 
_refine.pdbx_overall_SU_R_free_Cruickshank_DPI   ? 
_refine.pdbx_overall_SU_R_free_Blow_DPI          ? 
_refine.pdbx_overall_SU_R_Blow_DPI               ? 
_refine.pdbx_TLS_residual_ADP_flag               ? 
_refine.pdbx_diffrn_id                           1 
_refine.overall_SU_B                             ? 
_refine.overall_SU_ML                            ? 
_refine.overall_SU_R_Cruickshank_DPI             ? 
_refine.overall_SU_R_free                        ? 
_refine.overall_FOM_free_R_set                   ? 
_refine.overall_FOM_work_R_set                   0.8754 
# 
_refine_hist.cycle_id                         final 
_refine_hist.pdbx_refine_id                   'X-RAY DIFFRACTION' 
_refine_hist.d_res_high                       1.5000 
_refine_hist.d_res_low                        25.610 
_refine_hist.pdbx_number_atoms_ligand         117 
_refine_hist.number_atoms_solvent             355 
_refine_hist.number_atoms_total               1252 
_refine_hist.pdbx_number_residues_total       32 
_refine_hist.pdbx_B_iso_mean_ligand           18.05 
_refine_hist.pdbx_B_iso_mean_solvent          35.17 
_refine_hist.pdbx_number_atoms_protein        0 
_refine_hist.pdbx_number_atoms_nucleic_acid   780 
# 
loop_
_refine_ls_restr.pdbx_refine_id 
_refine_ls_restr.criterion 
_refine_ls_restr.dev_ideal 
_refine_ls_restr.dev_ideal_target 
_refine_ls_restr.number 
_refine_ls_restr.rejects 
_refine_ls_restr.type 
_refine_ls_restr.weight 
_refine_ls_restr.pdbx_restraint_function 
'X-RAY DIFFRACTION' ? 0.019 ?     ? ? c_bond_d     ? ? 
'X-RAY DIFFRACTION' ? 2.013 ?     ? ? c_angle_d    ? ? 
'X-RAY DIFFRACTION' ? 0.000 1.500 ? ? c_mcbond_it  ? ? 
'X-RAY DIFFRACTION' ? 1.153 2.000 ? ? c_scbond_it  ? ? 
'X-RAY DIFFRACTION' ? 0.000 2.000 ? ? c_mcangle_it ? ? 
'X-RAY DIFFRACTION' ? 1.516 2.500 ? ? c_scangle_it ? ? 
# 
loop_
_refine_ls_shell.pdbx_refine_id 
_refine_ls_shell.d_res_high 
_refine_ls_shell.d_res_low 
_refine_ls_shell.number_reflns_all 
_refine_ls_shell.number_reflns_obs 
_refine_ls_shell.number_reflns_R_free 
_refine_ls_shell.number_reflns_R_work 
_refine_ls_shell.percent_reflns_obs 
_refine_ls_shell.percent_reflns_R_free 
_refine_ls_shell.R_factor_all 
_refine_ls_shell.R_factor_obs 
_refine_ls_shell.R_factor_R_free 
_refine_ls_shell.R_factor_R_free_error 
_refine_ls_shell.R_factor_R_work 
_refine_ls_shell.redundancy_reflns_all 
_refine_ls_shell.redundancy_reflns_obs 
_refine_ls_shell.wR_factor_all 
_refine_ls_shell.wR_factor_obs 
_refine_ls_shell.wR_factor_R_free 
_refine_ls_shell.wR_factor_R_work 
_refine_ls_shell.pdbx_total_number_of_bins_used 
_refine_ls_shell.pdbx_phase_error 
'X-RAY DIFFRACTION' 1.5000 1.5500 . . 214 1895 98.0000 . . . 0.2649 . 0.2584 . . . . . . . . 
'X-RAY DIFFRACTION' 1.5500 1.6200 . . 197 1880 98.2000 . . . 0.3315 . 0.2462 . . . . . . . . 
'X-RAY DIFFRACTION' 1.6200 1.6900 . . 212 1910 97.8000 . . . 0.2073 . 0.2039 . . . . . . . . 
'X-RAY DIFFRACTION' 1.6900 1.7800 . . 194 1909 98.8000 . . . 0.2378 . 0.2043 . . . . . . . . 
'X-RAY DIFFRACTION' 1.7800 1.8900 . . 202 1912 98.6000 . . . 0.2283 . 0.2059 . . . . . . . . 
'X-RAY DIFFRACTION' 1.8900 2.0400 . . 227 1923 98.6000 . . . 0.2296 . 0.2085 . . . . . . . . 
'X-RAY DIFFRACTION' 2.0400 2.2400 . . 207 1920 99.0000 . . . 0.2112 . 0.1997 . . . . . . . . 
'X-RAY DIFFRACTION' 2.2400 2.5600 . . 223 1951 99.4000 . . . 0.2232 . 0.1966 . . . . . . . . 
'X-RAY DIFFRACTION' 2.5600 3.2300 . . 211 1967 99.5000 . . . 0.2075 . 0.2003 . . . . . . . . 
'X-RAY DIFFRACTION' 3.2300 25.610 . . 224 1904 92.1000 . . . 0.1916 . 0.1766 . . . . . . . . 
# 
loop_
_pdbx_xplor_file.pdbx_refine_id 
_pdbx_xplor_file.serial_no 
_pdbx_xplor_file.param_file 
_pdbx_xplor_file.topol_file 
'X-RAY DIFFRACTION' 1 dna-rna_201312.param       ? 
'X-RAY DIFFRACTION' 2 CNS_TOPPAR:water_rep.param ? 
'X-RAY DIFFRACTION' 3 CNS_TOPPAR:ion.param       ? 
'X-RAY DIFFRACTION' 4 nco_xplor.param            ? 
# 
_struct.entry_id                     4U6K 
_struct.title                        
;Crystal structure of DNA/RNA duplex containing 2'-4'-BNA-NC
;
_struct.pdbx_model_details           ? 
_struct.pdbx_formula_weight          ? 
_struct.pdbx_formula_weight_method   ? 
_struct.pdbx_model_type_details      ? 
_struct.pdbx_CASP_flag               ? 
# 
_struct_keywords.entry_id        4U6K 
_struct_keywords.text            'DNA/RNA duplex, antisense, Bridged Nucleic Acid, DNA-RNA complex' 
_struct_keywords.pdbx_keywords   DNA/RNA 
# 
loop_
_struct_asym.id 
_struct_asym.pdbx_blank_PDB_chainid_flag 
_struct_asym.pdbx_modified 
_struct_asym.entity_id 
_struct_asym.details 
A N N 1 ? 
B N N 2 ? 
C N N 1 ? 
D N N 2 ? 
E N N 3 ? 
F N N 3 ? 
G N N 3 ? 
H N N 4 ? 
I N N 4 ? 
J N N 4 ? 
K N N 4 ? 
# 
loop_
_struct_ref.id 
_struct_ref.db_name 
_struct_ref.db_code 
_struct_ref.pdbx_db_accession 
_struct_ref.pdbx_db_isoform 
_struct_ref.entity_id 
_struct_ref.pdbx_seq_one_letter_code 
_struct_ref.pdbx_align_begin 
1 PDB 4U6K 4U6K ? 1 ? 1 
2 PDB 4U6K 4U6K ? 2 ? 1 
# 
loop_
_struct_ref_seq.align_id 
_struct_ref_seq.ref_id 
_struct_ref_seq.pdbx_PDB_id_code 
_struct_ref_seq.pdbx_strand_id 
_struct_ref_seq.seq_align_beg 
_struct_ref_seq.pdbx_seq_align_beg_ins_code 
_struct_ref_seq.seq_align_end 
_struct_ref_seq.pdbx_seq_align_end_ins_code 
_struct_ref_seq.pdbx_db_accession 
_struct_ref_seq.db_align_beg 
_struct_ref_seq.pdbx_db_align_beg_ins_code 
_struct_ref_seq.db_align_end 
_struct_ref_seq.pdbx_db_align_end_ins_code 
_struct_ref_seq.pdbx_auth_seq_align_beg 
_struct_ref_seq.pdbx_auth_seq_align_end 
1 1 4U6K A 1 ? 9 ? 4U6K 1 ? 9 ? 1 9 
2 2 4U6K B 1 ? 9 ? 4U6K 1 ? 9 ? 1 9 
3 1 4U6K C 1 ? 9 ? 4U6K 1 ? 9 ? 1 9 
4 2 4U6K D 1 ? 9 ? 4U6K 1 ? 9 ? 1 9 
# 
loop_
_pdbx_struct_assembly.id 
_pdbx_struct_assembly.details 
_pdbx_struct_assembly.method_details 
_pdbx_struct_assembly.oligomeric_details 
_pdbx_struct_assembly.oligomeric_count 
1 author_and_software_defined_assembly PISA dimeric 2 
2 author_and_software_defined_assembly PISA dimeric 2 
# 
loop_
_pdbx_struct_assembly_prop.biol_id 
_pdbx_struct_assembly_prop.type 
_pdbx_struct_assembly_prop.value 
_pdbx_struct_assembly_prop.details 
1 'ABSA (A^2)' 1120 ? 
1 MORE         -2   ? 
1 'SSA (A^2)'  3680 ? 
2 'ABSA (A^2)' 1350 ? 
2 MORE         -4   ? 
2 'SSA (A^2)'  3710 ? 
# 
loop_
_pdbx_struct_assembly_gen.assembly_id 
_pdbx_struct_assembly_gen.oper_expression 
_pdbx_struct_assembly_gen.asym_id_list 
1 1 A,B,E,F,H,I 
2 1 C,D,G,J,K   
# 
_pdbx_struct_oper_list.id                   1 
_pdbx_struct_oper_list.type                 'identity operation' 
_pdbx_struct_oper_list.name                 1_555 
_pdbx_struct_oper_list.symmetry_operation   x,y,z 
_pdbx_struct_oper_list.matrix[1][1]         1.0000000000 
_pdbx_struct_oper_list.matrix[1][2]         0.0000000000 
_pdbx_struct_oper_list.matrix[1][3]         0.0000000000 
_pdbx_struct_oper_list.vector[1]            0.0000000000 
_pdbx_struct_oper_list.matrix[2][1]         0.0000000000 
_pdbx_struct_oper_list.matrix[2][2]         1.0000000000 
_pdbx_struct_oper_list.matrix[2][3]         0.0000000000 
_pdbx_struct_oper_list.vector[2]            0.0000000000 
_pdbx_struct_oper_list.matrix[3][1]         0.0000000000 
_pdbx_struct_oper_list.matrix[3][2]         0.0000000000 
_pdbx_struct_oper_list.matrix[3][3]         1.0000000000 
_pdbx_struct_oper_list.vector[3]            0.0000000000 
# 
loop_
_struct_conn.id 
_struct_conn.conn_type_id 
_struct_conn.pdbx_leaving_atom_flag 
_struct_conn.pdbx_PDB_id 
_struct_conn.ptnr1_label_asym_id 
_struct_conn.ptnr1_label_comp_id 
_struct_conn.ptnr1_label_seq_id 
_struct_conn.ptnr1_label_atom_id 
_struct_conn.pdbx_ptnr1_label_alt_id 
_struct_conn.pdbx_ptnr1_PDB_ins_code 
_struct_conn.pdbx_ptnr1_standard_comp_id 
_struct_conn.ptnr1_symmetry 
_struct_conn.ptnr2_label_asym_id 
_struct_conn.ptnr2_label_comp_id 
_struct_conn.ptnr2_label_seq_id 
_struct_conn.ptnr2_label_atom_id 
_struct_conn.pdbx_ptnr2_label_alt_id 
_struct_conn.pdbx_ptnr2_PDB_ins_code 
_struct_conn.ptnr1_auth_asym_id 
_struct_conn.ptnr1_auth_comp_id 
_struct_conn.ptnr1_auth_seq_id 
_struct_conn.ptnr2_auth_asym_id 
_struct_conn.ptnr2_auth_comp_id 
_struct_conn.ptnr2_auth_seq_id 
_struct_conn.ptnr2_symmetry 
_struct_conn.pdbx_ptnr3_label_atom_id 
_struct_conn.pdbx_ptnr3_label_seq_id 
_struct_conn.pdbx_ptnr3_label_comp_id 
_struct_conn.pdbx_ptnr3_label_asym_id 
_struct_conn.pdbx_ptnr3_label_alt_id 
_struct_conn.pdbx_ptnr3_PDB_ins_code 
_struct_conn.details 
_struct_conn.pdbx_dist_value 
_struct_conn.pdbx_value_order 
_struct_conn.pdbx_role 
covale1  covale both ? B NCU 1 "O3'" ? ? ? 1_555 B NTT 2 P  ? ? B NCU 1 B NTT 2 1_555 ? ? ? ? ? ? ?            1.548 ? ? 
covale2  covale both ? B NTT 2 "O3'" ? ? ? 1_555 B DC  3 P  ? ? B NTT 2 B DC  3 1_555 ? ? ? ? ? ? ?            1.616 ? ? 
covale3  covale both ? B DT  7 "O3'" ? ? ? 1_555 B NTT 8 P  ? ? B DT  7 B NTT 8 1_555 ? ? ? ? ? ? ?            1.603 ? ? 
covale4  covale both ? B NTT 8 "O3'" ? ? ? 1_555 B NCU 9 P  ? ? B NTT 8 B NCU 9 1_555 ? ? ? ? ? ? ?            1.607 ? ? 
covale5  covale both ? D NCU 1 "O3'" ? ? ? 1_555 D NTT 2 P  ? ? D NCU 1 D NTT 2 1_555 ? ? ? ? ? ? ?            1.550 ? ? 
covale6  covale both ? D NTT 2 "O3'" ? ? ? 1_555 D DC  3 P  ? ? D NTT 2 D DC  3 1_555 ? ? ? ? ? ? ?            1.604 ? ? 
covale7  covale both ? D DT  7 "O3'" ? ? ? 1_555 D NTT 8 P  ? ? D DT  7 D NTT 8 1_555 ? ? ? ? ? ? ?            1.610 ? ? 
covale8  covale both ? D NTT 8 "O3'" ? ? ? 1_555 D NCU 9 P  ? ? D NTT 8 D NCU 9 1_555 ? ? ? ? ? ? ?            1.606 ? ? 
hydrog1  hydrog ?    ? A G   1 N1    ? ? ? 1_555 B NCU 9 N3 ? ? A G   1 B NCU 9 1_555 ? ? ? ? ? ? WATSON-CRICK ?     ? ? 
hydrog2  hydrog ?    ? A G   1 N2    ? ? ? 1_555 B NCU 9 O2 ? ? A G   1 B NCU 9 1_555 ? ? ? ? ? ? WATSON-CRICK ?     ? ? 
hydrog3  hydrog ?    ? A G   1 O6    ? ? ? 1_555 B NCU 9 N4 ? ? A G   1 B NCU 9 1_555 ? ? ? ? ? ? WATSON-CRICK ?     ? ? 
hydrog4  hydrog ?    ? A A   2 N1    ? ? ? 1_555 B NTT 8 N3 ? ? A A   2 B NTT 8 1_555 ? ? ? ? ? ? WATSON-CRICK ?     ? ? 
hydrog5  hydrog ?    ? A A   2 N6    ? ? ? 1_555 B NTT 8 O4 ? ? A A   2 B NTT 8 1_555 ? ? ? ? ? ? WATSON-CRICK ?     ? ? 
hydrog6  hydrog ?    ? A A   3 N1    ? ? ? 1_555 B DT  7 N3 ? ? A A   3 B DT  7 1_555 ? ? ? ? ? ? WATSON-CRICK ?     ? ? 
hydrog7  hydrog ?    ? A A   3 N6    ? ? ? 1_555 B DT  7 O4 ? ? A A   3 B DT  7 1_555 ? ? ? ? ? ? WATSON-CRICK ?     ? ? 
hydrog8  hydrog ?    ? A G   4 N1    ? ? ? 1_555 B DC  6 N3 ? ? A G   4 B DC  6 1_555 ? ? ? ? ? ? WATSON-CRICK ?     ? ? 
hydrog9  hydrog ?    ? A G   4 N2    ? ? ? 1_555 B DC  6 O2 ? ? A G   4 B DC  6 1_555 ? ? ? ? ? ? WATSON-CRICK ?     ? ? 
hydrog10 hydrog ?    ? A G   4 O6    ? ? ? 1_555 B DC  6 N4 ? ? A G   4 B DC  6 1_555 ? ? ? ? ? ? WATSON-CRICK ?     ? ? 
hydrog11 hydrog ?    ? A A   5 N1    ? ? ? 1_555 B DT  5 N3 ? ? A A   5 B DT  5 1_555 ? ? ? ? ? ? WATSON-CRICK ?     ? ? 
hydrog12 hydrog ?    ? A A   5 N6    ? ? ? 1_555 B DT  5 O4 ? ? A A   5 B DT  5 1_555 ? ? ? ? ? ? WATSON-CRICK ?     ? ? 
hydrog13 hydrog ?    ? A A   6 N1    ? ? ? 1_555 B DT  4 N3 ? ? A A   6 B DT  4 1_555 ? ? ? ? ? ? WATSON-CRICK ?     ? ? 
hydrog14 hydrog ?    ? A A   6 N6    ? ? ? 1_555 B DT  4 O4 ? ? A A   6 B DT  4 1_555 ? ? ? ? ? ? WATSON-CRICK ?     ? ? 
hydrog15 hydrog ?    ? A G   7 N1    ? ? ? 1_555 B DC  3 N3 ? ? A G   7 B DC  3 1_555 ? ? ? ? ? ? WATSON-CRICK ?     ? ? 
hydrog16 hydrog ?    ? A G   7 N2    ? ? ? 1_555 B DC  3 O2 ? ? A G   7 B DC  3 1_555 ? ? ? ? ? ? WATSON-CRICK ?     ? ? 
hydrog17 hydrog ?    ? A G   7 O6    ? ? ? 1_555 B DC  3 N4 ? ? A G   7 B DC  3 1_555 ? ? ? ? ? ? WATSON-CRICK ?     ? ? 
hydrog18 hydrog ?    ? A A   8 N1    ? ? ? 1_555 B NTT 2 N3 ? ? A A   8 B NTT 2 1_555 ? ? ? ? ? ? WATSON-CRICK ?     ? ? 
hydrog19 hydrog ?    ? A A   8 N6    ? ? ? 1_555 B NTT 2 O4 ? ? A A   8 B NTT 2 1_555 ? ? ? ? ? ? WATSON-CRICK ?     ? ? 
hydrog20 hydrog ?    ? A G   9 N1    ? ? ? 1_555 B NCU 1 N3 ? ? A G   9 B NCU 1 1_555 ? ? ? ? ? ? WATSON-CRICK ?     ? ? 
hydrog21 hydrog ?    ? A G   9 N2    ? ? ? 1_555 B NCU 1 O2 ? ? A G   9 B NCU 1 1_555 ? ? ? ? ? ? WATSON-CRICK ?     ? ? 
hydrog22 hydrog ?    ? A G   9 O6    ? ? ? 1_555 B NCU 1 N4 ? ? A G   9 B NCU 1 1_555 ? ? ? ? ? ? WATSON-CRICK ?     ? ? 
hydrog23 hydrog ?    ? C G   1 N1    ? ? ? 1_555 D NCU 9 N3 ? ? C G   1 D NCU 9 1_555 ? ? ? ? ? ? WATSON-CRICK ?     ? ? 
hydrog24 hydrog ?    ? C G   1 N2    ? ? ? 1_555 D NCU 9 O2 ? ? C G   1 D NCU 9 1_555 ? ? ? ? ? ? WATSON-CRICK ?     ? ? 
hydrog25 hydrog ?    ? C G   1 O6    ? ? ? 1_555 D NCU 9 N4 ? ? C G   1 D NCU 9 1_555 ? ? ? ? ? ? WATSON-CRICK ?     ? ? 
hydrog26 hydrog ?    ? C A   2 N1    ? ? ? 1_555 D NTT 8 N3 ? ? C A   2 D NTT 8 1_555 ? ? ? ? ? ? WATSON-CRICK ?     ? ? 
hydrog27 hydrog ?    ? C A   2 N6    ? ? ? 1_555 D NTT 8 O4 ? ? C A   2 D NTT 8 1_555 ? ? ? ? ? ? WATSON-CRICK ?     ? ? 
hydrog28 hydrog ?    ? C A   3 N1    ? ? ? 1_555 D DT  7 N3 ? ? C A   3 D DT  7 1_555 ? ? ? ? ? ? WATSON-CRICK ?     ? ? 
hydrog29 hydrog ?    ? C A   3 N6    ? ? ? 1_555 D DT  7 O4 ? ? C A   3 D DT  7 1_555 ? ? ? ? ? ? WATSON-CRICK ?     ? ? 
hydrog30 hydrog ?    ? C G   4 N1    ? ? ? 1_555 D DC  6 N3 ? ? C G   4 D DC  6 1_555 ? ? ? ? ? ? WATSON-CRICK ?     ? ? 
hydrog31 hydrog ?    ? C G   4 N2    ? ? ? 1_555 D DC  6 O2 ? ? C G   4 D DC  6 1_555 ? ? ? ? ? ? WATSON-CRICK ?     ? ? 
hydrog32 hydrog ?    ? C G   4 O6    ? ? ? 1_555 D DC  6 N4 ? ? C G   4 D DC  6 1_555 ? ? ? ? ? ? WATSON-CRICK ?     ? ? 
hydrog33 hydrog ?    ? C A   5 N1    ? ? ? 1_555 D DT  5 N3 ? ? C A   5 D DT  5 1_555 ? ? ? ? ? ? WATSON-CRICK ?     ? ? 
hydrog34 hydrog ?    ? C A   5 N6    ? ? ? 1_555 D DT  5 O4 ? ? C A   5 D DT  5 1_555 ? ? ? ? ? ? WATSON-CRICK ?     ? ? 
hydrog35 hydrog ?    ? C A   6 N1    ? ? ? 1_555 D DT  4 N3 ? ? C A   6 D DT  4 1_555 ? ? ? ? ? ? WATSON-CRICK ?     ? ? 
hydrog36 hydrog ?    ? C A   6 N6    ? ? ? 1_555 D DT  4 O4 ? ? C A   6 D DT  4 1_555 ? ? ? ? ? ? WATSON-CRICK ?     ? ? 
hydrog37 hydrog ?    ? C G   7 N1    ? ? ? 1_555 D DC  3 N3 ? ? C G   7 D DC  3 1_555 ? ? ? ? ? ? WATSON-CRICK ?     ? ? 
hydrog38 hydrog ?    ? C G   7 N2    ? ? ? 1_555 D DC  3 O2 ? ? C G   7 D DC  3 1_555 ? ? ? ? ? ? WATSON-CRICK ?     ? ? 
hydrog39 hydrog ?    ? C G   7 O6    ? ? ? 1_555 D DC  3 N4 ? ? C G   7 D DC  3 1_555 ? ? ? ? ? ? WATSON-CRICK ?     ? ? 
hydrog40 hydrog ?    ? C A   8 N1    ? ? ? 1_555 D NTT 2 N3 ? ? C A   8 D NTT 2 1_555 ? ? ? ? ? ? WATSON-CRICK ?     ? ? 
hydrog41 hydrog ?    ? C A   8 N6    ? ? ? 1_555 D NTT 2 O4 ? ? C A   8 D NTT 2 1_555 ? ? ? ? ? ? WATSON-CRICK ?     ? ? 
hydrog42 hydrog ?    ? C G   9 N1    ? ? ? 1_555 D NCU 1 N3 ? ? C G   9 D NCU 1 1_555 ? ? ? ? ? ? WATSON-CRICK ?     ? ? 
hydrog43 hydrog ?    ? C G   9 N2    ? ? ? 1_555 D NCU 1 O2 ? ? C G   9 D NCU 1 1_555 ? ? ? ? ? ? WATSON-CRICK ?     ? ? 
hydrog44 hydrog ?    ? C G   9 O6    ? ? ? 1_555 D NCU 1 N4 ? ? C G   9 D NCU 1 1_555 ? ? ? ? ? ? WATSON-CRICK ?     ? ? 
# 
loop_
_struct_conn_type.id 
_struct_conn_type.criteria 
_struct_conn_type.reference 
covale ? ? 
hydrog ? ? 
# 
loop_
_struct_site.id 
_struct_site.pdbx_evidence_code 
_struct_site.pdbx_auth_asym_id 
_struct_site.pdbx_auth_comp_id 
_struct_site.pdbx_auth_seq_id 
_struct_site.pdbx_auth_ins_code 
_struct_site.pdbx_num_residues 
_struct_site.details 
AC1 Software A NCO 101 ? 6  'binding site for residue NCO A 101'                
AC2 Software A NCO 102 ? 8  'binding site for residue NCO A 102'                
AC3 Software C NCO 101 ? 7  'binding site for residue NCO C 101'                
AC4 Software B NCU 1   ? 18 'binding site for residues NCU B 1 and NTT B 2'     
AC5 Software B NTT 8   ? 23 'binding site for residues NTT B 8 and NCU B 9'     
AC6 Software D NCU 1   ? 14 'binding site for residues NCU D 1 and NTT D 2'     
AC7 Software D NTT 2   ? 15 'binding site for Di-nucleotide NTT D 2 and DC D 3' 
AC8 Software D DT  7   ? 12 'binding site for Di-nucleotide DT D 7 and NTT D 8' 
AC9 Software D NTT 8   ? 19 'binding site for residues NTT D 8 and NCU D 9'     
# 
loop_
_struct_site_gen.id 
_struct_site_gen.site_id 
_struct_site_gen.pdbx_num_res 
_struct_site_gen.label_comp_id 
_struct_site_gen.label_asym_id 
_struct_site_gen.label_seq_id 
_struct_site_gen.pdbx_auth_ins_code 
_struct_site_gen.auth_comp_id 
_struct_site_gen.auth_asym_id 
_struct_site_gen.auth_seq_id 
_struct_site_gen.label_atom_id 
_struct_site_gen.label_alt_id 
_struct_site_gen.symmetry 
_struct_site_gen.details 
1   AC1 6  A   A 3 ? A   A 3   . ? 1_555 ? 
2   AC1 6  G   A 4 ? G   A 4   . ? 1_555 ? 
3   AC1 6  HOH H . ? HOH A 233 . ? 1_555 ? 
4   AC1 6  HOH H . ? HOH A 261 . ? 1_555 ? 
5   AC1 6  HOH H . ? HOH A 262 . ? 1_555 ? 
6   AC1 6  HOH H . ? HOH A 264 . ? 1_555 ? 
7   AC2 8  A   A 8 ? A   A 8   . ? 1_555 ? 
8   AC2 8  G   A 9 ? G   A 9   . ? 1_555 ? 
9   AC2 8  HOH H . ? HOH A 209 . ? 1_555 ? 
10  AC2 8  NCU B 1 ? NCU B 1   . ? 1_555 ? 
11  AC2 8  A   C 8 ? A   C 8   . ? 1_555 ? 
12  AC2 8  G   C 9 ? G   C 9   . ? 1_555 ? 
13  AC2 8  HOH J . ? HOH C 205 . ? 1_555 ? 
14  AC2 8  HOH J . ? HOH C 228 . ? 1_555 ? 
15  AC3 7  A   C 3 ? A   C 3   . ? 1_555 ? 
16  AC3 7  G   C 4 ? G   C 4   . ? 1_555 ? 
17  AC3 7  HOH J . ? HOH C 226 . ? 1_555 ? 
18  AC3 7  HOH J . ? HOH C 231 . ? 1_555 ? 
19  AC3 7  HOH J . ? HOH C 249 . ? 1_555 ? 
20  AC3 7  HOH J . ? HOH C 253 . ? 1_555 ? 
21  AC3 7  HOH J . ? HOH C 254 . ? 1_555 ? 
22  AC4 18 A   A 2 ? A   A 2   . ? 8_456 ? 
23  AC4 18 A   A 8 ? A   A 8   . ? 1_555 ? 
24  AC4 18 G   A 9 ? G   A 9   . ? 1_555 ? 
25  AC4 18 NCO F . ? NCO A 102 . ? 1_555 ? 
26  AC4 18 DC  B 3 ? DC  B 3   . ? 1_555 ? 
27  AC4 18 NTT B 8 ? NTT B 8   . ? 8_456 ? 
28  AC4 18 NCU B 9 ? NCU B 9   . ? 8_456 ? 
29  AC4 18 HOH I . ? HOH B 109 . ? 1_555 ? 
30  AC4 18 HOH I . ? HOH B 113 . ? 1_555 ? 
31  AC4 18 HOH I . ? HOH B 115 . ? 1_555 ? 
32  AC4 18 HOH I . ? HOH B 116 . ? 1_555 ? 
33  AC4 18 HOH I . ? HOH B 121 . ? 1_555 ? 
34  AC4 18 HOH I . ? HOH B 136 . ? 1_555 ? 
35  AC4 18 HOH I . ? HOH B 140 . ? 1_555 ? 
36  AC4 18 HOH I . ? HOH B 146 . ? 1_555 ? 
37  AC4 18 G   C 9 ? G   C 9   . ? 1_555 ? 
38  AC4 18 NCU D 1 ? NCU D 1   . ? 1_555 ? 
39  AC4 18 HOH K . ? HOH D 128 . ? 1_555 ? 
40  AC5 23 G   A 1 ? G   A 1   . ? 1_555 ? 
41  AC5 23 A   A 2 ? A   A 2   . ? 1_555 ? 
42  AC5 23 A   A 3 ? A   A 3   . ? 1_555 ? 
43  AC5 23 G   A 9 ? G   A 9   . ? 8_556 ? 
44  AC5 23 NCU B 1 ? NCU B 1   . ? 8_556 ? 
45  AC5 23 NTT B 2 ? NTT B 2   . ? 8_556 ? 
46  AC5 23 DT  B 7 ? DT  B 7   . ? 1_555 ? 
47  AC5 23 HOH I . ? HOH B 103 . ? 1_555 ? 
48  AC5 23 HOH I . ? HOH B 104 . ? 1_555 ? 
49  AC5 23 HOH I . ? HOH B 110 . ? 1_555 ? 
50  AC5 23 HOH I . ? HOH B 114 . ? 1_555 ? 
51  AC5 23 HOH I . ? HOH B 117 . ? 1_555 ? 
52  AC5 23 HOH I . ? HOH B 123 . ? 1_555 ? 
53  AC5 23 HOH I . ? HOH B 130 . ? 1_555 ? 
54  AC5 23 HOH I . ? HOH B 133 . ? 1_555 ? 
55  AC5 23 HOH I . ? HOH B 135 . ? 1_555 ? 
56  AC5 23 HOH I . ? HOH B 137 . ? 1_555 ? 
57  AC5 23 HOH I . ? HOH B 138 . ? 1_555 ? 
58  AC5 23 HOH I . ? HOH B 139 . ? 1_555 ? 
59  AC5 23 HOH I . ? HOH B 144 . ? 1_555 ? 
60  AC5 23 G   C 1 ? G   C 1   . ? 6_654 ? 
61  AC5 23 NCU D 1 ? NCU D 1   . ? 8_556 ? 
62  AC5 23 HOH K . ? HOH D 113 . ? 8_556 ? 
63  AC6 14 G   A 9 ? G   A 9   . ? 1_555 ? 
64  AC6 14 NCU B 1 ? NCU B 1   . ? 1_555 ? 
65  AC6 14 NCU B 9 ? NCU B 9   . ? 8_456 ? 
66  AC6 14 A   C 8 ? A   C 8   . ? 1_555 ? 
67  AC6 14 G   C 9 ? G   C 9   . ? 1_555 ? 
68  AC6 14 HOH J . ? HOH C 215 . ? 3_656 ? 
69  AC6 14 DC  D 3 ? DC  D 3   . ? 1_555 ? 
70  AC6 14 HOH K . ? HOH D 113 . ? 1_555 ? 
71  AC6 14 HOH K . ? HOH D 115 . ? 1_555 ? 
72  AC6 14 HOH K . ? HOH D 116 . ? 1_555 ? 
73  AC6 14 HOH K . ? HOH D 120 . ? 1_555 ? 
74  AC6 14 HOH K . ? HOH D 125 . ? 1_555 ? 
75  AC6 14 HOH K . ? HOH D 128 . ? 1_555 ? 
76  AC6 14 HOH K . ? HOH D 137 . ? 1_555 ? 
77  AC7 15 G   C 7 ? G   C 7   . ? 1_555 ? 
78  AC7 15 A   C 8 ? A   C 8   . ? 1_555 ? 
79  AC7 15 G   C 9 ? G   C 9   . ? 1_555 ? 
80  AC7 15 NCU D 1 ? NCU D 1   . ? 1_555 ? 
81  AC7 15 DT  D 4 ? DT  D 4   . ? 1_555 ? 
82  AC7 15 HOH K . ? HOH D 108 . ? 1_555 ? 
83  AC7 15 HOH K . ? HOH D 109 . ? 1_555 ? 
84  AC7 15 HOH K . ? HOH D 115 . ? 1_555 ? 
85  AC7 15 HOH K . ? HOH D 116 . ? 1_555 ? 
86  AC7 15 HOH K . ? HOH D 120 . ? 1_555 ? 
87  AC7 15 HOH K . ? HOH D 125 . ? 1_555 ? 
88  AC7 15 HOH K . ? HOH D 126 . ? 1_555 ? 
89  AC7 15 HOH K . ? HOH D 133 . ? 1_555 ? 
90  AC7 15 HOH K . ? HOH D 137 . ? 1_555 ? 
91  AC7 15 HOH K . ? HOH D 142 . ? 1_555 ? 
92  AC8 12 A   C 2 ? A   C 2   . ? 1_555 ? 
93  AC8 12 A   C 3 ? A   C 3   . ? 1_555 ? 
94  AC8 12 G   C 4 ? G   C 4   . ? 1_555 ? 
95  AC8 12 DC  D 6 ? DC  D 6   . ? 1_555 ? 
96  AC8 12 NCU D 9 ? NCU D 9   . ? 1_555 ? 
97  AC8 12 HOH K . ? HOH D 102 . ? 1_555 ? 
98  AC8 12 HOH K . ? HOH D 111 . ? 1_555 ? 
99  AC8 12 HOH K . ? HOH D 112 . ? 1_555 ? 
100 AC8 12 HOH K . ? HOH D 121 . ? 1_555 ? 
101 AC8 12 HOH K . ? HOH D 122 . ? 1_555 ? 
102 AC8 12 HOH K . ? HOH D 124 . ? 1_555 ? 
103 AC8 12 HOH K . ? HOH D 130 . ? 1_555 ? 
104 AC9 19 G   A 1 ? G   A 1   . ? 6_655 ? 
105 AC9 19 G   C 1 ? G   C 1   . ? 1_555 ? 
106 AC9 19 A   C 2 ? A   C 2   . ? 1_555 ? 
107 AC9 19 A   C 3 ? A   C 3   . ? 1_555 ? 
108 AC9 19 DT  D 7 ? DT  D 7   . ? 1_555 ? 
109 AC9 19 HOH K . ? HOH D 101 . ? 1_555 ? 
110 AC9 19 HOH K . ? HOH D 102 . ? 1_555 ? 
111 AC9 19 HOH K . ? HOH D 106 . ? 1_555 ? 
112 AC9 19 HOH K . ? HOH D 107 . ? 1_555 ? 
113 AC9 19 HOH K . ? HOH D 111 . ? 1_555 ? 
114 AC9 19 HOH K . ? HOH D 114 . ? 1_555 ? 
115 AC9 19 HOH K . ? HOH D 119 . ? 1_555 ? 
116 AC9 19 HOH K . ? HOH D 121 . ? 1_555 ? 
117 AC9 19 HOH K . ? HOH D 122 . ? 1_555 ? 
118 AC9 19 HOH K . ? HOH D 129 . ? 1_555 ? 
119 AC9 19 HOH K . ? HOH D 130 . ? 1_555 ? 
120 AC9 19 HOH K . ? HOH D 132 . ? 1_555 ? 
121 AC9 19 HOH K . ? HOH D 134 . ? 1_555 ? 
122 AC9 19 HOH K . ? HOH D 139 . ? 1_555 ? 
# 
loop_
_pdbx_validate_close_contact.id 
_pdbx_validate_close_contact.PDB_model_num 
_pdbx_validate_close_contact.auth_atom_id_1 
_pdbx_validate_close_contact.auth_asym_id_1 
_pdbx_validate_close_contact.auth_comp_id_1 
_pdbx_validate_close_contact.auth_seq_id_1 
_pdbx_validate_close_contact.PDB_ins_code_1 
_pdbx_validate_close_contact.label_alt_id_1 
_pdbx_validate_close_contact.auth_atom_id_2 
_pdbx_validate_close_contact.auth_asym_id_2 
_pdbx_validate_close_contact.auth_comp_id_2 
_pdbx_validate_close_contact.auth_seq_id_2 
_pdbx_validate_close_contact.PDB_ins_code_2 
_pdbx_validate_close_contact.label_alt_id_2 
_pdbx_validate_close_contact.dist 
1 1 O A HOH 208 ? ? O A HOH 296 ? ? 2.02 
2 1 O D HOH 124 ? ? O D HOH 148 ? ? 2.07 
3 1 O C HOH 263 ? ? O D HOH 145 ? ? 2.13 
4 1 O A HOH 295 ? ? O A HOH 296 ? ? 2.14 
5 1 O A HOH 296 ? ? O A HOH 299 ? ? 2.15 
6 1 O A HOH 282 ? ? O C HOH 276 ? ? 2.18 
# 
loop_
_pdbx_validate_symm_contact.id 
_pdbx_validate_symm_contact.PDB_model_num 
_pdbx_validate_symm_contact.auth_atom_id_1 
_pdbx_validate_symm_contact.auth_asym_id_1 
_pdbx_validate_symm_contact.auth_comp_id_1 
_pdbx_validate_symm_contact.auth_seq_id_1 
_pdbx_validate_symm_contact.PDB_ins_code_1 
_pdbx_validate_symm_contact.label_alt_id_1 
_pdbx_validate_symm_contact.site_symmetry_1 
_pdbx_validate_symm_contact.auth_atom_id_2 
_pdbx_validate_symm_contact.auth_asym_id_2 
_pdbx_validate_symm_contact.auth_comp_id_2 
_pdbx_validate_symm_contact.auth_seq_id_2 
_pdbx_validate_symm_contact.PDB_ins_code_2 
_pdbx_validate_symm_contact.label_alt_id_2 
_pdbx_validate_symm_contact.site_symmetry_2 
_pdbx_validate_symm_contact.dist 
1 1 O A HOH 281 ? ? 1_555 O B HOH 173 ? ? 8_556 2.09 
2 1 O A HOH 250 ? ? 1_555 O B HOH 107 ? ? 8_556 2.11 
# 
loop_
_pdbx_validate_rmsd_bond.id 
_pdbx_validate_rmsd_bond.PDB_model_num 
_pdbx_validate_rmsd_bond.auth_atom_id_1 
_pdbx_validate_rmsd_bond.auth_asym_id_1 
_pdbx_validate_rmsd_bond.auth_comp_id_1 
_pdbx_validate_rmsd_bond.auth_seq_id_1 
_pdbx_validate_rmsd_bond.PDB_ins_code_1 
_pdbx_validate_rmsd_bond.label_alt_id_1 
_pdbx_validate_rmsd_bond.auth_atom_id_2 
_pdbx_validate_rmsd_bond.auth_asym_id_2 
_pdbx_validate_rmsd_bond.auth_comp_id_2 
_pdbx_validate_rmsd_bond.auth_seq_id_2 
_pdbx_validate_rmsd_bond.PDB_ins_code_2 
_pdbx_validate_rmsd_bond.label_alt_id_2 
_pdbx_validate_rmsd_bond.bond_value 
_pdbx_validate_rmsd_bond.bond_target_value 
_pdbx_validate_rmsd_bond.bond_deviation 
_pdbx_validate_rmsd_bond.bond_standard_deviation 
_pdbx_validate_rmsd_bond.linker_flag 
1  1 P A A  2 ? ? OP1 A A  2 ? ? 1.601 1.485 0.116 0.017 N 
2  1 P A A  2 ? ? OP2 A A  2 ? ? 1.604 1.485 0.119 0.017 N 
3  1 P A A  3 ? ? OP1 A A  3 ? ? 1.601 1.485 0.116 0.017 N 
4  1 P A A  3 ? ? OP2 A A  3 ? ? 1.604 1.485 0.119 0.017 N 
5  1 P A G  4 ? ? OP1 A G  4 ? ? 1.592 1.485 0.107 0.017 N 
6  1 P A G  4 ? ? OP2 A G  4 ? ? 1.598 1.485 0.113 0.017 N 
7  1 P A A  5 ? ? OP1 A A  5 ? ? 1.596 1.485 0.111 0.017 N 
8  1 P A A  5 ? ? OP2 A A  5 ? ? 1.598 1.485 0.113 0.017 N 
9  1 P A A  6 ? ? OP1 A A  6 ? ? 1.596 1.485 0.111 0.017 N 
10 1 P A A  6 ? ? OP2 A A  6 ? ? 1.610 1.485 0.125 0.017 N 
11 1 P A G  7 ? ? OP1 A G  7 ? ? 1.592 1.485 0.107 0.017 N 
12 1 P A G  7 ? ? OP2 A G  7 ? ? 1.603 1.485 0.118 0.017 N 
13 1 P A A  8 ? ? OP1 A A  8 ? ? 1.593 1.485 0.108 0.017 N 
14 1 P A A  8 ? ? OP2 A A  8 ? ? 1.598 1.485 0.113 0.017 N 
15 1 P A G  9 ? ? OP1 A G  9 ? ? 1.594 1.485 0.109 0.017 N 
16 1 P A G  9 ? ? OP2 A G  9 ? ? 1.603 1.485 0.118 0.017 N 
17 1 P B DC 3 ? ? OP1 B DC 3 ? ? 1.598 1.485 0.113 0.017 N 
18 1 P B DC 3 ? ? OP2 B DC 3 ? ? 1.612 1.485 0.127 0.017 N 
19 1 P B DT 4 ? ? OP1 B DT 4 ? ? 1.594 1.485 0.109 0.017 N 
20 1 P B DT 4 ? ? OP2 B DT 4 ? ? 1.596 1.485 0.111 0.017 N 
21 1 P B DT 5 ? ? OP1 B DT 5 ? ? 1.600 1.485 0.115 0.017 N 
22 1 P B DT 5 ? ? OP2 B DT 5 ? ? 1.603 1.485 0.118 0.017 N 
23 1 P B DC 6 ? ? OP1 B DC 6 ? ? 1.599 1.485 0.114 0.017 N 
24 1 P B DC 6 ? ? OP2 B DC 6 ? ? 1.605 1.485 0.120 0.017 N 
25 1 P B DT 7 ? ? OP1 B DT 7 ? ? 1.595 1.485 0.110 0.017 N 
26 1 P B DT 7 ? ? OP2 B DT 7 ? ? 1.599 1.485 0.114 0.017 N 
27 1 P C A  2 ? ? OP1 C A  2 ? ? 1.599 1.485 0.114 0.017 N 
28 1 P C A  2 ? ? OP2 C A  2 ? ? 1.606 1.485 0.121 0.017 N 
29 1 P C A  3 ? ? OP1 C A  3 ? ? 1.601 1.485 0.116 0.017 N 
30 1 P C A  3 ? ? OP2 C A  3 ? ? 1.605 1.485 0.120 0.017 N 
31 1 P C G  4 ? ? OP1 C G  4 ? ? 1.602 1.485 0.117 0.017 N 
32 1 P C G  4 ? ? OP2 C G  4 ? ? 1.607 1.485 0.122 0.017 N 
33 1 P C A  5 ? ? OP1 C A  5 ? ? 1.603 1.485 0.118 0.017 N 
34 1 P C A  5 ? ? OP2 C A  5 ? ? 1.609 1.485 0.124 0.017 N 
35 1 P C A  6 ? ? OP1 C A  6 ? ? 1.603 1.485 0.118 0.017 N 
36 1 P C A  6 ? ? OP2 C A  6 ? ? 1.606 1.485 0.121 0.017 N 
37 1 P C G  7 ? ? OP1 C G  7 ? ? 1.600 1.485 0.115 0.017 N 
38 1 P C G  7 ? ? OP2 C G  7 ? ? 1.611 1.485 0.126 0.017 N 
39 1 P C A  8 ? ? OP1 C A  8 ? ? 1.598 1.485 0.113 0.017 N 
40 1 P C A  8 ? ? OP2 C A  8 ? ? 1.606 1.485 0.121 0.017 N 
41 1 P C G  9 ? ? OP1 C G  9 ? ? 1.601 1.485 0.116 0.017 N 
42 1 P C G  9 ? ? OP2 C G  9 ? ? 1.602 1.485 0.117 0.017 N 
43 1 P D DC 3 ? ? OP1 D DC 3 ? ? 1.600 1.485 0.115 0.017 N 
44 1 P D DC 3 ? ? OP2 D DC 3 ? ? 1.603 1.485 0.118 0.017 N 
45 1 P D DT 4 ? ? OP1 D DT 4 ? ? 1.601 1.485 0.116 0.017 N 
46 1 P D DT 4 ? ? OP2 D DT 4 ? ? 1.607 1.485 0.122 0.017 N 
47 1 P D DT 5 ? ? OP1 D DT 5 ? ? 1.601 1.485 0.116 0.017 N 
48 1 P D DT 5 ? ? OP2 D DT 5 ? ? 1.607 1.485 0.122 0.017 N 
49 1 P D DC 6 ? ? OP1 D DC 6 ? ? 1.595 1.485 0.110 0.017 N 
50 1 P D DC 6 ? ? OP2 D DC 6 ? ? 1.607 1.485 0.122 0.017 N 
51 1 P D DT 7 ? ? OP1 D DT 7 ? ? 1.603 1.485 0.118 0.017 N 
52 1 P D DT 7 ? ? OP2 D DT 7 ? ? 1.607 1.485 0.122 0.017 N 
# 
_pdbx_validate_rmsd_angle.id                         1 
_pdbx_validate_rmsd_angle.PDB_model_num              1 
_pdbx_validate_rmsd_angle.auth_atom_id_1             "O5'" 
_pdbx_validate_rmsd_angle.auth_asym_id_1             B 
_pdbx_validate_rmsd_angle.auth_comp_id_1             DC 
_pdbx_validate_rmsd_angle.auth_seq_id_1              3 
_pdbx_validate_rmsd_angle.PDB_ins_code_1             ? 
_pdbx_validate_rmsd_angle.label_alt_id_1             ? 
_pdbx_validate_rmsd_angle.auth_atom_id_2             P 
_pdbx_validate_rmsd_angle.auth_asym_id_2             B 
_pdbx_validate_rmsd_angle.auth_comp_id_2             DC 
_pdbx_validate_rmsd_angle.auth_seq_id_2              3 
_pdbx_validate_rmsd_angle.PDB_ins_code_2             ? 
_pdbx_validate_rmsd_angle.label_alt_id_2             ? 
_pdbx_validate_rmsd_angle.auth_atom_id_3             OP2 
_pdbx_validate_rmsd_angle.auth_asym_id_3             B 
_pdbx_validate_rmsd_angle.auth_comp_id_3             DC 
_pdbx_validate_rmsd_angle.auth_seq_id_3              3 
_pdbx_validate_rmsd_angle.PDB_ins_code_3             ? 
_pdbx_validate_rmsd_angle.label_alt_id_3             ? 
_pdbx_validate_rmsd_angle.angle_value                100.09 
_pdbx_validate_rmsd_angle.angle_target_value         105.70 
_pdbx_validate_rmsd_angle.angle_deviation            -5.61 
_pdbx_validate_rmsd_angle.angle_standard_deviation   0.90 
_pdbx_validate_rmsd_angle.linker_flag                N 
# 
loop_
_pdbx_struct_special_symmetry.id 
_pdbx_struct_special_symmetry.PDB_model_num 
_pdbx_struct_special_symmetry.auth_asym_id 
_pdbx_struct_special_symmetry.auth_comp_id 
_pdbx_struct_special_symmetry.auth_seq_id 
_pdbx_struct_special_symmetry.PDB_ins_code 
_pdbx_struct_special_symmetry.label_asym_id 
_pdbx_struct_special_symmetry.label_comp_id 
_pdbx_struct_special_symmetry.label_seq_id 
1 1 A HOH 214 ? H HOH . 
2 1 A HOH 284 ? H HOH . 
3 1 B HOH 150 ? I HOH . 
4 1 C HOH 204 ? J HOH . 
5 1 C HOH 277 ? J HOH . 
6 1 C HOH 282 ? J HOH . 
7 1 C HOH 292 ? J HOH . 
8 1 D HOH 155 ? K HOH . 
9 1 D HOH 165 ? K HOH . 
# 
_diffrn_reflns.diffrn_id                   1 
_diffrn_reflns.pdbx_d_res_high             1.600 
_diffrn_reflns.pdbx_d_res_low              51.210 
_diffrn_reflns.pdbx_number_obs             32414 
_diffrn_reflns.pdbx_Rmerge_I_obs           0.062 
_diffrn_reflns.pdbx_Rsym_value             ? 
_diffrn_reflns.pdbx_chi_squared            0.98 
_diffrn_reflns.pdbx_redundancy             3.60 
_diffrn_reflns.pdbx_rejects                882 
_diffrn_reflns.pdbx_percent_possible_obs   95.70 
_diffrn_reflns.pdbx_observed_criterion     ? 
_diffrn_reflns.number                      117593 
_diffrn_reflns.limit_h_max                 ? 
_diffrn_reflns.limit_h_min                 ? 
_diffrn_reflns.limit_k_max                 ? 
_diffrn_reflns.limit_k_min                 ? 
_diffrn_reflns.limit_l_max                 ? 
_diffrn_reflns.limit_l_min                 ? 
# 
loop_
_pdbx_diffrn_reflns_shell.diffrn_id 
_pdbx_diffrn_reflns_shell.d_res_high 
_pdbx_diffrn_reflns_shell.d_res_low 
_pdbx_diffrn_reflns_shell.number_obs 
_pdbx_diffrn_reflns_shell.rejects 
_pdbx_diffrn_reflns_shell.Rmerge_I_obs 
_pdbx_diffrn_reflns_shell.Rsym_value 
_pdbx_diffrn_reflns_shell.chi_squared 
_pdbx_diffrn_reflns_shell.redundancy 
_pdbx_diffrn_reflns_shell.percent_possible_obs 
1 3.45 51.21 ? 353 0.041 ? 1.130 3.58 ? 
1 2.74 3.45  ? 137 0.046 ? 0.910 3.62 ? 
1 2.39 2.74  ? 70  0.069 ? 0.810 3.61 ? 
1 2.17 2.39  ? 53  0.089 ? 0.800 3.60 ? 
1 2.02 2.17  ? 44  0.109 ? 0.870 3.59 ? 
1 1.90 2.02  ? 50  0.146 ? 0.900 3.61 ? 
1 1.80 1.90  ? 30  0.172 ? 0.980 3.59 ? 
1 1.72 1.80  ? 44  0.206 ? 1.070 3.60 ? 
1 1.66 1.72  ? 50  0.236 ? 1.120 3.60 ? 
1 1.60 1.66  ? 51  0.323 ? 1.230 3.62 ? 
# 
_pdbx_phasing_dm.entry_id          4U6K 
_pdbx_phasing_dm.fom_acentric      0.640 
_pdbx_phasing_dm.fom_centric       0.650 
_pdbx_phasing_dm.fom               0.640 
_pdbx_phasing_dm.reflns_acentric   19193 
_pdbx_phasing_dm.reflns_centric    2014 
_pdbx_phasing_dm.reflns            21207 
# 
loop_
_pdbx_phasing_dm_shell.d_res_high 
_pdbx_phasing_dm_shell.d_res_low 
_pdbx_phasing_dm_shell.delta_phi_final 
_pdbx_phasing_dm_shell.delta_phi_initial 
_pdbx_phasing_dm_shell.fom_acentric 
_pdbx_phasing_dm_shell.fom_centric 
_pdbx_phasing_dm_shell.fom 
_pdbx_phasing_dm_shell.reflns_acentric 
_pdbx_phasing_dm_shell.reflns_centric 
_pdbx_phasing_dm_shell.reflns 
1.500 1.600 ? ? 0.180 0.130 0.170 3660 272 3932 
1.600 1.900 ? ? 0.570 0.510 0.560 5849 470 6319 
1.900 2.100 ? ? 0.780 0.700 0.780 3292 308 3600 
2.100 2.700 ? ? 0.870 0.780 0.870 3243 371 3614 
2.700 4.300 ? ? 0.940 0.910 0.940 2466 389 2855 
# 
_phasing.method   MAD 
# 
loop_
_pdbx_distant_solvent_atoms.id 
_pdbx_distant_solvent_atoms.PDB_model_num 
_pdbx_distant_solvent_atoms.auth_atom_id 
_pdbx_distant_solvent_atoms.label_alt_id 
_pdbx_distant_solvent_atoms.auth_asym_id 
_pdbx_distant_solvent_atoms.auth_comp_id 
_pdbx_distant_solvent_atoms.auth_seq_id 
_pdbx_distant_solvent_atoms.PDB_ins_code 
_pdbx_distant_solvent_atoms.neighbor_macromolecule_distance 
_pdbx_distant_solvent_atoms.neighbor_ligand_distance 
1 1 O ? A HOH 302 ? 6.52 . 
2 1 O ? C HOH 292 ? 5.99 . 
# 
loop_
_chem_comp_atom.comp_id 
_chem_comp_atom.atom_id 
_chem_comp_atom.type_symbol 
_chem_comp_atom.pdbx_aromatic_flag 
_chem_comp_atom.pdbx_stereo_config 
_chem_comp_atom.pdbx_ordinal 
A   OP3    O  N N 1   
A   P      P  N N 2   
A   OP1    O  N N 3   
A   OP2    O  N N 4   
A   "O5'"  O  N N 5   
A   "C5'"  C  N N 6   
A   "C4'"  C  N R 7   
A   "O4'"  O  N N 8   
A   "C3'"  C  N S 9   
A   "O3'"  O  N N 10  
A   "C2'"  C  N R 11  
A   "O2'"  O  N N 12  
A   "C1'"  C  N R 13  
A   N9     N  Y N 14  
A   C8     C  Y N 15  
A   N7     N  Y N 16  
A   C5     C  Y N 17  
A   C6     C  Y N 18  
A   N6     N  N N 19  
A   N1     N  Y N 20  
A   C2     C  Y N 21  
A   N3     N  Y N 22  
A   C4     C  Y N 23  
A   HOP3   H  N N 24  
A   HOP2   H  N N 25  
A   "H5'"  H  N N 26  
A   "H5''" H  N N 27  
A   "H4'"  H  N N 28  
A   "H3'"  H  N N 29  
A   "HO3'" H  N N 30  
A   "H2'"  H  N N 31  
A   "HO2'" H  N N 32  
A   "H1'"  H  N N 33  
A   H8     H  N N 34  
A   H61    H  N N 35  
A   H62    H  N N 36  
A   H2     H  N N 37  
DC  OP3    O  N N 38  
DC  P      P  N N 39  
DC  OP1    O  N N 40  
DC  OP2    O  N N 41  
DC  "O5'"  O  N N 42  
DC  "C5'"  C  N N 43  
DC  "C4'"  C  N R 44  
DC  "O4'"  O  N N 45  
DC  "C3'"  C  N S 46  
DC  "O3'"  O  N N 47  
DC  "C2'"  C  N N 48  
DC  "C1'"  C  N R 49  
DC  N1     N  N N 50  
DC  C2     C  N N 51  
DC  O2     O  N N 52  
DC  N3     N  N N 53  
DC  C4     C  N N 54  
DC  N4     N  N N 55  
DC  C5     C  N N 56  
DC  C6     C  N N 57  
DC  HOP3   H  N N 58  
DC  HOP2   H  N N 59  
DC  "H5'"  H  N N 60  
DC  "H5''" H  N N 61  
DC  "H4'"  H  N N 62  
DC  "H3'"  H  N N 63  
DC  "HO3'" H  N N 64  
DC  "H2'"  H  N N 65  
DC  "H2''" H  N N 66  
DC  "H1'"  H  N N 67  
DC  H41    H  N N 68  
DC  H42    H  N N 69  
DC  H5     H  N N 70  
DC  H6     H  N N 71  
DT  OP3    O  N N 72  
DT  P      P  N N 73  
DT  OP1    O  N N 74  
DT  OP2    O  N N 75  
DT  "O5'"  O  N N 76  
DT  "C5'"  C  N N 77  
DT  "C4'"  C  N R 78  
DT  "O4'"  O  N N 79  
DT  "C3'"  C  N S 80  
DT  "O3'"  O  N N 81  
DT  "C2'"  C  N N 82  
DT  "C1'"  C  N R 83  
DT  N1     N  N N 84  
DT  C2     C  N N 85  
DT  O2     O  N N 86  
DT  N3     N  N N 87  
DT  C4     C  N N 88  
DT  O4     O  N N 89  
DT  C5     C  N N 90  
DT  C7     C  N N 91  
DT  C6     C  N N 92  
DT  HOP3   H  N N 93  
DT  HOP2   H  N N 94  
DT  "H5'"  H  N N 95  
DT  "H5''" H  N N 96  
DT  "H4'"  H  N N 97  
DT  "H3'"  H  N N 98  
DT  "HO3'" H  N N 99  
DT  "H2'"  H  N N 100 
DT  "H2''" H  N N 101 
DT  "H1'"  H  N N 102 
DT  H3     H  N N 103 
DT  H71    H  N N 104 
DT  H72    H  N N 105 
DT  H73    H  N N 106 
DT  H6     H  N N 107 
G   OP3    O  N N 108 
G   P      P  N N 109 
G   OP1    O  N N 110 
G   OP2    O  N N 111 
G   "O5'"  O  N N 112 
G   "C5'"  C  N N 113 
G   "C4'"  C  N R 114 
G   "O4'"  O  N N 115 
G   "C3'"  C  N S 116 
G   "O3'"  O  N N 117 
G   "C2'"  C  N R 118 
G   "O2'"  O  N N 119 
G   "C1'"  C  N R 120 
G   N9     N  Y N 121 
G   C8     C  Y N 122 
G   N7     N  Y N 123 
G   C5     C  Y N 124 
G   C6     C  N N 125 
G   O6     O  N N 126 
G   N1     N  N N 127 
G   C2     C  N N 128 
G   N2     N  N N 129 
G   N3     N  N N 130 
G   C4     C  Y N 131 
G   HOP3   H  N N 132 
G   HOP2   H  N N 133 
G   "H5'"  H  N N 134 
G   "H5''" H  N N 135 
G   "H4'"  H  N N 136 
G   "H3'"  H  N N 137 
G   "HO3'" H  N N 138 
G   "H2'"  H  N N 139 
G   "HO2'" H  N N 140 
G   "H1'"  H  N N 141 
G   H8     H  N N 142 
G   H1     H  N N 143 
G   H21    H  N N 144 
G   H22    H  N N 145 
HOH O      O  N N 146 
HOH H1     H  N N 147 
HOH H2     H  N N 148 
NCO CO     CO N N 149 
NCO N1     N  N N 150 
NCO N2     N  N N 151 
NCO N3     N  N N 152 
NCO N4     N  N N 153 
NCO N5     N  N N 154 
NCO N6     N  N N 155 
NCO HN11   H  N N 156 
NCO HN12   H  N N 157 
NCO HN13   H  N N 158 
NCO HN21   H  N N 159 
NCO HN22   H  N N 160 
NCO HN23   H  N N 161 
NCO HN31   H  N N 162 
NCO HN32   H  N N 163 
NCO HN33   H  N N 164 
NCO HN41   H  N N 165 
NCO HN42   H  N N 166 
NCO HN43   H  N N 167 
NCO HN51   H  N N 168 
NCO HN52   H  N N 169 
NCO HN53   H  N N 170 
NCO HN61   H  N N 171 
NCO HN62   H  N N 172 
NCO HN63   H  N N 173 
NCU N1     N  N N 174 
NCU C7     C  N N 175 
NCU C6     C  N N 176 
NCU C5     C  N N 177 
NCU C4     C  N N 178 
NCU C2     C  N N 179 
NCU O2     O  N N 180 
NCU P      P  N N 181 
NCU OP1    O  N N 182 
NCU OP2    O  N N 183 
NCU "O5'"  O  N N 184 
NCU N3     N  N N 185 
NCU N4     N  N N 186 
NCU "C2'"  C  N R 187 
NCU "C5'"  C  N N 188 
NCU "C4'"  C  N R 189 
NCU "O4'"  O  N N 190 
NCU "C1'"  C  N R 191 
NCU "C3'"  C  N S 192 
NCU "O3'"  O  N N 193 
NCU "O2'"  O  N N 194 
NCU "C6'"  C  N N 195 
NCU "N6'"  N  N N 196 
NCU "C7'"  C  N N 197 
NCU H1     H  N N 198 
NCU H2     H  N N 199 
NCU H3     H  N N 200 
NCU HOP2   H  N N 201 
NCU H4     H  N N 202 
NCU H41    H  N N 203 
NCU H42    H  N N 204 
NCU "H2'"  H  N N 205 
NCU "H5'"  H  N N 206 
NCU "H5''" H  N N 207 
NCU "H1'"  H  N N 208 
NCU "H3'"  H  N N 209 
NCU "HO3'" H  N N 210 
NCU H15    H  N N 211 
NCU H16    H  N N 212 
NCU H17    H  N N 213 
NCU H18    H  N N 214 
NCU H19    H  N N 215 
NCU OP3    O  N N 216 
NCU HOP3   H  N N 217 
NTT P      P  N N 218 
NTT OP1    O  N N 219 
NTT OP2    O  N N 220 
NTT "O5'"  O  N N 221 
NTT N1     N  N N 222 
NTT C6     C  N N 223 
NTT C2     C  N N 224 
NTT O2     O  N N 225 
NTT N3     N  N N 226 
NTT C4     C  N N 227 
NTT O4     O  N N 228 
NTT C5     C  N N 229 
NTT C7     C  N N 230 
NTT "C2'"  C  N R 231 
NTT "C5'"  C  N N 232 
NTT "C4'"  C  N R 233 
NTT "O4'"  O  N N 234 
NTT "C1'"  C  N R 235 
NTT "C3'"  C  N S 236 
NTT "O3'"  O  N N 237 
NTT "O2'"  O  N N 238 
NTT "C6'"  C  N N 239 
NTT "N6'"  N  N N 240 
NTT "C7'"  C  N N 241 
NTT HOP2   H  N N 242 
NTT H72    H  N N 243 
NTT H3     H  N N 244 
NTT H71    H  N N 245 
NTT H1     H  N N 246 
NTT H73    H  N N 247 
NTT "H2'"  H  N N 248 
NTT "H5''" H  N N 249 
NTT "H5'"  H  N N 250 
NTT "H1'"  H  N N 251 
NTT "H3'"  H  N N 252 
NTT "HO3'" H  N N 253 
NTT H14    H  N N 254 
NTT H15    H  N N 255 
NTT H16    H  N N 256 
NTT H17    H  N N 257 
NTT H18    H  N N 258 
NTT OP3    O  N N 259 
NTT HOP3   H  N N 260 
# 
loop_
_chem_comp_bond.comp_id 
_chem_comp_bond.atom_id_1 
_chem_comp_bond.atom_id_2 
_chem_comp_bond.value_order 
_chem_comp_bond.pdbx_aromatic_flag 
_chem_comp_bond.pdbx_stereo_config 
_chem_comp_bond.pdbx_ordinal 
A   OP3   P      sing N N 1   
A   OP3   HOP3   sing N N 2   
A   P     OP1    doub N N 3   
A   P     OP2    sing N N 4   
A   P     "O5'"  sing N N 5   
A   OP2   HOP2   sing N N 6   
A   "O5'" "C5'"  sing N N 7   
A   "C5'" "C4'"  sing N N 8   
A   "C5'" "H5'"  sing N N 9   
A   "C5'" "H5''" sing N N 10  
A   "C4'" "O4'"  sing N N 11  
A   "C4'" "C3'"  sing N N 12  
A   "C4'" "H4'"  sing N N 13  
A   "O4'" "C1'"  sing N N 14  
A   "C3'" "O3'"  sing N N 15  
A   "C3'" "C2'"  sing N N 16  
A   "C3'" "H3'"  sing N N 17  
A   "O3'" "HO3'" sing N N 18  
A   "C2'" "O2'"  sing N N 19  
A   "C2'" "C1'"  sing N N 20  
A   "C2'" "H2'"  sing N N 21  
A   "O2'" "HO2'" sing N N 22  
A   "C1'" N9     sing N N 23  
A   "C1'" "H1'"  sing N N 24  
A   N9    C8     sing Y N 25  
A   N9    C4     sing Y N 26  
A   C8    N7     doub Y N 27  
A   C8    H8     sing N N 28  
A   N7    C5     sing Y N 29  
A   C5    C6     sing Y N 30  
A   C5    C4     doub Y N 31  
A   C6    N6     sing N N 32  
A   C6    N1     doub Y N 33  
A   N6    H61    sing N N 34  
A   N6    H62    sing N N 35  
A   N1    C2     sing Y N 36  
A   C2    N3     doub Y N 37  
A   C2    H2     sing N N 38  
A   N3    C4     sing Y N 39  
DC  OP3   P      sing N N 40  
DC  OP3   HOP3   sing N N 41  
DC  P     OP1    doub N N 42  
DC  P     OP2    sing N N 43  
DC  P     "O5'"  sing N N 44  
DC  OP2   HOP2   sing N N 45  
DC  "O5'" "C5'"  sing N N 46  
DC  "C5'" "C4'"  sing N N 47  
DC  "C5'" "H5'"  sing N N 48  
DC  "C5'" "H5''" sing N N 49  
DC  "C4'" "O4'"  sing N N 50  
DC  "C4'" "C3'"  sing N N 51  
DC  "C4'" "H4'"  sing N N 52  
DC  "O4'" "C1'"  sing N N 53  
DC  "C3'" "O3'"  sing N N 54  
DC  "C3'" "C2'"  sing N N 55  
DC  "C3'" "H3'"  sing N N 56  
DC  "O3'" "HO3'" sing N N 57  
DC  "C2'" "C1'"  sing N N 58  
DC  "C2'" "H2'"  sing N N 59  
DC  "C2'" "H2''" sing N N 60  
DC  "C1'" N1     sing N N 61  
DC  "C1'" "H1'"  sing N N 62  
DC  N1    C2     sing N N 63  
DC  N1    C6     sing N N 64  
DC  C2    O2     doub N N 65  
DC  C2    N3     sing N N 66  
DC  N3    C4     doub N N 67  
DC  C4    N4     sing N N 68  
DC  C4    C5     sing N N 69  
DC  N4    H41    sing N N 70  
DC  N4    H42    sing N N 71  
DC  C5    C6     doub N N 72  
DC  C5    H5     sing N N 73  
DC  C6    H6     sing N N 74  
DT  OP3   P      sing N N 75  
DT  OP3   HOP3   sing N N 76  
DT  P     OP1    doub N N 77  
DT  P     OP2    sing N N 78  
DT  P     "O5'"  sing N N 79  
DT  OP2   HOP2   sing N N 80  
DT  "O5'" "C5'"  sing N N 81  
DT  "C5'" "C4'"  sing N N 82  
DT  "C5'" "H5'"  sing N N 83  
DT  "C5'" "H5''" sing N N 84  
DT  "C4'" "O4'"  sing N N 85  
DT  "C4'" "C3'"  sing N N 86  
DT  "C4'" "H4'"  sing N N 87  
DT  "O4'" "C1'"  sing N N 88  
DT  "C3'" "O3'"  sing N N 89  
DT  "C3'" "C2'"  sing N N 90  
DT  "C3'" "H3'"  sing N N 91  
DT  "O3'" "HO3'" sing N N 92  
DT  "C2'" "C1'"  sing N N 93  
DT  "C2'" "H2'"  sing N N 94  
DT  "C2'" "H2''" sing N N 95  
DT  "C1'" N1     sing N N 96  
DT  "C1'" "H1'"  sing N N 97  
DT  N1    C2     sing N N 98  
DT  N1    C6     sing N N 99  
DT  C2    O2     doub N N 100 
DT  C2    N3     sing N N 101 
DT  N3    C4     sing N N 102 
DT  N3    H3     sing N N 103 
DT  C4    O4     doub N N 104 
DT  C4    C5     sing N N 105 
DT  C5    C7     sing N N 106 
DT  C5    C6     doub N N 107 
DT  C7    H71    sing N N 108 
DT  C7    H72    sing N N 109 
DT  C7    H73    sing N N 110 
DT  C6    H6     sing N N 111 
G   OP3   P      sing N N 112 
G   OP3   HOP3   sing N N 113 
G   P     OP1    doub N N 114 
G   P     OP2    sing N N 115 
G   P     "O5'"  sing N N 116 
G   OP2   HOP2   sing N N 117 
G   "O5'" "C5'"  sing N N 118 
G   "C5'" "C4'"  sing N N 119 
G   "C5'" "H5'"  sing N N 120 
G   "C5'" "H5''" sing N N 121 
G   "C4'" "O4'"  sing N N 122 
G   "C4'" "C3'"  sing N N 123 
G   "C4'" "H4'"  sing N N 124 
G   "O4'" "C1'"  sing N N 125 
G   "C3'" "O3'"  sing N N 126 
G   "C3'" "C2'"  sing N N 127 
G   "C3'" "H3'"  sing N N 128 
G   "O3'" "HO3'" sing N N 129 
G   "C2'" "O2'"  sing N N 130 
G   "C2'" "C1'"  sing N N 131 
G   "C2'" "H2'"  sing N N 132 
G   "O2'" "HO2'" sing N N 133 
G   "C1'" N9     sing N N 134 
G   "C1'" "H1'"  sing N N 135 
G   N9    C8     sing Y N 136 
G   N9    C4     sing Y N 137 
G   C8    N7     doub Y N 138 
G   C8    H8     sing N N 139 
G   N7    C5     sing Y N 140 
G   C5    C6     sing N N 141 
G   C5    C4     doub Y N 142 
G   C6    O6     doub N N 143 
G   C6    N1     sing N N 144 
G   N1    C2     sing N N 145 
G   N1    H1     sing N N 146 
G   C2    N2     sing N N 147 
G   C2    N3     doub N N 148 
G   N2    H21    sing N N 149 
G   N2    H22    sing N N 150 
G   N3    C4     sing N N 151 
HOH O     H1     sing N N 152 
HOH O     H2     sing N N 153 
NCO CO    N1     sing N N 154 
NCO CO    N2     sing N N 155 
NCO CO    N3     sing N N 156 
NCO CO    N4     sing N N 157 
NCO CO    N5     sing N N 158 
NCO CO    N6     sing N N 159 
NCO N1    HN11   sing N N 160 
NCO N1    HN12   sing N N 161 
NCO N1    HN13   sing N N 162 
NCO N2    HN21   sing N N 163 
NCO N2    HN22   sing N N 164 
NCO N2    HN23   sing N N 165 
NCO N3    HN31   sing N N 166 
NCO N3    HN32   sing N N 167 
NCO N3    HN33   sing N N 168 
NCO N4    HN41   sing N N 169 
NCO N4    HN42   sing N N 170 
NCO N4    HN43   sing N N 171 
NCO N5    HN51   sing N N 172 
NCO N5    HN52   sing N N 173 
NCO N5    HN53   sing N N 174 
NCO N6    HN61   sing N N 175 
NCO N6    HN62   sing N N 176 
NCO N6    HN63   sing N N 177 
NCU "O3'" "C3'"  sing N N 178 
NCU OP2   P      sing N N 179 
NCU "C3'" "C2'"  sing N N 180 
NCU "C3'" "C4'"  sing N N 181 
NCU OP1   P      doub N N 182 
NCU P     "O5'"  sing N N 183 
NCU "O5'" "C5'"  sing N N 184 
NCU "C5'" "C4'"  sing N N 185 
NCU "O2'" "C2'"  sing N N 186 
NCU "O2'" "N6'"  sing N N 187 
NCU "C2'" "C1'"  sing N N 188 
NCU "C4'" "C6'"  sing N N 189 
NCU "C4'" "O4'"  sing N N 190 
NCU "C7'" "N6'"  sing N N 191 
NCU "C6'" "N6'"  sing N N 192 
NCU C7    C5     sing N N 193 
NCU "O4'" "C1'"  sing N N 194 
NCU "C1'" N1     sing N N 195 
NCU C6    C5     doub N N 196 
NCU C6    N1     sing N N 197 
NCU C5    C4     sing N N 198 
NCU N1    C2     sing N N 199 
NCU C4    N4     sing N N 200 
NCU C4    N3     doub N N 201 
NCU C2    N3     sing N N 202 
NCU C2    O2     doub N N 203 
NCU C7    H1     sing N N 204 
NCU C7    H2     sing N N 205 
NCU C7    H3     sing N N 206 
NCU C6    HOP2   sing N N 207 
NCU OP2   H4     sing N N 208 
NCU N4    H41    sing N N 209 
NCU N4    H42    sing N N 210 
NCU "C2'" "H2'"  sing N N 211 
NCU "C5'" "H5'"  sing N N 212 
NCU "C5'" "H5''" sing N N 213 
NCU "C1'" "H1'"  sing N N 214 
NCU "C3'" "H3'"  sing N N 215 
NCU "O3'" "HO3'" sing N N 216 
NCU "C6'" H15    sing N N 217 
NCU "C6'" H16    sing N N 218 
NCU "C7'" H17    sing N N 219 
NCU "C7'" H18    sing N N 220 
NCU "C7'" H19    sing N N 221 
NCU P     OP3    sing N N 222 
NCU OP3   HOP3   sing N N 223 
NTT "O3'" "C3'"  sing N N 224 
NTT "C3'" "C2'"  sing N N 225 
NTT "C3'" "C4'"  sing N N 226 
NTT "O2'" "C2'"  sing N N 227 
NTT "O2'" "N6'"  sing N N 228 
NTT "C2'" "C1'"  sing N N 229 
NTT "C7'" "N6'"  sing N N 230 
NTT "N6'" "C6'"  sing N N 231 
NTT "C6'" "C4'"  sing N N 232 
NTT "C4'" "C5'"  sing N N 233 
NTT "C4'" "O4'"  sing N N 234 
NTT OP1   P      doub N N 235 
NTT "C5'" "O5'"  sing N N 236 
NTT OP2   P      sing N N 237 
NTT "O5'" P      sing N N 238 
NTT "C1'" N1     sing N N 239 
NTT "C1'" "O4'"  sing N N 240 
NTT C7    C5     sing N N 241 
NTT C6    N1     sing N N 242 
NTT C6    C5     doub N N 243 
NTT N1    C2     sing N N 244 
NTT C5    C4     sing N N 245 
NTT C2    O2     doub N N 246 
NTT C2    N3     sing N N 247 
NTT C4    N3     sing N N 248 
NTT C4    O4     doub N N 249 
NTT OP2   HOP2   sing N N 250 
NTT C6    H72    sing N N 251 
NTT N3    H3     sing N N 252 
NTT C7    H71    sing N N 253 
NTT C7    H1     sing N N 254 
NTT C7    H73    sing N N 255 
NTT "C2'" "H2'"  sing N N 256 
NTT "C5'" "H5''" sing N N 257 
NTT "C5'" "H5'"  sing N N 258 
NTT "C1'" "H1'"  sing N N 259 
NTT "C3'" "H3'"  sing N N 260 
NTT "O3'" "HO3'" sing N N 261 
NTT "C6'" H14    sing N N 262 
NTT "C6'" H15    sing N N 263 
NTT "C7'" H16    sing N N 264 
NTT "C7'" H17    sing N N 265 
NTT "C7'" H18    sing N N 266 
NTT P     OP3    sing N N 267 
NTT OP3   HOP3   sing N N 268 
# 
loop_
_ndb_struct_conf_na.entry_id 
_ndb_struct_conf_na.feature 
4U6K 'double helix'        
4U6K 'a-form double helix' 
# 
loop_
_ndb_struct_na_base_pair.model_number 
_ndb_struct_na_base_pair.i_label_asym_id 
_ndb_struct_na_base_pair.i_label_comp_id 
_ndb_struct_na_base_pair.i_label_seq_id 
_ndb_struct_na_base_pair.i_symmetry 
_ndb_struct_na_base_pair.j_label_asym_id 
_ndb_struct_na_base_pair.j_label_comp_id 
_ndb_struct_na_base_pair.j_label_seq_id 
_ndb_struct_na_base_pair.j_symmetry 
_ndb_struct_na_base_pair.shear 
_ndb_struct_na_base_pair.stretch 
_ndb_struct_na_base_pair.stagger 
_ndb_struct_na_base_pair.buckle 
_ndb_struct_na_base_pair.propeller 
_ndb_struct_na_base_pair.opening 
_ndb_struct_na_base_pair.pair_number 
_ndb_struct_na_base_pair.pair_name 
_ndb_struct_na_base_pair.i_auth_asym_id 
_ndb_struct_na_base_pair.i_auth_seq_id 
_ndb_struct_na_base_pair.i_PDB_ins_code 
_ndb_struct_na_base_pair.j_auth_asym_id 
_ndb_struct_na_base_pair.j_auth_seq_id 
_ndb_struct_na_base_pair.j_PDB_ins_code 
_ndb_struct_na_base_pair.hbond_type_28 
_ndb_struct_na_base_pair.hbond_type_12 
1 A G   1 1_555 B NCU 9 1_555 -0.343 -0.098 -0.183 -10.833 1.503  -0.560 1  A_G1:NCU9_B A 1 ? B 9 ? 19 1 
1 A A   2 1_555 B NTT 8 1_555 -0.088 -0.123 0.029  -1.189  -5.052 6.317  2  A_A2:NTT8_B A 2 ? B 8 ? 20 1 
1 A A   3 1_555 B DT  7 1_555 -0.060 -0.168 -0.179 2.563   -2.946 3.394  3  A_A3:DT7_B  A 3 ? B 7 ? 20 1 
1 A G   4 1_555 B DC  6 1_555 -0.322 -0.137 -0.191 -2.440  -4.404 2.202  4  A_G4:DC6_B  A 4 ? B 6 ? 19 1 
1 A A   5 1_555 B DT  5 1_555 0.004  -0.168 -0.349 -7.014  -7.515 -1.191 5  A_A5:DT5_B  A 5 ? B 5 ? 20 1 
1 A A   6 1_555 B DT  4 1_555 0.130  -0.130 -0.279 -9.106  -4.353 -0.055 6  A_A6:DT4_B  A 6 ? B 4 ? 20 1 
1 A G   7 1_555 B DC  3 1_555 -0.199 -0.076 -0.286 -9.813  -3.210 1.846  7  A_G7:DC3_B  A 7 ? B 3 ? 19 1 
1 A A   8 1_555 B NTT 2 1_555 0.022  -0.087 -0.139 -0.473  3.212  -0.926 8  A_A8:NTT2_B A 8 ? B 2 ? 20 1 
1 A G   9 1_555 B NCU 1 1_555 -0.347 -0.041 0.057  19.895  1.513  0.868  9  A_G9:NCU1_B A 9 ? B 1 ? 19 1 
1 D NCU 1 1_555 C G   9 1_555 0.208  -0.129 -0.152 5.152   -8.707 -0.458 10 D_NCU1:G9_C D 1 ? C 9 ? 19 1 
1 D NTT 2 1_555 C A   8 1_555 -0.102 -0.121 -0.126 6.353   -8.258 0.051  11 D_NTT2:A8_C D 2 ? C 8 ? 20 1 
1 D DC  3 1_555 C G   7 1_555 0.261  -0.182 -0.059 2.933   -7.061 1.063  12 D_DC3:G7_C  D 3 ? C 7 ? 19 1 
1 D DT  4 1_555 C A   6 1_555 -0.085 -0.163 -0.059 4.421   -6.817 1.846  13 D_DT4:A6_C  D 4 ? C 6 ? 20 1 
1 D DT  5 1_555 C A   5 1_555 -0.005 -0.135 -0.335 11.814  -7.505 0.930  14 D_DT5:A5_C  D 5 ? C 5 ? 20 1 
1 D DC  6 1_555 C G   4 1_555 0.269  -0.188 -0.166 4.418   -6.989 2.729  15 D_DC6:G4_C  D 6 ? C 4 ? 19 1 
1 D DT  7 1_555 C A   3 1_555 0.027  -0.122 -0.156 3.142   -4.048 2.501  16 D_DT7:A3_C  D 7 ? C 3 ? 20 1 
1 D NTT 8 1_555 C A   2 1_555 0.140  -0.185 -0.116 3.019   -8.018 5.673  17 D_NTT8:A2_C D 8 ? C 2 ? 20 1 
1 D NCU 9 1_555 C G   1 1_555 0.294  -0.078 -0.073 3.743   -7.162 0.847  18 D_NCU9:G1_C D 9 ? C 1 ? 19 1 
# 
loop_
_ndb_struct_na_base_pair_step.model_number 
_ndb_struct_na_base_pair_step.i_label_asym_id_1 
_ndb_struct_na_base_pair_step.i_label_comp_id_1 
_ndb_struct_na_base_pair_step.i_label_seq_id_1 
_ndb_struct_na_base_pair_step.i_symmetry_1 
_ndb_struct_na_base_pair_step.j_label_asym_id_1 
_ndb_struct_na_base_pair_step.j_label_comp_id_1 
_ndb_struct_na_base_pair_step.j_label_seq_id_1 
_ndb_struct_na_base_pair_step.j_symmetry_1 
_ndb_struct_na_base_pair_step.i_label_asym_id_2 
_ndb_struct_na_base_pair_step.i_label_comp_id_2 
_ndb_struct_na_base_pair_step.i_label_seq_id_2 
_ndb_struct_na_base_pair_step.i_symmetry_2 
_ndb_struct_na_base_pair_step.j_label_asym_id_2 
_ndb_struct_na_base_pair_step.j_label_comp_id_2 
_ndb_struct_na_base_pair_step.j_label_seq_id_2 
_ndb_struct_na_base_pair_step.j_symmetry_2 
_ndb_struct_na_base_pair_step.shift 
_ndb_struct_na_base_pair_step.slide 
_ndb_struct_na_base_pair_step.rise 
_ndb_struct_na_base_pair_step.tilt 
_ndb_struct_na_base_pair_step.roll 
_ndb_struct_na_base_pair_step.twist 
_ndb_struct_na_base_pair_step.x_displacement 
_ndb_struct_na_base_pair_step.y_displacement 
_ndb_struct_na_base_pair_step.helical_rise 
_ndb_struct_na_base_pair_step.inclination 
_ndb_struct_na_base_pair_step.tip 
_ndb_struct_na_base_pair_step.helical_twist 
_ndb_struct_na_base_pair_step.step_number 
_ndb_struct_na_base_pair_step.step_name 
_ndb_struct_na_base_pair_step.i_auth_asym_id_1 
_ndb_struct_na_base_pair_step.i_auth_seq_id_1 
_ndb_struct_na_base_pair_step.i_PDB_ins_code_1 
_ndb_struct_na_base_pair_step.j_auth_asym_id_1 
_ndb_struct_na_base_pair_step.j_auth_seq_id_1 
_ndb_struct_na_base_pair_step.j_PDB_ins_code_1 
_ndb_struct_na_base_pair_step.i_auth_asym_id_2 
_ndb_struct_na_base_pair_step.i_auth_seq_id_2 
_ndb_struct_na_base_pair_step.i_PDB_ins_code_2 
_ndb_struct_na_base_pair_step.j_auth_asym_id_2 
_ndb_struct_na_base_pair_step.j_auth_seq_id_2 
_ndb_struct_na_base_pair_step.j_PDB_ins_code_2 
1 A G   1 1_555 B NCU 9 1_555 A A   2 1_555 B NTT 8 1_555 0.193  -2.024 3.109 -2.351 5.704 26.988 -5.455 -0.909 2.608 12.023 4.955 
27.671 1  AA_G1A2:NTT8NCU9_BB A 1 ? B 9 ? A 2 ? B 8 ? 
1 A A   2 1_555 B NTT 8 1_555 A A   3 1_555 B DT  7 1_555 -0.600 -1.765 3.251 -1.046 4.758 30.055 -4.271 0.942  2.961 9.099  2.001 
30.438 2  AA_A2A3:DT7NTT8_BB  A 2 ? B 8 ? A 3 ? B 7 ? 
1 A A   3 1_555 B DT  7 1_555 A G   4 1_555 B DC  6 1_555 0.070  -2.335 3.557 -1.135 1.161 26.238 -5.468 -0.482 3.446 2.554  2.498 
26.287 3  AA_A3G4:DC6DT7_BB   A 3 ? B 7 ? A 4 ? B 6 ? 
1 A G   4 1_555 B DC  6 1_555 A A   5 1_555 B DT  5 1_555 -0.909 -1.922 3.408 0.964  5.891 32.903 -4.305 1.738  3.001 10.295 
-1.685 33.426 4  AA_G4A5:DT5DC6_BB   A 4 ? B 6 ? A 5 ? B 5 ? 
1 A A   5 1_555 B DT  5 1_555 A A   6 1_555 B DT  4 1_555 0.406  -1.875 3.404 0.363  6.315 31.074 -4.580 -0.678 2.979 11.637 
-0.669 31.695 5  AA_A5A6:DT4DT5_BB   A 5 ? B 5 ? A 6 ? B 4 ? 
1 A A   6 1_555 B DT  4 1_555 A G   7 1_555 B DC  3 1_555 0.605  -2.354 3.462 1.845  3.786 25.693 -6.278 -0.830 3.124 8.441  
-4.114 26.031 6  AA_A6G7:DC3DT4_BB   A 6 ? B 4 ? A 7 ? B 3 ? 
1 A G   7 1_555 B DC  3 1_555 A A   8 1_555 B NTT 2 1_555 -1.106 -2.052 3.103 -1.026 8.282 27.813 -5.677 2.012  2.442 16.758 2.076 
29.015 7  AA_G7A8:NTT2DC3_BB  A 7 ? B 3 ? A 8 ? B 2 ? 
1 A A   8 1_555 B NTT 2 1_555 A G   9 1_555 B NCU 1 1_555 0.027  -1.440 2.919 -2.390 6.631 24.375 -4.881 -0.638 2.434 15.299 5.516 
25.359 8  AA_A8G9:NCU1NTT2_BB A 8 ? B 2 ? A 9 ? B 1 ? 
1 A G   9 1_555 B NCU 1 1_555 D NCU 1 1_555 C G   9 1_555 -0.756 -1.640 3.437 -4.216 4.855 81.937 -1.374 0.466  3.382 3.697  3.210 
82.144 9  AD_G9NCU1:G9NCU1_CB A 9 ? B 1 ? D 1 ? C 9 ? 
1 D NCU 1 1_555 C G   9 1_555 D NTT 2 1_555 C A   8 1_555 -0.376 -2.253 3.307 -1.897 2.268 29.047 -4.957 0.338  3.143 4.507  3.771 
29.194 10 DD_NCU1NTT2:A8G9_CC D 1 ? C 9 ? D 2 ? C 8 ? 
1 D NTT 2 1_555 C A   8 1_555 D DC  3 1_555 C G   7 1_555 0.235  -1.812 3.338 -0.086 6.210 33.028 -4.122 -0.421 2.958 10.804 0.149 
33.591 11 DD_NTT2DC3:G7A8_CC  D 2 ? C 8 ? D 3 ? C 7 ? 
1 D DC  3 1_555 C G   7 1_555 D DT  4 1_555 C A   6 1_555 -0.473 -1.943 3.255 -0.946 4.030 28.040 -4.859 0.757  2.967 8.260  1.938 
28.338 12 DD_DC3DT4:A6G7_CC   D 3 ? C 7 ? D 4 ? C 6 ? 
1 D DT  4 1_555 C A   6 1_555 D DT  5 1_555 C A   5 1_555 -0.214 -1.495 3.148 0.247  5.864 29.525 -3.982 0.459  2.804 11.364 
-0.478 30.090 13 DD_DT4DT5:A5A6_CC   D 4 ? C 6 ? D 5 ? C 5 ? 
1 D DT  5 1_555 C A   5 1_555 D DC  6 1_555 C G   4 1_555 0.476  -2.018 3.462 -1.614 7.951 32.789 -4.744 -1.077 2.882 13.823 2.806 
33.751 14 DD_DT5DC6:G4A5_CC   D 5 ? C 5 ? D 6 ? C 4 ? 
1 D DC  6 1_555 C G   4 1_555 D DT  7 1_555 C A   3 1_555 -0.434 -2.051 3.382 -0.722 4.326 27.634 -5.256 0.729  3.041 8.985  1.500 
27.973 15 DD_DC6DT7:A3G4_CC   D 6 ? C 4 ? D 7 ? C 3 ? 
1 D DT  7 1_555 C A   3 1_555 D NTT 8 1_555 C A   2 1_555 0.364  -1.600 3.311 0.994  5.304 30.802 -3.948 -0.492 3.011 9.889  
-1.853 31.260 16 DD_DT7NTT8:A2A3_CC  D 7 ? C 3 ? D 8 ? C 2 ? 
1 D NTT 8 1_555 C A   2 1_555 D NCU 9 1_555 C G   1 1_555 0.575  -2.197 3.191 3.702  7.003 31.566 -5.043 -0.435 2.702 12.626 
-6.674 32.520 17 DD_NTT8NCU9:G1A2_CC D 8 ? C 2 ? D 9 ? C 1 ? 
# 
_atom_sites.entry_id                    4U6K 
_atom_sites.fract_transf_matrix[1][1]   -0.00618378 
_atom_sites.fract_transf_matrix[1][2]   -0.00534246 
_atom_sites.fract_transf_matrix[1][3]   -0.02125197 
_atom_sites.fract_transf_matrix[2][1]   -0.01631059 
_atom_sites.fract_transf_matrix[2][2]   0.00046820 
_atom_sites.fract_transf_matrix[2][3]   0.00462827 
_atom_sites.fract_transf_matrix[3][1]   -0.00037351 
_atom_sites.fract_transf_matrix[3][2]   0.00948565 
_atom_sites.fract_transf_matrix[3][3]   -0.00227588 
_atom_sites.fract_transf_vector[1]      0.796147 
_atom_sites.fract_transf_vector[2]      0.351294 
_atom_sites.fract_transf_vector[3]      0.640911 
# 
loop_
_atom_type.symbol 
C  
CO 
N  
O  
P  
# 
loop_
_atom_site.group_PDB 
_atom_site.id 
_atom_site.type_symbol 
_atom_site.label_atom_id 
_atom_site.label_alt_id 
_atom_site.label_comp_id 
_atom_site.label_asym_id 
_atom_site.label_entity_id 
_atom_site.label_seq_id 
_atom_site.pdbx_PDB_ins_code 
_atom_site.Cartn_x 
_atom_site.Cartn_y 
_atom_site.Cartn_z 
_atom_site.occupancy 
_atom_site.B_iso_or_equiv 
_atom_site.pdbx_formal_charge 
_atom_site.auth_seq_id 
_atom_site.auth_comp_id 
_atom_site.auth_asym_id 
_atom_site.auth_atom_id 
_atom_site.pdbx_PDB_model_num 
ATOM   1    O  "O5'" . G   A 1 1 ? 13.474  -21.714 0.075   1.00 18.64 ? 1   G   A "O5'" 1 
ATOM   2    C  "C5'" . G   A 1 1 ? 14.441  -21.676 -0.974  1.00 16.98 ? 1   G   A "C5'" 1 
ATOM   3    C  "C4'" . G   A 1 1 ? 13.886  -22.266 -2.310  1.00 16.93 ? 1   G   A "C4'" 1 
ATOM   4    O  "O4'" . G   A 1 1 ? 13.510  -23.658 -2.113  1.00 15.49 ? 1   G   A "O4'" 1 
ATOM   5    C  "C3'" . G   A 1 1 ? 12.632  -21.608 -2.863  1.00 15.51 ? 1   G   A "C3'" 1 
ATOM   6    O  "O3'" . G   A 1 1 ? 12.878  -20.458 -3.592  1.00 16.12 ? 1   G   A "O3'" 1 
ATOM   7    C  "C2'" . G   A 1 1 ? 12.061  -22.727 -3.723  1.00 15.64 ? 1   G   A "C2'" 1 
ATOM   8    O  "O2'" . G   A 1 1 ? 12.738  -22.889 -4.953  1.00 17.26 ? 1   G   A "O2'" 1 
ATOM   9    C  "C1'" . G   A 1 1 ? 12.310  -23.933 -2.817  1.00 15.59 ? 1   G   A "C1'" 1 
ATOM   10   N  N9    . G   A 1 1 ? 11.238  -24.093 -1.842  1.00 15.12 ? 1   G   A N9    1 
ATOM   11   C  C8    . G   A 1 1 ? 11.291  -23.830 -0.494  1.00 16.23 ? 1   G   A C8    1 
ATOM   12   N  N7    . G   A 1 1 ? 10.157  -24.044 0.114   1.00 16.20 ? 1   G   A N7    1 
ATOM   13   C  C5    . G   A 1 1 ? 9.304   -24.481 -0.892  1.00 14.45 ? 1   G   A C5    1 
ATOM   14   C  C6    . G   A 1 1 ? 7.939   -24.858 -0.840  1.00 14.25 ? 1   G   A C6    1 
ATOM   15   O  O6    . G   A 1 1 ? 7.182   -24.874 0.135   1.00 14.09 ? 1   G   A O6    1 
ATOM   16   N  N1    . G   A 1 1 ? 7.467   -25.244 -2.091  1.00 13.14 ? 1   G   A N1    1 
ATOM   17   C  C2    . G   A 1 1 ? 8.209   -25.254 -3.248  1.00 13.49 ? 1   G   A C2    1 
ATOM   18   N  N2    . G   A 1 1 ? 7.573   -25.656 -4.358  1.00 14.41 ? 1   G   A N2    1 
ATOM   19   N  N3    . G   A 1 1 ? 9.482   -24.895 -3.310  1.00 15.13 ? 1   G   A N3    1 
ATOM   20   C  C4    . G   A 1 1 ? 9.962   -24.524 -2.104  1.00 14.98 ? 1   G   A C4    1 
ATOM   21   P  P     . A   A 1 2 ? 11.815  -19.252 -3.569  1.00 17.54 ? 2   A   A P     1 
ATOM   22   O  OP1   . A   A 1 2 ? 12.407  -17.993 -4.361  1.00 18.79 ? 2   A   A OP1   1 
ATOM   23   O  OP2   . A   A 1 2 ? 11.130  -19.055 -2.132  1.00 18.20 ? 2   A   A OP2   1 
ATOM   24   O  "O5'" . A   A 1 2 ? 10.561  -19.805 -4.453  1.00 15.29 ? 2   A   A "O5'" 1 
ATOM   25   C  "C5'" . A   A 1 2 ? 10.867  -20.217 -5.748  1.00 14.55 ? 2   A   A "C5'" 1 
ATOM   26   C  "C4'" . A   A 1 2 ? 9.626   -20.884 -6.405  1.00 14.39 ? 2   A   A "C4'" 1 
ATOM   27   O  "O4'" . A   A 1 2 ? 9.283   -22.101 -5.689  1.00 15.03 ? 2   A   A "O4'" 1 
ATOM   28   C  "C3'" . A   A 1 2 ? 8.348   -20.067 -6.381  1.00 14.90 ? 2   A   A "C3'" 1 
ATOM   29   O  "O3'" . A   A 1 2 ? 8.296   -19.095 -7.368  1.00 14.01 ? 2   A   A "O3'" 1 
ATOM   30   C  "C2'" . A   A 1 2 ? 7.299   -21.154 -6.568  1.00 14.21 ? 2   A   A "C2'" 1 
ATOM   31   O  "O2'" . A   A 1 2 ? 7.207   -21.600 -7.908  1.00 15.80 ? 2   A   A "O2'" 1 
ATOM   32   C  "C1'" . A   A 1 2 ? 7.873   -22.267 -5.687  1.00 13.67 ? 2   A   A "C1'" 1 
ATOM   33   N  N9    . A   A 1 2 ? 7.407   -22.186 -4.304  1.00 13.75 ? 2   A   A N9    1 
ATOM   34   C  C8    . A   A 1 2 ? 8.103   -21.753 -3.204  1.00 13.64 ? 2   A   A C8    1 
ATOM   35   N  N7    . A   A 1 2 ? 7.412   -21.795 -2.089  1.00 14.41 ? 2   A   A N7    1 
ATOM   36   C  C5    . A   A 1 2 ? 6.176   -22.290 -2.481  1.00 13.30 ? 2   A   A C5    1 
ATOM   37   C  C6    . A   A 1 2 ? 4.998   -22.574 -1.765  1.00 13.07 ? 2   A   A C6    1 
ATOM   38   N  N6    . A   A 1 2 ? 4.868   -22.403 -0.445  1.00 12.88 ? 2   A   A N6    1 
ATOM   39   N  N1    . A   A 1 2 ? 3.943   -23.051 -2.460  1.00 12.97 ? 2   A   A N1    1 
ATOM   40   C  C2    . A   A 1 2 ? 4.073   -23.233 -3.781  1.00 14.33 ? 2   A   A C2    1 
ATOM   41   N  N3    . A   A 1 2 ? 5.127   -23.009 -4.564  1.00 13.10 ? 2   A   A N3    1 
ATOM   42   C  C4    . A   A 1 2 ? 6.158   -22.532 -3.844  1.00 13.55 ? 2   A   A C4    1 
ATOM   43   P  P     . A   A 1 3 ? 7.501   -17.725 -7.101  1.00 17.09 ? 3   A   A P     1 
ATOM   44   O  OP1   . A   A 1 3 ? 7.847   -16.655 -8.241  1.00 17.37 ? 3   A   A OP1   1 
ATOM   45   O  OP2   . A   A 1 3 ? 7.500   -17.293 -5.556  1.00 16.49 ? 3   A   A OP2   1 
ATOM   46   O  "O5'" . A   A 1 3 ? 5.938   -18.128 -7.309  1.00 15.04 ? 3   A   A "O5'" 1 
ATOM   47   C  "C5'" . A   A 1 3 ? 5.562   -18.530 -8.586  1.00 15.40 ? 3   A   A "C5'" 1 
ATOM   48   C  "C4'" . A   A 1 3 ? 4.085   -19.010 -8.577  1.00 15.01 ? 3   A   A "C4'" 1 
ATOM   49   O  "O4'" . A   A 1 3 ? 3.968   -20.238 -7.803  1.00 14.49 ? 3   A   A "O4'" 1 
ATOM   50   C  "C3'" . A   A 1 3 ? 3.093   -18.069 -7.913  1.00 14.40 ? 3   A   A "C3'" 1 
ATOM   51   O  "O3'" . A   A 1 3 ? 2.703   -16.997 -8.702  1.00 15.24 ? 3   A   A "O3'" 1 
ATOM   52   C  "C2'" . A   A 1 3 ? 1.951   -19.029 -7.626  1.00 15.11 ? 3   A   A "C2'" 1 
ATOM   53   O  "O2'" . A   A 1 3 ? 1.241   -19.373 -8.800  1.00 15.27 ? 3   A   A "O2'" 1 
ATOM   54   C  "C1'" . A   A 1 3 ? 2.732   -20.236 -7.099  1.00 15.54 ? 3   A   A "C1'" 1 
ATOM   55   N  N9    . A   A 1 3 ? 3.019   -20.111 -5.671  1.00 14.26 ? 3   A   A N9    1 
ATOM   56   C  C8    . A   A 1 3 ? 4.189   -19.718 -5.071  1.00 12.33 ? 3   A   A C8    1 
ATOM   57   N  N7    . A   A 1 3 ? 4.121   -19.666 -3.760  1.00 14.27 ? 3   A   A N7    1 
ATOM   58   C  C5    . A   A 1 3 ? 2.820   -20.060 -3.480  1.00 13.27 ? 3   A   A C5    1 
ATOM   59   C  C6    . A   A 1 3 ? 2.113   -20.203 -2.270  1.00 13.05 ? 3   A   A C6    1 
ATOM   60   N  N6    . A   A 1 3 ? 2.640   -19.959 -1.070  1.00 13.11 ? 3   A   A N6    1 
ATOM   61   N  N1    . A   A 1 3 ? 0.827   -20.607 -2.342  1.00 12.52 ? 3   A   A N1    1 
ATOM   62   C  C2    . A   A 1 3 ? 0.296   -20.850 -3.544  1.00 13.85 ? 3   A   A C2    1 
ATOM   63   N  N3    . A   A 1 3 ? 0.856   -20.754 -4.749  1.00 13.43 ? 3   A   A N3    1 
ATOM   64   C  C4    . A   A 1 3 ? 2.132   -20.346 -4.645  1.00 13.89 ? 3   A   A C4    1 
ATOM   65   P  P     . G   A 1 4 ? 2.261   -15.610 -8.015  1.00 16.19 ? 4   G   A P     1 
ATOM   66   O  OP1   . G   A 1 4 ? 2.089   -14.500 -9.144  1.00 19.05 ? 4   G   A OP1   1 
ATOM   67   O  OP2   . G   A 1 4 ? 3.089   -15.286 -6.686  1.00 16.32 ? 4   G   A OP2   1 
ATOM   68   O  "O5'" . G   A 1 4 ? 0.765   -15.901 -7.421  1.00 16.70 ? 4   G   A "O5'" 1 
ATOM   69   C  "C5'" . G   A 1 4 ? -0.164  -16.387 -8.344  1.00 15.61 ? 4   G   A "C5'" 1 
ATOM   70   C  "C4'" . G   A 1 4 ? -1.418  -16.952 -7.608  1.00 15.19 ? 4   G   A "C4'" 1 
ATOM   71   O  "O4'" . G   A 1 4 ? -1.026  -18.033 -6.721  1.00 13.56 ? 4   G   A "O4'" 1 
ATOM   72   C  "C3'" . G   A 1 4 ? -2.163  -15.982 -6.707  1.00 15.02 ? 4   G   A "C3'" 1 
ATOM   73   O  "O3'" . G   A 1 4 ? -3.039  -15.161 -7.393  1.00 15.21 ? 4   G   A "O3'" 1 
ATOM   74   C  "C2'" . G   A 1 4 ? -2.902  -16.939 -5.787  1.00 13.53 ? 4   G   A "C2'" 1 
ATOM   75   O  "O2'" . G   A 1 4 ? -4.029  -17.525 -6.405  1.00 15.53 ? 4   G   A "O2'" 1 
ATOM   76   C  "C1'" . G   A 1 4 ? -1.830  -18.004 -5.552  1.00 14.13 ? 4   G   A "C1'" 1 
ATOM   77   N  N9    . G   A 1 4 ? -0.981  -17.688 -4.409  1.00 13.28 ? 4   G   A N9    1 
ATOM   78   C  C8    . G   A 1 4 ? 0.344   -17.327 -4.417  1.00 14.62 ? 4   G   A C8    1 
ATOM   79   N  N7    . G   A 1 4 ? 0.816   -17.081 -3.223  1.00 14.23 ? 4   G   A N7    1 
ATOM   80   C  C5    . G   A 1 4 ? -0.265  -17.301 -2.377  1.00 13.95 ? 4   G   A C5    1 
ATOM   81   C  C6    . G   A 1 4 ? -0.369  -17.189 -0.965  1.00 12.79 ? 4   G   A C6    1 
ATOM   82   O  O6    . G   A 1 4 ? 0.501   -16.866 -0.151  1.00 13.10 ? 4   G   A O6    1 
ATOM   83   N  N1    . G   A 1 4 ? -1.653  -17.502 -0.523  1.00 13.42 ? 4   G   A N1    1 
ATOM   84   C  C2    . G   A 1 4 ? -2.697  -17.877 -1.331  1.00 14.23 ? 4   G   A C2    1 
ATOM   85   N  N2    . G   A 1 4 ? -3.860  -18.148 -0.718  1.00 14.07 ? 4   G   A N2    1 
ATOM   86   N  N3    . G   A 1 4 ? -2.612  -17.984 -2.643  1.00 13.98 ? 4   G   A N3    1 
ATOM   87   C  C4    . G   A 1 4 ? -1.378  -17.680 -3.094  1.00 13.21 ? 4   G   A C4    1 
ATOM   88   P  P     . A   A 1 5 ? -3.356  -13.688 -6.835  1.00 16.60 ? 5   A   A P     1 
ATOM   89   O  OP1   . A   A 1 5 ? -4.085  -12.827 -7.964  1.00 18.06 ? 5   A   A OP1   1 
ATOM   90   O  OP2   . A   A 1 5 ? -2.132  -13.068 -6.015  1.00 16.69 ? 5   A   A OP2   1 
ATOM   91   O  "O5'" . A   A 1 5 ? -4.442  -13.924 -5.640  1.00 16.05 ? 5   A   A "O5'" 1 
ATOM   92   C  "C5'" . A   A 1 5 ? -5.664  -14.483 -6.004  1.00 14.75 ? 5   A   A "C5'" 1 
ATOM   93   C  "C4'" . A   A 1 5 ? -6.562  -14.641 -4.750  1.00 13.43 ? 5   A   A "C4'" 1 
ATOM   94   O  "O4'" . A   A 1 5 ? -5.997  -15.646 -3.865  1.00 13.81 ? 5   A   A "O4'" 1 
ATOM   95   C  "C3'" . A   A 1 5 ? -6.667  -13.406 -3.875  1.00 13.25 ? 5   A   A "C3'" 1 
ATOM   96   O  "O3'" . A   A 1 5 ? -7.556  -12.454 -4.337  1.00 14.26 ? 5   A   A "O3'" 1 
ATOM   97   C  "C2'" . A   A 1 5 ? -7.092  -14.025 -2.555  1.00 12.74 ? 5   A   A "C2'" 1 
ATOM   98   O  "O2'" . A   A 1 5 ? -8.444  -14.442 -2.588  1.00 14.16 ? 5   A   A "O2'" 1 
ATOM   99   C  "C1'" . A   A 1 5 ? -6.166  -15.242 -2.513  1.00 13.48 ? 5   A   A "C1'" 1 
ATOM   100  N  N9    . A   A 1 5 ? -4.845  -14.919 -1.971  1.00 12.71 ? 5   A   A N9    1 
ATOM   101  C  C8    . A   A 1 5 ? -3.678  -14.724 -2.668  1.00 13.63 ? 5   A   A C8    1 
ATOM   102  N  N7    . A   A 1 5 ? -2.650  -14.431 -1.907  1.00 12.23 ? 5   A   A N7    1 
ATOM   103  C  C5    . A   A 1 5 ? -3.175  -14.436 -0.623  1.00 12.73 ? 5   A   A C5    1 
ATOM   104  C  C6    . A   A 1 5 ? -2.596  -14.198 0.634   1.00 11.70 ? 5   A   A C6    1 
ATOM   105  N  N6    . A   A 1 5 ? -1.306  -13.894 0.811   1.00 11.63 ? 5   A   A N6    1 
ATOM   106  N  N1    . A   A 1 5 ? -3.396  -14.284 1.722   1.00 11.37 ? 5   A   A N1    1 
ATOM   107  C  C2    . A   A 1 5 ? -4.687  -14.589 1.543   1.00 12.76 ? 5   A   A C2    1 
ATOM   108  N  N3    . A   A 1 5 ? -5.348  -14.834 0.414   1.00 13.05 ? 5   A   A N3    1 
ATOM   109  C  C4    . A   A 1 5 ? -4.525  -14.739 -0.646  1.00 12.96 ? 5   A   A C4    1 
ATOM   110  P  P     . A   A 1 6 ? -7.218  -10.898 -4.154  1.00 15.07 ? 6   A   A P     1 
ATOM   111  O  OP1   . A   A 1 6 ? -8.325  -10.004 -4.879  1.00 18.28 ? 6   A   A OP1   1 
ATOM   112  O  OP2   . A   A 1 6 ? -5.653  -10.581 -4.357  1.00 16.02 ? 6   A   A OP2   1 
ATOM   113  O  "O5'" . A   A 1 6 ? -7.373  -10.635 -2.549  1.00 14.54 ? 6   A   A "O5'" 1 
ATOM   114  C  "C5'" . A   A 1 6 ? -8.645  -10.834 -2.012  1.00 13.79 ? 6   A   A "C5'" 1 
ATOM   115  C  "C4'" . A   A 1 6 ? -8.595  -10.690 -0.466  1.00 12.86 ? 6   A   A "C4'" 1 
ATOM   116  O  "O4'" . A   A 1 6 ? -7.776  -11.749 0.100   1.00 13.20 ? 6   A   A "O4'" 1 
ATOM   117  C  "C3'" . A   A 1 6 ? -7.933  -9.428  0.055   1.00 13.31 ? 6   A   A "C3'" 1 
ATOM   118  O  "O3'" . A   A 1 6 ? -8.694  -8.281  -0.055  1.00 11.92 ? 6   A   A "O3'" 1 
ATOM   119  C  "C2'" . A   A 1 6 ? -7.633  -9.841  1.487   1.00 12.55 ? 6   A   A "C2'" 1 
ATOM   120  O  "O2'" . A   A 1 6 ? -8.763  -9.857  2.337   1.00 12.24 ? 6   A   A "O2'" 1 
ATOM   121  C  "C1'" . A   A 1 6 ? -7.111  -11.261 1.258   1.00 13.37 ? 6   A   A "C1'" 1 
ATOM   122  N  N9    . A   A 1 6 ? -5.680  -11.215 0.981   1.00 13.56 ? 6   A   A N9    1 
ATOM   123  C  C8    . A   A 1 6 ? -5.028  -11.303 -0.224  1.00 14.44 ? 6   A   A C8    1 
ATOM   124  N  N7    . A   A 1 6 ? -3.729  -11.137 -0.134  1.00 15.30 ? 6   A   A N7    1 
ATOM   125  C  C5    . A   A 1 6 ? -3.513  -10.944 1.224   1.00 13.35 ? 6   A   A C5    1 
ATOM   126  C  C6    . A   A 1 6 ? -2.349  -10.695 1.975   1.00 12.44 ? 6   A   A C6    1 
ATOM   127  N  N6    . A   A 1 6 ? -1.132  -10.591 1.439   1.00 14.49 ? 6   A   A N6    1 
ATOM   128  N  N1    . A   A 1 6 ? -2.483  -10.550 3.311   1.00 11.92 ? 6   A   A N1    1 
ATOM   129  C  C2    . A   A 1 6 ? -3.705  -10.651 3.848   1.00 11.64 ? 6   A   A C2    1 
ATOM   130  N  N3    . A   A 1 6 ? -4.872  -10.878 3.248   1.00 13.21 ? 6   A   A N3    1 
ATOM   131  C  C4    . A   A 1 6 ? -4.703  -11.013 1.923   1.00 12.70 ? 6   A   A C4    1 
ATOM   132  P  P     . G   A 1 7 ? -7.977  -6.867  -0.289  1.00 13.58 ? 7   G   A P     1 
ATOM   133  O  OP1   . G   A 1 7 ? -9.074  -5.750  -0.579  1.00 14.34 ? 7   G   A OP1   1 
ATOM   134  O  OP2   . G   A 1 7 ? -6.689  -6.993  -1.235  1.00 14.37 ? 7   G   A OP2   1 
ATOM   135  O  "O5'" . G   A 1 7 ? -7.292  -6.515  1.150   1.00 11.87 ? 7   G   A "O5'" 1 
ATOM   136  C  "C5'" . G   A 1 7 ? -8.179  -6.522  2.226   1.00 9.70  ? 7   G   A "C5'" 1 
ATOM   137  C  "C4'" . G   A 1 7 ? -7.399  -6.448  3.561   1.00 10.89 ? 7   G   A "C4'" 1 
ATOM   138  O  "O4'" . G   A 1 7 ? -6.483  -7.568  3.655   1.00 11.03 ? 7   G   A "O4'" 1 
ATOM   139  C  "C3'" . G   A 1 7 ? -6.504  -5.240  3.737   1.00 10.89 ? 7   G   A "C3'" 1 
ATOM   140  O  "O3'" . G   A 1 7 ? -7.206  -4.105  4.096   1.00 10.58 ? 7   G   A "O3'" 1 
ATOM   141  C  "C2'" . G   A 1 7 ? -5.584  -5.733  4.843   1.00 10.22 ? 7   G   A "C2'" 1 
ATOM   142  O  "O2'" . G   A 1 7 ? -6.214  -5.743  6.106   1.00 12.15 ? 7   G   A "O2'" 1 
ATOM   143  C  "C1'" . G   A 1 7 ? -5.331  -7.170  4.380   1.00 9.87  ? 7   G   A "C1'" 1 
ATOM   144  N  N9    . G   A 1 7 ? -4.170  -7.253  3.501   1.00 10.22 ? 7   G   A N9    1 
ATOM   145  C  C8    . G   A 1 7 ? -4.143  -7.441  2.138   1.00 11.89 ? 7   G   A C8    1 
ATOM   146  N  N7    . G   A 1 7 ? -2.932  -7.423  1.642   1.00 11.40 ? 7   G   A N7    1 
ATOM   147  C  C5    . G   A 1 7 ? -2.113  -7.225  2.747   1.00 8.92  ? 7   G   A C5    1 
ATOM   148  C  C6    . G   A 1 7 ? -0.698  -7.108  2.844   1.00 10.73 ? 7   G   A C6    1 
ATOM   149  O  O6    . G   A 1 7 ? 0.147   -7.160  1.941   1.00 12.63 ? 7   G   A O6    1 
ATOM   150  N  N1    . G   A 1 7 ? -0.295  -6.906  4.161   1.00 11.24 ? 7   G   A N1    1 
ATOM   151  C  C2    . G   A 1 7 ? -1.133  -6.827  5.244   1.00 11.31 ? 7   G   A C2    1 
ATOM   152  N  N2    . G   A 1 7 ? -0.555  -6.629  6.438   1.00 12.66 ? 7   G   A N2    1 
ATOM   153  N  N3    . G   A 1 7 ? -2.446  -6.932  5.167   1.00 11.50 ? 7   G   A N3    1 
ATOM   154  C  C4    . G   A 1 7 ? -2.863  -7.127  3.900   1.00 10.06 ? 7   G   A C4    1 
ATOM   155  P  P     . A   A 1 8 ? -6.574  -2.653  3.834   1.00 13.05 ? 8   A   A P     1 
ATOM   156  O  OP1   . A   A 1 8 ? -7.680  -1.541  4.116   1.00 16.41 ? 8   A   A OP1   1 
ATOM   157  O  OP2   . A   A 1 8 ? -5.698  -2.600  2.498   1.00 14.56 ? 8   A   A OP2   1 
ATOM   158  O  "O5'" . A   A 1 8 ? -5.419  -2.493  4.972   1.00 13.94 ? 8   A   A "O5'" 1 
ATOM   159  C  "C5'" . A   A 1 8 ? -5.844  -2.442  6.293   1.00 13.17 ? 8   A   A "C5'" 1 
ATOM   160  C  "C4'" . A   A 1 8 ? -4.654  -2.061  7.210   1.00 14.28 ? 8   A   A "C4'" 1 
ATOM   161  O  "O4'" . A   A 1 8 ? -3.692  -3.149  7.251   1.00 14.49 ? 8   A   A "O4'" 1 
ATOM   162  C  "C3'" . A   A 1 8 ? -3.854  -0.861  6.742   1.00 14.66 ? 8   A   A "C3'" 1 
ATOM   163  O  "O3'" . A   A 1 8 ? -4.438  0.350   7.083   1.00 14.93 ? 8   A   A "O3'" 1 
ATOM   164  C  "C2'" . A   A 1 8 ? -2.526  -1.096  7.445   1.00 15.50 ? 8   A   A "C2'" 1 
ATOM   165  O  "O2'" . A   A 1 8 ? -2.592  -0.767  8.818   1.00 17.43 ? 8   A   A "O2'" 1 
ATOM   166  C  "C1'" . A   A 1 8 ? -2.377  -2.611  7.281   1.00 13.74 ? 8   A   A "C1'" 1 
ATOM   167  N  N9    . A   A 1 8 ? -1.704  -2.996  6.041   1.00 12.35 ? 8   A   A N9    1 
ATOM   168  C  C8    . A   A 1 8 ? -2.276  -3.356  4.847   1.00 11.57 ? 8   A   A C8    1 
ATOM   169  N  N7    . A   A 1 8 ? -1.408  -3.657  3.913   1.00 10.56 ? 8   A   A N7    1 
ATOM   170  C  C5    . A   A 1 8 ? -0.179  -3.478  4.533   1.00 10.63 ? 8   A   A C5    1 
ATOM   171  C  C6    . A   A 1 8 ? 1.135   -3.630  4.076   1.00 11.33 ? 8   A   A C6    1 
ATOM   172  N  N6    . A   A 1 8 ? 1.449   -4.004  2.836   1.00 12.17 ? 8   A   A N6    1 
ATOM   173  N  N1    . A   A 1 8 ? 2.137   -3.375  4.948   1.00 10.53 ? 8   A   A N1    1 
ATOM   174  C  C2    . A   A 1 8 ? 1.823   -2.988  6.186   1.00 12.29 ? 8   A   A C2    1 
ATOM   175  N  N3    . A   A 1 8 ? 0.625   -2.802  6.733   1.00 12.62 ? 8   A   A N3    1 
ATOM   176  C  C4    . A   A 1 8 ? -0.347  -3.070  5.843   1.00 10.98 ? 8   A   A C4    1 
ATOM   177  P  P     . G   A 1 9 ? -4.329  1.602   6.086   1.00 16.42 ? 9   G   A P     1 
ATOM   178  O  OP1   . G   A 1 9 ? -5.416  2.708   6.456   1.00 19.26 ? 9   G   A OP1   1 
ATOM   179  O  OP2   . G   A 1 9 ? -4.094  1.175   4.559   1.00 16.85 ? 9   G   A OP2   1 
ATOM   180  O  "O5'" . G   A 1 9 ? -2.887  2.273   6.434   1.00 15.69 ? 9   G   A "O5'" 1 
ATOM   181  C  "C5'" . G   A 1 9 ? -2.672  2.660   7.752   1.00 17.33 ? 9   G   A "C5'" 1 
ATOM   182  C  "C4'" . G   A 1 9 ? -1.152  2.856   7.994   1.00 16.03 ? 9   G   A "C4'" 1 
ATOM   183  O  "O4'" . G   A 1 9 ? -0.491  1.574   7.832   1.00 15.61 ? 9   G   A "O4'" 1 
ATOM   184  C  "C3'" . G   A 1 9 ? -0.465  3.754   6.978   1.00 15.68 ? 9   G   A "C3'" 1 
ATOM   185  O  "O3'" . G   A 1 9 ? -0.714  5.162   7.115   1.00 17.83 ? 9   G   A "O3'" 1 
ATOM   186  C  "C2'" . G   A 1 9 ? 0.977   3.275   7.050   1.00 15.93 ? 9   G   A "C2'" 1 
ATOM   187  O  "O2'" . G   A 1 9 ? 1.676   3.830   8.144   1.00 17.89 ? 9   G   A "O2'" 1 
ATOM   188  C  "C1'" . G   A 1 9 ? 0.784   1.768   7.245   1.00 14.46 ? 9   G   A "C1'" 1 
ATOM   189  N  N9    . G   A 1 9 ? 0.824   1.040   5.981   1.00 13.54 ? 9   G   A N9    1 
ATOM   190  C  C8    . G   A 1 9 ? -0.238  0.699   5.176   1.00 12.87 ? 9   G   A C8    1 
ATOM   191  N  N7    . G   A 1 9 ? 0.129   0.096   4.076   1.00 11.88 ? 9   G   A N7    1 
ATOM   192  C  C5    . G   A 1 9 ? 1.512   0.027   4.168   1.00 10.74 ? 9   G   A C5    1 
ATOM   193  C  C6    . G   A 1 9 ? 2.469   -0.500  3.265   1.00 10.38 ? 9   G   A C6    1 
ATOM   194  O  O6    . G   A 1 9 ? 2.280   -1.023  2.155   1.00 12.04 ? 9   G   A O6    1 
ATOM   195  N  N1    . G   A 1 9 ? 3.765   -0.367  3.758   1.00 11.63 ? 9   G   A N1    1 
ATOM   196  C  C2    . G   A 1 9 ? 4.095   0.206   4.960   1.00 11.24 ? 9   G   A C2    1 
ATOM   197  N  N2    . G   A 1 9 ? 5.400   0.244   5.265   1.00 10.99 ? 9   G   A N2    1 
ATOM   198  N  N3    . G   A 1 9 ? 3.215   0.709   5.805   1.00 11.72 ? 9   G   A N3    1 
ATOM   199  C  C4    . G   A 1 9 ? 1.952   0.588   5.347   1.00 12.39 ? 9   G   A C4    1 
HETATM 200  N  N1    . NCU B 2 1 ? 8.181   -0.449  1.132   1.00 14.46 ? 1   NCU B N1    1 
HETATM 201  C  C7    . NCU B 2 1 ? 6.415   -1.663  -1.990  1.00 17.51 ? 1   NCU B C7    1 
HETATM 202  C  C6    . NCU B 2 1 ? 7.908   -0.858  -0.175  1.00 14.83 ? 1   NCU B C6    1 
HETATM 203  C  C5    . NCU B 2 1 ? 6.652   -1.236  -0.599  1.00 14.04 ? 1   NCU B C5    1 
HETATM 204  C  C4    . NCU B 2 1 ? 5.577   -1.188  0.411   1.00 13.75 ? 1   NCU B C4    1 
HETATM 205  C  C2    . NCU B 2 1 ? 7.092   -0.424  2.105   1.00 16.13 ? 1   NCU B C2    1 
HETATM 206  O  O2    . NCU B 2 1 ? 7.350   -0.066  3.265   1.00 14.05 ? 1   NCU B O2    1 
HETATM 207  O  "O5'" . NCU B 2 1 ? 10.918  -1.656  -1.737  1.00 20.31 ? 1   NCU B "O5'" 1 
HETATM 208  N  N3    . NCU B 2 1 ? 5.799   -0.800  1.698   1.00 13.72 ? 1   NCU B N3    1 
HETATM 209  N  N4    . NCU B 2 1 ? 4.257   -1.570  0.009   1.00 13.95 ? 1   NCU B N4    1 
HETATM 210  C  "C2'" . NCU B 2 1 ? 10.262  -1.154  2.398   1.00 16.51 ? 1   NCU B "C2'" 1 
HETATM 211  C  "C5'" . NCU B 2 1 ? 11.996  -1.123  -0.956  1.00 18.85 ? 1   NCU B "C5'" 1 
HETATM 212  C  "C4'" . NCU B 2 1 ? 11.495  -0.747  0.479   1.00 17.54 ? 1   NCU B "C4'" 1 
HETATM 213  O  "O4'" . NCU B 2 1 ? 10.373  0.159   0.375   1.00 17.66 ? 1   NCU B "O4'" 1 
HETATM 214  C  "C1'" . NCU B 2 1 ? 9.525   -0.052  1.547   1.00 15.76 ? 1   NCU B "C1'" 1 
HETATM 215  C  "C3'" . NCU B 2 1 ? 10.931  -1.937  1.263   1.00 17.97 ? 1   NCU B "C3'" 1 
HETATM 216  O  "O3'" . NCU B 2 1 ? 11.981  -2.778  1.738   1.00 18.12 ? 1   NCU B "O3'" 1 
HETATM 217  O  "O2'" . NCU B 2 1 ? 11.285  -0.571  3.240   1.00 18.00 ? 1   NCU B "O2'" 1 
HETATM 218  C  "C6'" . NCU B 2 1 ? 12.613  -0.059  1.313   1.00 18.39 ? 1   NCU B "C6'" 1 
HETATM 219  N  "N6'" . NCU B 2 1 ? 12.119  0.343   2.643   1.00 19.47 ? 1   NCU B "N6'" 1 
HETATM 220  C  "C7'" . NCU B 2 1 ? 13.232  0.600   3.559   1.00 20.31 ? 1   NCU B "C7'" 1 
HETATM 221  P  P     . NTT B 2 2 ? 11.757  -4.298  1.923   1.00 19.57 ? 2   NTT B P     1 
HETATM 222  O  OP1   . NTT B 2 2 ? 13.213  -4.677  2.163   1.00 21.27 ? 2   NTT B OP1   1 
HETATM 223  O  OP2   . NTT B 2 2 ? 10.866  -4.814  0.799   1.00 21.46 ? 2   NTT B OP2   1 
HETATM 224  O  "O5'" . NTT B 2 2 ? 10.796  -4.149  3.241   1.00 17.52 ? 2   NTT B "O5'" 1 
HETATM 225  N  N1    . NTT B 2 2 ? 7.174   -3.421  4.864   1.00 13.13 ? 2   NTT B N1    1 
HETATM 226  C  C6    . NTT B 2 2 ? 7.543   -3.763  3.543   1.00 12.66 ? 2   NTT B C6    1 
HETATM 227  C  C2    . NTT B 2 2 ? 5.803   -3.298  5.217   1.00 12.55 ? 2   NTT B C2    1 
HETATM 228  O  O2    . NTT B 2 2 ? 5.450   -3.009  6.370   1.00 12.24 ? 2   NTT B O2    1 
HETATM 229  N  N3    . NTT B 2 2 ? 4.850   -3.524  4.203   1.00 13.05 ? 2   NTT B N3    1 
HETATM 230  C  C4    . NTT B 2 2 ? 5.182   -3.868  2.864   1.00 14.37 ? 2   NTT B C4    1 
HETATM 231  O  O4    . NTT B 2 2 ? 4.247   -4.043  2.070   1.00 14.11 ? 2   NTT B O4    1 
HETATM 232  C  C5    . NTT B 2 2 ? 6.629   -3.990  2.546   1.00 12.64 ? 2   NTT B C5    1 
HETATM 233  C  C7    . NTT B 2 2 ? 7.033   -4.358  1.171   1.00 13.80 ? 2   NTT B C7    1 
HETATM 234  C  "C2'" . NTT B 2 2 ? 8.424   -4.575  6.589   1.00 15.73 ? 2   NTT B "C2'" 1 
HETATM 235  C  "C5'" . NTT B 2 2 ? 11.457  -3.973  4.488   1.00 16.56 ? 2   NTT B "C5'" 1 
HETATM 236  C  "C4'" . NTT B 2 2 ? 10.403  -3.970  5.623   1.00 15.69 ? 2   NTT B "C4'" 1 
HETATM 237  O  "O4'" . NTT B 2 2 ? 9.498   -2.875  5.308   1.00 13.59 ? 2   NTT B "O4'" 1 
HETATM 238  C  "C1'" . NTT B 2 2 ? 8.198   -3.208  5.889   1.00 13.59 ? 2   NTT B "C1'" 1 
HETATM 239  C  "C3'" . NTT B 2 2 ? 9.476   -5.182  5.651   1.00 15.98 ? 2   NTT B "C3'" 1 
HETATM 240  O  "O3'" . NTT B 2 2 ? 10.086  -6.348  6.182   1.00 17.58 ? 2   NTT B "O3'" 1 
HETATM 241  O  "O2'" . NTT B 2 2 ? 8.960   -4.450  7.896   1.00 14.77 ? 2   NTT B "O2'" 1 
HETATM 242  C  "C6'" . NTT B 2 2 ? 11.073  -3.679  6.998   1.00 15.91 ? 2   NTT B "C6'" 1 
HETATM 243  N  "N6'" . NTT B 2 2 ? 9.976   -3.493  8.028   1.00 16.24 ? 2   NTT B "N6'" 1 
HETATM 244  C  "C7'" . NTT B 2 2 ? 10.596  -3.426  9.442   1.00 18.55 ? 2   NTT B "C7'" 1 
ATOM   245  P  P     . DC  B 2 3 ? 9.511   -7.793  5.744   1.00 19.77 ? 3   DC  B P     1 
ATOM   246  O  OP1   . DC  B 2 3 ? 10.475  -8.980  6.209   1.00 19.51 ? 3   DC  B OP1   1 
ATOM   247  O  OP2   . DC  B 2 3 ? 8.911   -7.774  4.247   1.00 20.37 ? 3   DC  B OP2   1 
ATOM   248  O  "O5'" . DC  B 2 3 ? 8.129   -7.968  6.604   1.00 16.83 ? 3   DC  B "O5'" 1 
ATOM   249  C  "C5'" . DC  B 2 3 ? 8.119   -7.738  8.008   1.00 16.19 ? 3   DC  B "C5'" 1 
ATOM   250  C  "C4'" . DC  B 2 3 ? 6.704   -7.541  8.495   1.00 13.65 ? 3   DC  B "C4'" 1 
ATOM   251  O  "O4'" . DC  B 2 3 ? 6.091   -6.427  7.805   1.00 14.78 ? 3   DC  B "O4'" 1 
ATOM   252  C  "C3'" . DC  B 2 3 ? 5.741   -8.694  8.252   1.00 14.48 ? 3   DC  B "C3'" 1 
ATOM   253  O  "O3'" . DC  B 2 3 ? 5.932   -9.717  9.230   1.00 13.87 ? 3   DC  B "O3'" 1 
ATOM   254  C  "C2'" . DC  B 2 3 ? 4.411   -7.991  8.427   1.00 13.24 ? 3   DC  B "C2'" 1 
ATOM   255  C  "C1'" . DC  B 2 3 ? 4.680   -6.667  7.708   1.00 13.56 ? 3   DC  B "C1'" 1 
ATOM   256  N  N1    . DC  B 2 3 ? 4.315   -6.738  6.286   1.00 11.82 ? 3   DC  B N1    1 
ATOM   257  C  C2    . DC  B 2 3 ? 2.965   -6.611  5.951   1.00 11.70 ? 3   DC  B C2    1 
ATOM   258  O  O2    . DC  B 2 3 ? 2.151   -6.387  6.852   1.00 12.27 ? 3   DC  B O2    1 
ATOM   259  N  N3    . DC  B 2 3 ? 2.585   -6.734  4.662   1.00 11.94 ? 3   DC  B N3    1 
ATOM   260  C  C4    . DC  B 2 3 ? 3.497   -6.964  3.718   1.00 12.06 ? 3   DC  B C4    1 
ATOM   261  N  N4    . DC  B 2 3 ? 3.071   -7.097  2.461   1.00 12.97 ? 3   DC  B N4    1 
ATOM   262  C  C5    . DC  B 2 3 ? 4.888   -7.074  4.025   1.00 12.82 ? 3   DC  B C5    1 
ATOM   263  C  C6    . DC  B 2 3 ? 5.249   -6.951  5.310   1.00 12.96 ? 3   DC  B C6    1 
ATOM   264  P  P     . DT  B 2 4 ? 5.341   -11.189 8.975   1.00 16.15 ? 4   DT  B P     1 
ATOM   265  O  OP1   . DT  B 2 4 ? 5.823   -12.177 10.129  1.00 16.16 ? 4   DT  B OP1   1 
ATOM   266  O  OP2   . DT  B 2 4 ? 5.443   -11.625 7.444   1.00 15.95 ? 4   DT  B OP2   1 
ATOM   267  O  "O5'" . DT  B 2 4 ? 3.737   -11.007 9.177   1.00 14.80 ? 4   DT  B "O5'" 1 
ATOM   268  C  "C5'" . DT  B 2 4 ? 3.218   -10.587 10.433  1.00 14.78 ? 4   DT  B "C5'" 1 
ATOM   269  C  "C4'" . DT  B 2 4 ? 1.715   -10.485 10.361  1.00 14.00 ? 4   DT  B "C4'" 1 
ATOM   270  O  "O4'" . DT  B 2 4 ? 1.337   -9.490  9.386   1.00 15.18 ? 4   DT  B "O4'" 1 
ATOM   271  C  "C3'" . DT  B 2 4 ? 1.032   -11.755 9.881   1.00 14.75 ? 4   DT  B "C3'" 1 
ATOM   272  O  "O3'" . DT  B 2 4 ? 0.873   -12.683 10.954  1.00 15.30 ? 4   DT  B "O3'" 1 
ATOM   273  C  "C2'" . DT  B 2 4 ? -0.294  -11.217 9.385   1.00 13.84 ? 4   DT  B "C2'" 1 
ATOM   274  C  "C1'" . DT  B 2 4 ? 0.135   -9.909  8.730   1.00 13.99 ? 4   DT  B "C1'" 1 
ATOM   275  N  N1    . DT  B 2 4 ? 0.414   -10.038 7.288   1.00 13.43 ? 4   DT  B N1    1 
ATOM   276  C  C2    . DT  B 2 4 ? -0.669  -10.061 6.440   1.00 12.49 ? 4   DT  B C2    1 
ATOM   277  O  O2    . DT  B 2 4 ? -1.820  -10.017 6.841   1.00 14.73 ? 4   DT  B O2    1 
ATOM   278  N  N3    . DT  B 2 4 ? -0.356  -10.145 5.105   1.00 12.66 ? 4   DT  B N3    1 
ATOM   279  C  C4    . DT  B 2 4 ? 0.906   -10.220 4.548   1.00 11.90 ? 4   DT  B C4    1 
ATOM   280  O  O4    . DT  B 2 4 ? 1.032   -10.262 3.328   1.00 13.26 ? 4   DT  B O4    1 
ATOM   281  C  C5    . DT  B 2 4 ? 1.998   -10.229 5.500   1.00 12.60 ? 4   DT  B C5    1 
ATOM   282  C  C7    . DT  B 2 4 ? 3.400   -10.356 4.992   1.00 14.71 ? 4   DT  B C7    1 
ATOM   283  C  C6    . DT  B 2 4 ? 1.702   -10.130 6.804   1.00 14.43 ? 4   DT  B C6    1 
ATOM   284  P  P     . DT  B 2 5 ? 0.728   -14.246 10.630  1.00 16.26 ? 5   DT  B P     1 
ATOM   285  O  OP1   . DT  B 2 5 ? 0.690   -15.095 11.986  1.00 17.00 ? 5   DT  B OP1   1 
ATOM   286  O  OP2   . DT  B 2 5 ? 1.656   -14.707 9.407   1.00 16.70 ? 5   DT  B OP2   1 
ATOM   287  O  "O5'" . DT  B 2 5 ? -0.757  -14.380 9.965   1.00 14.14 ? 5   DT  B "O5'" 1 
ATOM   288  C  "C5'" . DT  B 2 5 ? -1.919  -14.109 10.738  1.00 14.39 ? 5   DT  B "C5'" 1 
ATOM   289  C  "C4'" . DT  B 2 5 ? -3.153  -14.273 9.886   1.00 13.97 ? 5   DT  B "C4'" 1 
ATOM   290  O  "O4'" . DT  B 2 5 ? -3.181  -13.268 8.852   1.00 13.86 ? 5   DT  B "O4'" 1 
ATOM   291  C  "C3'" . DT  B 2 5 ? -3.230  -15.585 9.121   1.00 14.72 ? 5   DT  B "C3'" 1 
ATOM   292  O  "O3'" . DT  B 2 5 ? -3.677  -16.650 9.960   1.00 14.76 ? 5   DT  B "O3'" 1 
ATOM   293  C  "C2'" . DT  B 2 5 ? -4.239  -15.237 8.048   1.00 13.25 ? 5   DT  B "C2'" 1 
ATOM   294  C  "C1'" . DT  B 2 5 ? -3.811  -13.813 7.691   1.00 13.88 ? 5   DT  B "C1'" 1 
ATOM   295  N  N1    . DT  B 2 5 ? -2.843  -13.770 6.576   1.00 10.17 ? 5   DT  B N1    1 
ATOM   296  C  C2    . DT  B 2 5 ? -3.355  -13.813 5.305   1.00 12.32 ? 5   DT  B C2    1 
ATOM   297  O  O2    . DT  B 2 5 ? -4.550  -13.915 5.074   1.00 12.41 ? 5   DT  B O2    1 
ATOM   298  N  N3    . DT  B 2 5 ? -2.418  -13.744 4.304   1.00 9.96  ? 5   DT  B N3    1 
ATOM   299  C  C4    . DT  B 2 5 ? -1.048  -13.651 4.452   1.00 11.68 ? 5   DT  B C4    1 
ATOM   300  O  O4    . DT  B 2 5 ? -0.333  -13.578 3.454   1.00 11.00 ? 5   DT  B O4    1 
ATOM   301  C  C5    . DT  B 2 5 ? -0.574  -13.644 5.817   1.00 11.14 ? 5   DT  B C5    1 
ATOM   302  C  C7    . DT  B 2 5 ? 0.898   -13.593 6.072   1.00 12.36 ? 5   DT  B C7    1 
ATOM   303  C  C6    . DT  B 2 5 ? -1.484  -13.693 6.801   1.00 12.39 ? 5   DT  B C6    1 
ATOM   304  P  P     . DC  B 2 6 ? -3.172  -18.146 9.676   1.00 17.23 ? 6   DC  B P     1 
ATOM   305  O  OP1   . DC  B 2 6 ? -3.837  -19.149 10.729  1.00 17.05 ? 6   DC  B OP1   1 
ATOM   306  O  OP2   . DC  B 2 6 ? -1.599  -18.222 9.367   1.00 17.41 ? 6   DC  B OP2   1 
ATOM   307  O  "O5'" . DC  B 2 6 ? -3.789  -18.519 8.218   1.00 14.74 ? 6   DC  B "O5'" 1 
ATOM   308  C  "C5'" . DC  B 2 6 ? -5.192  -18.638 8.053   1.00 15.05 ? 6   DC  B "C5'" 1 
ATOM   309  C  "C4'" . DC  B 2 6 ? -5.541  -18.732 6.588   1.00 12.48 ? 6   DC  B "C4'" 1 
ATOM   310  O  "O4'" . DC  B 2 6 ? -5.168  -17.534 5.873   1.00 13.68 ? 6   DC  B "O4'" 1 
ATOM   311  C  "C3'" . DC  B 2 6 ? -4.854  -19.830 5.797   1.00 14.26 ? 6   DC  B "C3'" 1 
ATOM   312  O  "O3'" . DC  B 2 6 ? -5.384  -21.117 6.108   1.00 12.53 ? 6   DC  B "O3'" 1 
ATOM   313  C  "C2'" . DC  B 2 6 ? -5.194  -19.391 4.389   1.00 12.28 ? 6   DC  B "C2'" 1 
ATOM   314  C  "C1'" . DC  B 2 6 ? -4.981  -17.879 4.496   1.00 13.31 ? 6   DC  B "C1'" 1 
ATOM   315  N  N1    . DC  B 2 6 ? -3.612  -17.518 4.100   1.00 11.17 ? 6   DC  B N1    1 
ATOM   316  C  C2    . DC  B 2 6 ? -3.324  -17.479 2.737   1.00 11.31 ? 6   DC  B C2    1 
ATOM   317  O  O2    . DC  B 2 6 ? -4.247  -17.686 1.931   1.00 13.10 ? 6   DC  B O2    1 
ATOM   318  N  N3    . DC  B 2 6 ? -2.060  -17.218 2.331   1.00 11.07 ? 6   DC  B N3    1 
ATOM   319  C  C4    . DC  B 2 6 ? -1.103  -16.999 3.236   1.00 11.37 ? 6   DC  B C4    1 
ATOM   320  N  N4    . DC  B 2 6 ? 0.140   -16.776 2.792   1.00 13.67 ? 6   DC  B N4    1 
ATOM   321  C  C5    . DC  B 2 6 ? -1.375  -17.004 4.638   1.00 10.88 ? 6   DC  B C5    1 
ATOM   322  C  C6    . DC  B 2 6 ? -2.636  -17.263 5.021   1.00 11.77 ? 6   DC  B C6    1 
ATOM   323  P  P     . DT  B 2 7 ? -4.604  -22.435 5.622   1.00 14.14 ? 7   DT  B P     1 
ATOM   324  O  OP1   . DT  B 2 7 ? -5.376  -23.738 6.123   1.00 14.88 ? 7   DT  B OP1   1 
ATOM   325  O  OP2   . DT  B 2 7 ? -3.024  -22.301 5.826   1.00 15.28 ? 7   DT  B OP2   1 
ATOM   326  O  "O5'" . DT  B 2 7 ? -4.721  -22.413 3.996   1.00 13.14 ? 7   DT  B "O5'" 1 
ATOM   327  C  "C5'" . DT  B 2 7 ? -5.994  -22.474 3.361   1.00 14.19 ? 7   DT  B "C5'" 1 
ATOM   328  C  "C4'" . DT  B 2 7 ? -5.827  -22.475 1.861   1.00 14.04 ? 7   DT  B "C4'" 1 
ATOM   329  O  "O4'" . DT  B 2 7 ? -5.203  -21.249 1.423   1.00 14.15 ? 7   DT  B "O4'" 1 
ATOM   330  C  "C3'" . DT  B 2 7 ? -4.915  -23.560 1.314   1.00 14.22 ? 7   DT  B "C3'" 1 
ATOM   331  O  "O3'" . DT  B 2 7 ? -5.614  -24.792 1.196   1.00 15.04 ? 7   DT  B "O3'" 1 
ATOM   332  C  "C2'" . DT  B 2 7 ? -4.575  -23.002 -0.050  1.00 14.06 ? 7   DT  B "C2'" 1 
ATOM   333  C  "C1'" . DT  B 2 7 ? -4.404  -21.521 0.268   1.00 12.44 ? 7   DT  B "C1'" 1 
ATOM   334  N  N1    . DT  B 2 7 ? -3.010  -21.174 0.582   1.00 12.62 ? 7   DT  B N1    1 
ATOM   335  C  C2    . DT  B 2 7 ? -2.154  -21.032 -0.484  1.00 12.43 ? 7   DT  B C2    1 
ATOM   336  O  O2    . DT  B 2 7 ? -2.506  -21.193 -1.639  1.00 14.27 ? 7   DT  B O2    1 
ATOM   337  N  N3    . DT  B 2 7 ? -0.869  -20.700 -0.144  1.00 11.85 ? 7   DT  B N3    1 
ATOM   338  C  C4    . DT  B 2 7 ? -0.361  -20.507 1.127   1.00 12.26 ? 7   DT  B C4    1 
ATOM   339  O  O4    . DT  B 2 7 ? 0.818   -20.206 1.277   1.00 12.58 ? 7   DT  B O4    1 
ATOM   340  C  C5    . DT  B 2 7 ? -1.314  -20.685 2.202   1.00 12.04 ? 7   DT  B C5    1 
ATOM   341  C  C7    . DT  B 2 7 ? -0.854  -20.514 3.617   1.00 13.73 ? 7   DT  B C7    1 
ATOM   342  C  C6    . DT  B 2 7 ? -2.576  -21.002 1.879   1.00 13.23 ? 7   DT  B C6    1 
HETATM 343  P  P     . NTT B 2 8 ? -4.797  -26.171 1.237   1.00 15.16 ? 8   NTT B P     1 
HETATM 344  O  OP1   . NTT B 2 8 ? -5.776  -27.452 1.196   1.00 18.10 ? 8   NTT B OP1   1 
HETATM 345  O  OP2   . NTT B 2 8 ? -3.950  -26.375 2.431   1.00 16.02 ? 8   NTT B OP2   1 
HETATM 346  O  "O5'" . NTT B 2 8 ? -3.969  -26.248 -0.144  1.00 14.06 ? 8   NTT B "O5'" 1 
HETATM 347  N  N1    . NTT B 2 8 ? -0.687  -24.528 -1.917  1.00 12.60 ? 8   NTT B N1    1 
HETATM 348  C  C6    . NTT B 2 8 ? -0.988  -24.529 -0.537  1.00 13.03 ? 8   NTT B C6    1 
HETATM 349  C  C2    . NTT B 2 8 ? 0.602   -24.131 -2.372  1.00 13.71 ? 8   NTT B C2    1 
HETATM 350  O  O2    . NTT B 2 8 ? 0.889   -24.128 -3.587  1.00 13.07 ? 8   NTT B O2    1 
HETATM 351  N  N3    . NTT B 2 8 ? 1.545   -23.737 -1.409  1.00 13.25 ? 8   NTT B N3    1 
HETATM 352  C  C4    . NTT B 2 8 ? 1.288   -23.716 -0.009  1.00 12.97 ? 8   NTT B C4    1 
HETATM 353  O  O4    . NTT B 2 8 ? 2.215   -23.347 0.735   1.00 14.12 ? 8   NTT B O4    1 
HETATM 354  C  C5    . NTT B 2 8 ? -0.078  -24.149 0.420   1.00 12.72 ? 8   NTT B C5    1 
HETATM 355  C  C7    . NTT B 2 8 ? -0.415  -24.166 1.859   1.00 12.14 ? 8   NTT B C7    1 
HETATM 356  C  "C2'" . NTT B 2 8 ? -1.510  -26.418 -3.309  1.00 15.67 ? 8   NTT B "C2'" 1 
HETATM 357  C  "C5'" . NTT B 2 8 ? -4.692  -26.251 -1.361  1.00 14.30 ? 8   NTT B "C5'" 1 
HETATM 358  C  "C4'" . NTT B 2 8 ? -3.636  -26.167 -2.489  1.00 14.90 ? 8   NTT B "C4'" 1 
HETATM 359  O  "O4'" . NTT B 2 8 ? -3.050  -24.848 -2.391  1.00 14.80 ? 8   NTT B "O4'" 1 
HETATM 360  C  "C1'" . NTT B 2 8 ? -1.681  -24.934 -2.901  1.00 14.52 ? 8   NTT B "C1'" 1 
HETATM 361  C  "C3'" . NTT B 2 8 ? -2.455  -27.105 -2.295  1.00 15.84 ? 8   NTT B "C3'" 1 
HETATM 362  O  "O3'" . NTT B 2 8 ? -2.791  -28.452 -2.615  1.00 14.31 ? 8   NTT B "O3'" 1 
HETATM 363  O  "O2'" . NTT B 2 8 ? -1.972  -26.635 -4.617  1.00 16.64 ? 8   NTT B "O2'" 1 
HETATM 364  C  "C6'" . NTT B 2 8 ? -4.283  -26.282 -3.905  1.00 17.10 ? 8   NTT B "C6'" 1 
HETATM 365  N  "N6'" . NTT B 2 8 ? -3.242  -26.106 -5.092  1.00 17.40 ? 8   NTT B "N6'" 1 
HETATM 366  C  "C7'" . NTT B 2 8 ? -3.719  -27.031 -6.219  1.00 18.70 ? 8   NTT B "C7'" 1 
HETATM 367  N  N1    . NCU B 2 9 ? 3.045   -27.482 -3.195  1.00 12.66 ? 9   NCU B N1    1 
HETATM 368  C  C7    . NCU B 2 9 ? 1.792   -27.166 0.275   1.00 14.35 ? 9   NCU B C7    1 
HETATM 369  C  C6    . NCU B 2 9 ? 2.258   -27.543 -2.077  1.00 13.50 ? 9   NCU B C6    1 
HETATM 370  C  C5    . NCU B 2 9 ? 2.671   -27.015 -0.914  1.00 13.54 ? 9   NCU B C5    1 
HETATM 371  C  C4    . NCU B 2 9 ? 3.947   -26.384 -0.898  1.00 12.89 ? 9   NCU B C4    1 
HETATM 372  C  C2    . NCU B 2 9 ? 4.274   -26.831 -3.156  1.00 13.88 ? 9   NCU B C2    1 
HETATM 373  O  O2    . NCU B 2 9 ? 4.950   -26.771 -4.196  1.00 14.15 ? 9   NCU B O2    1 
HETATM 374  P  P     . NCU B 2 9 ? -1.962  -29.627 -1.900  1.00 16.74 ? 9   NCU B P     1 
HETATM 375  O  OP1   . NCU B 2 9 ? -2.599  -31.059 -2.236  1.00 18.46 ? 9   NCU B OP1   1 
HETATM 376  O  OP2   . NCU B 2 9 ? -1.546  -29.258 -0.404  1.00 17.30 ? 9   NCU B OP2   1 
HETATM 377  O  "O5'" . NCU B 2 9 ? -0.535  -29.688 -2.706  1.00 14.97 ? 9   NCU B "O5'" 1 
HETATM 378  N  N3    . NCU B 2 9 ? 4.701   -26.290 -1.995  1.00 12.46 ? 9   NCU B N3    1 
HETATM 379  N  N4    . NCU B 2 9 ? 4.432   -25.872 0.236   1.00 13.88 ? 9   NCU B N4    1 
HETATM 380  C  "C2'" . NCU B 2 9 ? 3.204   -29.546 -4.552  1.00 14.63 ? 9   NCU B "C2'" 1 
HETATM 381  C  "C5'" . NCU B 2 9 ? -0.498  -29.942 -4.103  1.00 15.29 ? 9   NCU B "C5'" 1 
HETATM 382  C  "C4'" . NCU B 2 9 ? 0.876   -29.632 -4.652  1.00 14.35 ? 9   NCU B "C4'" 1 
HETATM 383  O  "O4'" . NCU B 2 9 ? 1.213   -28.238 -4.478  1.00 14.56 ? 9   NCU B "O4'" 1 
HETATM 384  C  "C1'" . NCU B 2 9 ? 2.643   -28.125 -4.455  1.00 14.91 ? 9   NCU B "C1'" 1 
HETATM 385  C  "C3'" . NCU B 2 9 ? 2.047   -30.353 -4.006  1.00 14.55 ? 9   NCU B "C3'" 1 
HETATM 386  O  "O3'" . NCU B 2 9 ? 2.134   -31.766 -4.138  1.00 13.55 ? 9   NCU B "O3'" 1 
HETATM 387  O  "O2'" . NCU B 2 9 ? 3.348   -29.885 -5.962  1.00 15.74 ? 9   NCU B "O2'" 1 
HETATM 388  C  "C6'" . NCU B 2 9 ? 0.906   -29.869 -6.208  1.00 16.09 ? 9   NCU B "C6'" 1 
HETATM 389  N  "N6'" . NCU B 2 9 ? 2.256   -29.592 -6.825  1.00 15.22 ? 9   NCU B "N6'" 1 
HETATM 390  C  "C7'" . NCU B 2 9 ? 2.495   -30.336 -8.051  1.00 17.07 ? 9   NCU B "C7'" 1 
ATOM   391  O  "O5'" . G   C 1 1 ? 8.003   22.071  1.845   1.00 19.36 ? 1   G   C "O5'" 1 
ATOM   392  C  "C5'" . G   C 1 1 ? 8.820   22.340  2.984   1.00 17.85 ? 1   G   C "C5'" 1 
ATOM   393  C  "C4'" . G   C 1 1 ? 8.048   23.181  4.050   1.00 16.58 ? 1   G   C "C4'" 1 
ATOM   394  O  "O4'" . G   C 1 1 ? 7.725   24.492  3.507   1.00 16.04 ? 1   G   C "O4'" 1 
ATOM   395  C  "C3'" . G   C 1 1 ? 6.716   22.610  4.508   1.00 16.34 ? 1   G   C "C3'" 1 
ATOM   396  O  "O3'" . G   C 1 1 ? 6.816   21.666  5.516   1.00 18.18 ? 1   G   C "O3'" 1 
ATOM   397  C  "C2'" . G   C 1 1 ? 5.988   23.863  4.973   1.00 15.68 ? 1   G   C "C2'" 1 
ATOM   398  O  "O2'" . G   C 1 1 ? 6.427   24.302  6.239   1.00 16.24 ? 1   G   C "O2'" 1 
ATOM   399  C  "C1'" . G   C 1 1 ? 6.413   24.861  3.897   1.00 15.65 ? 1   G   C "C1'" 1 
ATOM   400  N  N9    . G   C 1 1 ? 5.554   24.805  2.720   1.00 14.24 ? 1   G   C N9    1 
ATOM   401  C  C8    . G   C 1 1 ? 5.900   24.395  1.453   1.00 14.04 ? 1   G   C C8    1 
ATOM   402  N  N7    . G   C 1 1 ? 4.901   24.430  0.614   1.00 13.53 ? 1   G   C N7    1 
ATOM   403  C  C5    . G   C 1 1 ? 3.833   24.894  1.371   1.00 13.76 ? 1   G   C C5    1 
ATOM   404  C  C6    . G   C 1 1 ? 2.483   25.136  1.009   1.00 15.35 ? 1   G   C C6    1 
ATOM   405  O  O6    . G   C 1 1 ? 1.941   24.981  -0.092  1.00 16.07 ? 1   G   C O6    1 
ATOM   406  N  N1    . G   C 1 1 ? 1.740   25.608  2.088   1.00 14.07 ? 1   G   C N1    1 
ATOM   407  C  C2    . G   C 1 1 ? 2.230   25.820  3.352   1.00 13.97 ? 1   G   C C2    1 
ATOM   408  N  N2    . G   C 1 1 ? 1.355   26.278  4.258   1.00 15.61 ? 1   G   C N2    1 
ATOM   409  N  N3    . G   C 1 1 ? 3.484   25.598  3.704   1.00 13.44 ? 1   G   C N3    1 
ATOM   410  C  C4    . G   C 1 1 ? 4.224   25.137  2.671   1.00 14.53 ? 1   G   C C4    1 
ATOM   411  P  P     . A   C 1 2 ? 5.676   20.550  5.671   1.00 19.82 ? 2   A   C P     1 
ATOM   412  O  OP1   . A   C 1 2 ? 6.046   19.533  6.847   1.00 20.29 ? 2   A   C OP1   1 
ATOM   413  O  OP2   . A   C 1 2 ? 5.181   20.001  4.245   1.00 20.93 ? 2   A   C OP2   1 
ATOM   414  O  "O5'" . A   C 1 2 ? 4.360   21.374  6.159   1.00 17.98 ? 2   A   C "O5'" 1 
ATOM   415  C  "C5'" . A   C 1 2 ? 4.385   21.909  7.443   1.00 18.91 ? 2   A   C "C5'" 1 
ATOM   416  C  "C4'" . A   C 1 2 ? 2.953   22.350  7.851   1.00 19.05 ? 2   A   C "C4'" 1 
ATOM   417  O  "O4'" . A   C 1 2 ? 2.532   23.455  7.004   1.00 18.57 ? 2   A   C "O4'" 1 
ATOM   418  C  "C3'" . A   C 1 2 ? 1.881   21.293  7.651   1.00 19.58 ? 2   A   C "C3'" 1 
ATOM   419  O  "O3'" . A   C 1 2 ? 1.793   20.387  8.692   1.00 19.85 ? 2   A   C "O3'" 1 
ATOM   420  C  "C2'" . A   C 1 2 ? 0.632   22.149  7.513   1.00 18.35 ? 2   A   C "C2'" 1 
ATOM   421  O  "O2'" . A   C 1 2 ? 0.181   22.653  8.756   1.00 21.94 ? 2   A   C "O2'" 1 
ATOM   422  C  "C1'" . A   C 1 2 ? 1.166   23.293  6.651   1.00 19.06 ? 2   A   C "C1'" 1 
ATOM   423  N  N9    . A   C 1 2 ? 1.094   23.032  5.212   1.00 17.56 ? 2   A   C N9    1 
ATOM   424  C  C8    . A   C 1 2 ? 2.118   22.673  4.370   1.00 16.60 ? 2   A   C C8    1 
ATOM   425  N  N7    . A   C 1 2 ? 1.751   22.535  3.119   1.00 17.96 ? 2   A   C N7    1 
ATOM   426  C  C5    . A   C 1 2 ? 0.393   22.819  3.137   1.00 17.03 ? 2   A   C C5    1 
ATOM   427  C  C6    . A   C 1 2 ? -0.581  22.854  2.122   1.00 16.67 ? 2   A   C C6    1 
ATOM   428  N  N6    . A   C 1 2 ? -0.324  22.610  0.837   1.00 17.96 ? 2   A   C N6    1 
ATOM   429  N  N1    . A   C 1 2 ? -1.847  23.159  2.480   1.00 17.77 ? 2   A   C N1    1 
ATOM   430  C  C2    . A   C 1 2 ? -2.106  23.416  3.767   1.00 16.96 ? 2   A   C C2    1 
ATOM   431  N  N3    . A   C 1 2 ? -1.276  23.424  4.808   1.00 17.66 ? 2   A   C N3    1 
ATOM   432  C  C4    . A   C 1 2 ? -0.028  23.115  4.422   1.00 17.11 ? 2   A   C C4    1 
ATOM   433  P  P     . A   C 1 3 ? 1.408   18.859  8.389   1.00 20.43 ? 3   A   C P     1 
ATOM   434  O  OP1   . A   C 1 3 ? 1.616   17.973  9.706   1.00 21.45 ? 3   A   C OP1   1 
ATOM   435  O  OP2   . A   C 1 3 ? 1.971   18.350  6.975   1.00 20.31 ? 3   A   C OP2   1 
ATOM   436  O  "O5'" . A   C 1 3 ? -0.196  18.895  8.101   1.00 19.81 ? 3   A   C "O5'" 1 
ATOM   437  C  "C5'" . A   C 1 3 ? -0.997  19.291  9.163   1.00 19.28 ? 3   A   C "C5'" 1 
ATOM   438  C  "C4'" . A   C 1 3 ? -2.458  19.472  8.679   1.00 19.33 ? 3   A   C "C4'" 1 
ATOM   439  O  "O4'" . A   C 1 3 ? -2.525  20.579  7.738   1.00 18.76 ? 3   A   C "O4'" 1 
ATOM   440  C  "C3'" . A   C 1 3 ? -3.028  18.306  7.892   1.00 19.14 ? 3   A   C "C3'" 1 
ATOM   441  O  "O3'" . A   C 1 3 ? -3.434  17.224  8.659   1.00 18.82 ? 3   A   C "O3'" 1 
ATOM   442  C  "C2'" . A   C 1 3 ? -4.174  18.986  7.164   1.00 18.91 ? 3   A   C "C2'" 1 
ATOM   443  O  "O2'" . A   C 1 3 ? -5.266  19.258  8.019   1.00 20.97 ? 3   A   C "O2'" 1 
ATOM   444  C  "C1'" . A   C 1 3 ? -3.494  20.290  6.737   1.00 18.39 ? 3   A   C "C1'" 1 
ATOM   445  N  N9    . A   C 1 3 ? -2.800  20.144  5.458   1.00 17.70 ? 3   A   C N9    1 
ATOM   446  C  C8    . A   C 1 3 ? -1.456  19.970  5.231   1.00 18.36 ? 3   A   C C8    1 
ATOM   447  N  N7    . A   C 1 3 ? -1.148  19.837  3.964   1.00 17.26 ? 3   A   C N7    1 
ATOM   448  C  C5    . A   C 1 3 ? -2.371  19.935  3.311   1.00 17.17 ? 3   A   C C5    1 
ATOM   449  C  C6    . A   C 1 3 ? -2.729  19.868  1.952   1.00 16.08 ? 3   A   C C6    1 
ATOM   450  N  N6    . A   C 1 3 ? -1.854  19.680  0.960   1.00 16.25 ? 3   A   C N6    1 
ATOM   451  N  N1    . A   C 1 3 ? -4.036  20.001  1.640   1.00 16.21 ? 3   A   C N1    1 
ATOM   452  C  C2    . A   C 1 3 ? -4.913  20.189  2.631   1.00 15.87 ? 3   A   C C2    1 
ATOM   453  N  N3    . A   C 1 3 ? -4.701  20.271  3.942   1.00 18.39 ? 3   A   C N3    1 
ATOM   454  C  C4    . A   C 1 3 ? -3.394  20.133  4.219   1.00 17.55 ? 3   A   C C4    1 
ATOM   455  P  P     . G   C 1 4 ? -3.286  15.732  8.077   1.00 19.92 ? 4   G   C P     1 
ATOM   456  O  OP1   . G   C 1 4 ? -3.593  14.654  9.221   1.00 21.49 ? 4   G   C OP1   1 
ATOM   457  O  OP2   . G   C 1 4 ? -1.997  15.569  7.130   1.00 20.64 ? 4   G   C OP2   1 
ATOM   458  O  "O5'" . G   C 1 4 ? -4.493  15.595  6.987   1.00 19.66 ? 4   G   C "O5'" 1 
ATOM   459  C  "C5'" . G   C 1 4 ? -5.771  15.881  7.467   1.00 20.10 ? 4   G   C "C5'" 1 
ATOM   460  C  "C4'" . G   C 1 4 ? -6.760  16.070  6.282   1.00 20.04 ? 4   G   C "C4'" 1 
ATOM   461  O  "O4'" . G   C 1 4 ? -6.317  17.179  5.454   1.00 19.99 ? 4   G   C "O4'" 1 
ATOM   462  C  "C3'" . G   C 1 4 ? -6.860  14.917  5.301   1.00 19.73 ? 4   G   C "C3'" 1 
ATOM   463  O  "O3'" . G   C 1 4 ? -7.649  13.872  5.738   1.00 20.73 ? 4   G   C "O3'" 1 
ATOM   464  C  "C2'" . G   C 1 4 ? -7.459  15.616  4.094   1.00 18.76 ? 4   G   C "C2'" 1 
ATOM   465  O  "O2'" . G   C 1 4 ? -8.839  15.874  4.240   1.00 20.62 ? 4   G   C "O2'" 1 
ATOM   466  C  "C1'" . G   C 1 4 ? -6.674  16.929  4.105   1.00 19.12 ? 4   G   C "C1'" 1 
ATOM   467  N  N9    . G   C 1 4 ? -5.455  16.819  3.313   1.00 17.10 ? 4   G   C N9    1 
ATOM   468  C  C8    . G   C 1 4 ? -4.157  16.728  3.760   1.00 16.25 ? 4   G   C C8    1 
ATOM   469  N  N7    . G   C 1 4 ? -3.290  16.605  2.787   1.00 16.67 ? 4   G   C N7    1 
ATOM   470  C  C5    . G   C 1 4 ? -4.066  16.623  1.634   1.00 15.24 ? 4   G   C C5    1 
ATOM   471  C  C6    . G   C 1 4 ? -3.692  16.520  0.269   1.00 15.27 ? 4   G   C C6    1 
ATOM   472  O  O6    . G   C 1 4 ? -2.562  16.376  -0.216  1.00 15.51 ? 4   G   C O6    1 
ATOM   473  N  N1    . G   C 1 4 ? -4.802  16.591  -0.569  1.00 15.43 ? 4   G   C N1    1 
ATOM   474  C  C2    . G   C 1 4 ? -6.099  16.733  -0.152  1.00 16.16 ? 4   G   C C2    1 
ATOM   475  N  N2    . G   C 1 4 ? -7.034  16.777  -1.112  1.00 17.11 ? 4   G   C N2    1 
ATOM   476  N  N3    . G   C 1 4 ? -6.460  16.826  1.115   1.00 15.73 ? 4   G   C N3    1 
ATOM   477  C  C4    . G   C 1 4 ? -5.400  16.764  1.946   1.00 16.52 ? 4   G   C C4    1 
ATOM   478  P  P     . A   C 1 5 ? -7.419  12.399  5.145   1.00 23.06 ? 5   A   C P     1 
ATOM   479  O  OP1   . A   C 1 5 ? -8.359  11.352  5.911   1.00 24.59 ? 5   A   C OP1   1 
ATOM   480  O  OP2   . A   C 1 5 ? -5.861  12.071  4.908   1.00 21.90 ? 5   A   C OP2   1 
ATOM   481  O  "O5'" . A   C 1 5 ? -7.971  12.483  3.607   1.00 22.71 ? 5   A   C "O5'" 1 
ATOM   482  C  "C5'" . A   C 1 5 ? -9.325  12.784  3.455   1.00 22.34 ? 5   A   C "C5'" 1 
ATOM   483  C  "C4'" . A   C 1 5 ? -9.727  12.705  1.952   1.00 23.21 ? 5   A   C "C4'" 1 
ATOM   484  O  "O4'" . A   C 1 5 ? -9.093  13.784  1.211   1.00 21.96 ? 5   A   C "O4'" 1 
ATOM   485  C  "C3'" . A   C 1 5 ? -9.297  11.445  1.221   1.00 22.55 ? 5   A   C "C3'" 1 
ATOM   486  O  "O3'" . A   C 1 5 ? -10.128 10.354  1.424   1.00 24.30 ? 5   A   C "O3'" 1 
ATOM   487  C  "C2'" . A   C 1 5 ? -9.310  11.919  -0.225  1.00 22.38 ? 5   A   C "C2'" 1 
ATOM   488  O  "O2'" . A   C 1 5 ? -10.616 12.012  -0.755  1.00 23.57 ? 5   A   C "O2'" 1 
ATOM   489  C  "C1'" . A   C 1 5 ? -8.708  13.317  -0.074  1.00 21.69 ? 5   A   C "C1'" 1 
ATOM   490  N  N9    . A   C 1 5 ? -7.247  13.318  -0.140  1.00 19.67 ? 5   A   C N9    1 
ATOM   491  C  C8    . A   C 1 5 ? -6.364  13.390  0.908   1.00 20.11 ? 5   A   C C8    1 
ATOM   492  N  N7    . A   C 1 5 ? -5.106  13.363  0.544   1.00 19.53 ? 5   A   C N7    1 
ATOM   493  C  C5    . A   C 1 5 ? -5.162  13.266  -0.839  1.00 18.32 ? 5   A   C C5    1 
ATOM   494  C  C6    . A   C 1 5 ? -4.160  13.193  -1.822  1.00 17.77 ? 5   A   C C6    1 
ATOM   495  N  N6    . A   C 1 5 ? -2.852  13.202  -1.548  1.00 16.82 ? 5   A   C N6    1 
ATOM   496  N  N1    . A   C 1 5 ? -4.551  13.107  -3.112  1.00 17.27 ? 5   A   C N1    1 
ATOM   497  C  C2    . A   C 1 5 ? -5.860  13.091  -3.382  1.00 16.36 ? 5   A   C C2    1 
ATOM   498  N  N3    . A   C 1 5 ? -6.897  13.152  -2.547  1.00 18.51 ? 5   A   C N3    1 
ATOM   499  C  C4    . A   C 1 5 ? -6.474  13.239  -1.275  1.00 18.66 ? 5   A   C C4    1 
ATOM   500  P  P     . A   C 1 6 ? -9.498  8.877   1.495   1.00 24.66 ? 6   A   C P     1 
ATOM   501  O  OP1   . A   C 1 6 ? -10.612 7.809   1.931   1.00 26.26 ? 6   A   C OP1   1 
ATOM   502  O  OP2   . A   C 1 6 ? -8.047  8.863   2.183   1.00 25.42 ? 6   A   C OP2   1 
ATOM   503  O  "O5'" . A   C 1 6 ? -9.100  8.526   -0.054  1.00 23.91 ? 6   A   C "O5'" 1 
ATOM   504  C  "C5'" . A   C 1 6 ? -10.152 8.493   -0.969  1.00 24.42 ? 6   A   C "C5'" 1 
ATOM   505  C  "C4'" . A   C 1 6 ? -9.599  8.407   -2.426  1.00 23.84 ? 6   A   C "C4'" 1 
ATOM   506  O  "O4'" . A   C 1 6 ? -8.855  9.613   -2.747  1.00 23.43 ? 6   A   C "O4'" 1 
ATOM   507  C  "C3'" . A   C 1 6 ? -8.600  7.298   -2.703  1.00 24.13 ? 6   A   C "C3'" 1 
ATOM   508  O  "O3'" . A   C 1 6 ? -9.143  6.038   -2.843  1.00 25.47 ? 6   A   C "O3'" 1 
ATOM   509  C  "C2'" . A   C 1 6 ? -7.951  7.811   -3.978  1.00 23.51 ? 6   A   C "C2'" 1 
ATOM   510  O  "O2'" . A   C 1 6 ? -8.773  7.672   -5.117  1.00 23.85 ? 6   A   C "O2'" 1 
ATOM   511  C  "C1'" . A   C 1 6 ? -7.786  9.289   -3.626  1.00 22.25 ? 6   A   C "C1'" 1 
ATOM   512  N  N9    . A   C 1 6 ? -6.524  9.518   -2.926  1.00 20.61 ? 6   A   C N9    1 
ATOM   513  C  C8    . A   C 1 6 ? -6.298  9.637   -1.575  1.00 19.28 ? 6   A   C C8    1 
ATOM   514  N  N7    . A   C 1 6 ? -5.034  9.801   -1.266  1.00 19.13 ? 6   A   C N7    1 
ATOM   515  C  C5    . A   C 1 6 ? -4.387  9.798   -2.495  1.00 18.94 ? 6   A   C C5    1 
ATOM   516  C  C6    . A   C 1 6 ? -3.034  9.924   -2.853  1.00 18.32 ? 6   A   C C6    1 
ATOM   517  N  N6    . A   C 1 6 ? -2.043  10.084  -1.975  1.00 19.76 ? 6   A   C N6    1 
ATOM   518  N  N1    . A   C 1 6 ? -2.727  9.877   -4.169  1.00 18.67 ? 6   A   C N1    1 
ATOM   519  C  C2    . A   C 1 6 ? -3.718  9.713   -5.053  1.00 18.26 ? 6   A   C C2    1 
ATOM   520  N  N3    . A   C 1 6 ? -5.024  9.583   -4.839  1.00 19.67 ? 6   A   C N3    1 
ATOM   521  C  C4    . A   C 1 6 ? -5.295  9.634   -3.524  1.00 19.03 ? 6   A   C C4    1 
ATOM   522  P  P     . G   C 1 7 ? -8.285  4.752   -2.401  1.00 25.24 ? 7   G   C P     1 
ATOM   523  O  OP1   . G   C 1 7 ? -9.193  3.435   -2.413  1.00 27.01 ? 7   G   C OP1   1 
ATOM   524  O  OP2   . G   C 1 7 ? -7.315  5.066   -1.154  1.00 25.26 ? 7   G   C OP2   1 
ATOM   525  O  "O5'" . G   C 1 7 ? -7.191  4.562   -3.595  1.00 23.28 ? 7   G   C "O5'" 1 
ATOM   526  C  "C5'" . G   C 1 7 ? -7.707  4.479   -4.884  1.00 21.38 ? 7   G   C "C5'" 1 
ATOM   527  C  "C4'" . G   C 1 7 ? -6.577  4.695   -5.925  1.00 19.47 ? 7   G   C "C4'" 1 
ATOM   528  O  "O4'" . G   C 1 7 ? -5.973  6.002   -5.716  1.00 19.22 ? 7   G   C "O4'" 1 
ATOM   529  C  "C3'" . G   C 1 7 ? -5.398  3.746   -5.830  1.00 18.80 ? 7   G   C "C3'" 1 
ATOM   530  O  "O3'" . G   C 1 7 ? -5.629  2.507   -6.396  1.00 17.73 ? 7   G   C "O3'" 1 
ATOM   531  C  "C2'" . G   C 1 7 ? -4.336  4.531   -6.585  1.00 18.58 ? 7   G   C "C2'" 1 
ATOM   532  O  "O2'" . G   C 1 7 ? -4.523  4.495   -7.985  1.00 20.50 ? 7   G   C "O2'" 1 
ATOM   533  C  "C1'" . G   C 1 7 ? -4.598  5.943   -6.057  1.00 18.72 ? 7   G   C "C1'" 1 
ATOM   534  N  N9    . G   C 1 7 ? -3.816  6.227   -4.859  1.00 17.08 ? 7   G   C N9    1 
ATOM   535  C  C8    . G   C 1 7 ? -4.256  6.280   -3.560  1.00 16.87 ? 7   G   C C8    1 
ATOM   536  N  N7    . G   C 1 7 ? -3.301  6.540   -2.707  1.00 16.05 ? 7   G   C N7    1 
ATOM   537  C  C5    . G   C 1 7 ? -2.166  6.669   -3.495  1.00 16.21 ? 7   G   C C5    1 
ATOM   538  C  C6    . G   C 1 7 ? -0.822  6.955   -3.136  1.00 16.31 ? 7   G   C C6    1 
ATOM   539  O  O6    . G   C 1 7 ? -0.351  7.157   -2.011  1.00 17.97 ? 7   G   C O6    1 
ATOM   540  N  N1    . G   C 1 7 ? 0.007   6.995   -4.254  1.00 16.54 ? 7   G   C N1    1 
ATOM   541  C  C2    . G   C 1 7 ? -0.402  6.789   -5.549  1.00 16.19 ? 7   G   C C2    1 
ATOM   542  N  N2    . G   C 1 7 ? 0.543   6.869   -6.496  1.00 18.49 ? 7   G   C N2    1 
ATOM   543  N  N3    . G   C 1 7 ? -1.649  6.526   -5.894  1.00 16.92 ? 7   G   C N3    1 
ATOM   544  C  C4    . G   C 1 7 ? -2.470  6.481   -4.825  1.00 16.27 ? 7   G   C C4    1 
ATOM   545  P  P     . A   C 1 8 ? -4.867  1.211   -5.828  1.00 17.78 ? 8   A   C P     1 
ATOM   546  O  OP1   . A   C 1 8 ? -5.474  -0.101  -6.511  1.00 17.68 ? 8   A   C OP1   1 
ATOM   547  O  OP2   . A   C 1 8 ? -4.639  1.268   -4.240  1.00 17.95 ? 8   A   C OP2   1 
ATOM   548  O  "O5'" . A   C 1 8 ? -3.333  1.362   -6.379  1.00 15.27 ? 8   A   C "O5'" 1 
ATOM   549  C  "C5'" . A   C 1 8 ? -3.159  1.328   -7.764  1.00 16.24 ? 8   A   C "C5'" 1 
ATOM   550  C  "C4'" . A   C 1 8 ? -1.673  1.614   -8.122  1.00 16.44 ? 8   A   C "C4'" 1 
ATOM   551  O  "O4'" . A   C 1 8 ? -1.323  2.976   -7.751  1.00 15.47 ? 8   A   C "O4'" 1 
ATOM   552  C  "C3'" . A   C 1 8 ? -0.642  0.772   -7.393  1.00 16.78 ? 8   A   C "C3'" 1 
ATOM   553  O  "O3'" . A   C 1 8 ? -0.498  -0.518  -7.871  1.00 18.27 ? 8   A   C "O3'" 1 
ATOM   554  C  "C2'" . A   C 1 8 ? 0.602   1.626   -7.582  1.00 16.87 ? 8   A   C "C2'" 1 
ATOM   555  O  "O2'" . A   C 1 8 ? 1.108   1.581   -8.903  1.00 19.25 ? 8   A   C "O2'" 1 
ATOM   556  C  "C1'" . A   C 1 8 ? 0.025   3.013   -7.299  1.00 16.36 ? 8   A   C "C1'" 1 
ATOM   557  N  N9    . A   C 1 8 ? 0.020   3.307   -5.867  1.00 14.80 ? 8   A   C N9    1 
ATOM   558  C  C8    . A   C 1 8 ? -1.044  3.287   -4.998  1.00 15.02 ? 8   A   C C8    1 
ATOM   559  N  N7    . A   C 1 8 ? -0.719  3.565   -3.758  1.00 14.70 ? 8   A   C N7    1 
ATOM   560  C  C5    . A   C 1 8 ? 0.650   3.791   -3.816  1.00 14.71 ? 8   A   C C5    1 
ATOM   561  C  C6    . A   C 1 8 ? 1.595   4.126   -2.831  1.00 14.38 ? 8   A   C C6    1 
ATOM   562  N  N6    . A   C 1 8 ? 1.289   4.298   -1.544  1.00 13.66 ? 8   A   C N6    1 
ATOM   563  N  N1    . A   C 1 8 ? 2.880   4.278   -3.218  1.00 15.14 ? 8   A   C N1    1 
ATOM   564  C  C2    . A   C 1 8 ? 3.184   4.105   -4.512  1.00 14.10 ? 8   A   C C2    1 
ATOM   565  N  N3    . A   C 1 8 ? 2.383   3.788   -5.531  1.00 15.11 ? 8   A   C N3    1 
ATOM   566  C  C4    . A   C 1 8 ? 1.116   3.642   -5.110  1.00 15.03 ? 8   A   C C4    1 
ATOM   567  P  P     . G   C 1 9 ? -0.042  -1.691  -6.869  1.00 19.44 ? 9   G   C P     1 
ATOM   568  O  OP1   . G   C 1 9 ? -0.025  -3.100  -7.629  1.00 21.33 ? 9   G   C OP1   1 
ATOM   569  O  OP2   . G   C 1 9 ? -0.732  -1.556  -5.430  1.00 20.49 ? 9   G   C OP2   1 
ATOM   570  O  "O5'" . G   C 1 9 ? 1.515   -1.341  -6.515  1.00 20.27 ? 9   G   C "O5'" 1 
ATOM   571  C  "C5'" . G   C 1 9 ? 2.400   -1.258  -7.595  1.00 20.65 ? 9   G   C "C5'" 1 
ATOM   572  C  "C4'" . G   C 1 9 ? 3.799   -0.771  -7.108  1.00 20.92 ? 9   G   C "C4'" 1 
ATOM   573  O  "O4'" . G   C 1 9 ? 3.658   0.517   -6.452  1.00 20.58 ? 9   G   C "O4'" 1 
ATOM   574  C  "C3'" . G   C 1 9 ? 4.482   -1.628  -6.054  1.00 21.76 ? 9   G   C "C3'" 1 
ATOM   575  O  "O3'" . G   C 1 9 ? 5.015   -2.868  -6.527  1.00 23.75 ? 9   G   C "O3'" 1 
ATOM   576  C  "C2'" . G   C 1 9 ? 5.474   -0.641  -5.458  1.00 20.69 ? 9   G   C "C2'" 1 
ATOM   577  O  "O2'" . G   C 1 9 ? 6.603   -0.422  -6.280  1.00 22.50 ? 9   G   C "O2'" 1 
ATOM   578  C  "C1'" . G   C 1 9 ? 4.621   0.628   -5.415  1.00 19.70 ? 9   G   C "C1'" 1 
ATOM   579  N  N9    . G   C 1 9 ? 3.916   0.789   -4.148  1.00 17.20 ? 9   G   C N9    1 
ATOM   580  C  C8    . G   C 1 9 ? 2.587   0.555   -3.887  1.00 16.82 ? 9   G   C C8    1 
ATOM   581  N  N7    . G   C 1 9 ? 2.258   0.795   -2.646  1.00 15.29 ? 9   G   C N7    1 
ATOM   582  C  C5    . G   C 1 9 ? 3.444   1.210   -2.054  1.00 15.49 ? 9   G   C C5    1 
ATOM   583  C  C6    . G   C 1 9 ? 3.719   1.605   -0.718  1.00 14.05 ? 9   G   C C6    1 
ATOM   584  O  O6    . G   C 1 9 ? 2.942   1.675   0.242   1.00 14.00 ? 9   G   C O6    1 
ATOM   585  N  N1    . G   C 1 9 ? 5.059   1.942   -0.551  1.00 14.13 ? 9   G   C N1    1 
ATOM   586  C  C2    . G   C 1 9 ? 6.010   1.906   -1.541  1.00 14.28 ? 9   G   C C2    1 
ATOM   587  N  N2    . G   C 1 9 ? 7.257   2.268   -1.189  1.00 15.95 ? 9   G   C N2    1 
ATOM   588  N  N3    . G   C 1 9 ? 5.764   1.542   -2.786  1.00 16.55 ? 9   G   C N3    1 
ATOM   589  C  C4    . G   C 1 9 ? 4.474   1.210   -2.969  1.00 16.55 ? 9   G   C C4    1 
HETATM 590  N  N1    . NCU D 2 1 ? 7.556   3.615   3.599   1.00 14.61 ? 1   NCU D N1    1 
HETATM 591  C  C7    . NCU D 2 1 ? 4.241   3.958   5.402   1.00 15.42 ? 1   NCU D C7    1 
HETATM 592  C  C6    . NCU D 2 1 ? 6.581   3.895   4.560   1.00 14.93 ? 1   NCU D C6    1 
HETATM 593  C  C5    . NCU D 2 1 ? 5.233   3.647   4.361   1.00 14.48 ? 1   NCU D C5    1 
HETATM 594  C  C4    . NCU D 2 1 ? 4.858   3.059   3.055   1.00 14.66 ? 1   NCU D C4    1 
HETATM 595  C  C2    . NCU D 2 1 ? 7.138   3.037   2.325   1.00 15.35 ? 1   NCU D C2    1 
HETATM 596  O  O2    . NCU D 2 1 ? 8.010   2.788   1.472   1.00 16.15 ? 1   NCU D O2    1 
HETATM 597  O  "O5'" . NCU D 2 1 ? 8.147   6.411   6.760   1.00 21.02 ? 1   NCU D "O5'" 1 
HETATM 598  N  N3    . NCU D 2 1 ? 5.774   2.777   2.103   1.00 13.83 ? 1   NCU D N3    1 
HETATM 599  N  N4    . NCU D 2 1 ? 3.464   2.784   2.802   1.00 13.94 ? 1   NCU D N4    1 
HETATM 600  C  "C2'" . NCU D 2 1 ? 9.514   5.096   2.984   1.00 17.68 ? 1   NCU D "C2'" 1 
HETATM 601  C  "C5'" . NCU D 2 1 ? 9.552   6.234   6.585   1.00 19.16 ? 1   NCU D "C5'" 1 
HETATM 602  C  "C4'" . NCU D 2 1 ? 9.873   5.526   5.226   1.00 18.75 ? 1   NCU D "C4'" 1 
HETATM 603  O  "O4'" . NCU D 2 1 ? 9.242   4.226   5.205   1.00 17.85 ? 1   NCU D "O4'" 1 
HETATM 604  C  "C1'" . NCU D 2 1 ? 8.973   3.878   3.820   1.00 17.72 ? 1   NCU D "C1'" 1 
HETATM 605  C  "C3'" . NCU D 2 1 ? 9.293   6.230   3.999   1.00 18.14 ? 1   NCU D "C3'" 1 
HETATM 606  O  "O3'" . NCU D 2 1 ? 10.062  7.379   3.686   1.00 18.36 ? 1   NCU D "O3'" 1 
HETATM 607  O  "O2'" . NCU D 2 1 ? 10.927  4.959   2.702   1.00 19.49 ? 1   NCU D "O2'" 1 
HETATM 608  C  "C6'" . NCU D 2 1 ? 11.415  5.350   5.035   1.00 19.77 ? 1   NCU D "C6'" 1 
HETATM 609  N  "N6'" . NCU D 2 1 ? 11.662  4.402   3.851   1.00 19.39 ? 1   NCU D "N6'" 1 
HETATM 610  C  "C7'" . NCU D 2 1 ? 13.119  4.551   3.447   1.00 22.40 ? 1   NCU D "C7'" 1 
HETATM 611  P  P     . NTT D 2 2 ? 9.470   8.459   2.743   1.00 21.57 ? 2   NTT D P     1 
HETATM 612  O  OP1   . NTT D 2 2 ? 10.382  9.792   2.630   1.00 24.03 ? 2   NTT D OP1   1 
HETATM 613  O  OP2   . NTT D 2 2 ? 8.147   8.966   3.186   1.00 21.29 ? 2   NTT D OP2   1 
HETATM 614  O  "O5'" . NTT D 2 2 ? 9.456   7.833   1.243   1.00 20.72 ? 2   NTT D "O5'" 1 
HETATM 615  N  N1    . NTT D 2 2 ? 7.285   5.573   -1.225  1.00 17.56 ? 2   NTT D N1    1 
HETATM 616  C  C6    . NTT D 2 2 ? 6.967   6.010   0.079   1.00 16.38 ? 2   NTT D C6    1 
HETATM 617  C  C2    . NTT D 2 2 ? 6.252   5.064   -2.079  1.00 17.90 ? 2   NTT D C2    1 
HETATM 618  O  O2    . NTT D 2 2 ? 6.497   4.676   -3.244  1.00 19.34 ? 2   NTT D O2    1 
HETATM 619  N  N3    . NTT D 2 2 ? 4.938   5.014   -1.546  1.00 16.02 ? 2   NTT D N3    1 
HETATM 620  C  C4    . NTT D 2 2 ? 4.592   5.439   -0.231  1.00 15.54 ? 2   NTT D C4    1 
HETATM 621  O  O4    . NTT D 2 2 ? 3.397   5.339   0.124   1.00 15.80 ? 2   NTT D O4    1 
HETATM 622  C  C5    . NTT D 2 2 ? 5.699   5.971   0.602   1.00 14.89 ? 2   NTT D C5    1 
HETATM 623  C  C7    . NTT D 2 2 ? 5.401   6.442   1.971   1.00 17.22 ? 2   NTT D C7    1 
HETATM 624  C  "C2'" . NTT D 2 2 ? 8.907   6.882   -2.611  1.00 20.36 ? 2   NTT D "C2'" 1 
HETATM 625  C  "C5'" . NTT D 2 2 ? 10.686  7.547   0.592   1.00 21.40 ? 2   NTT D "C5'" 1 
HETATM 626  C  "C4'" . NTT D 2 2 ? 10.330  7.041   -0.833  1.00 21.12 ? 2   NTT D "C4'" 1 
HETATM 627  O  "O4'" . NTT D 2 2 ? 9.625   5.798   -0.626  1.00 20.10 ? 2   NTT D "O4'" 1 
HETATM 628  C  "C1'" . NTT D 2 2 ? 8.677   5.636   -1.716  1.00 19.62 ? 2   NTT D "C1'" 1 
HETATM 629  C  "C3'" . NTT D 2 2 ? 9.333   7.925   -1.572  1.00 20.70 ? 2   NTT D "C3'" 1 
HETATM 630  O  "O3'" . NTT D 2 2 ? 9.992   9.033   -2.156  1.00 22.17 ? 2   NTT D "O3'" 1 
HETATM 631  O  "O2'" . NTT D 2 2 ? 9.969   6.687   -3.529  1.00 22.20 ? 2   NTT D "O2'" 1 
HETATM 632  C  "C6'" . NTT D 2 2 ? 11.601  6.789   -1.705  1.00 22.50 ? 2   NTT D "C6'" 1 
HETATM 633  N  "N6'" . NTT D 2 2 ? 11.119  5.901   -2.980  1.00 23.43 ? 2   NTT D "N6'" 1 
HETATM 634  C  "C7'" . NTT D 2 2 ? 12.222  5.464   -3.960  1.00 23.46 ? 2   NTT D "C7'" 1 
ATOM   635  P  P     . DC  D 2 3 ? 9.166   10.366  -2.490  1.00 22.77 ? 3   DC  D P     1 
ATOM   636  O  OP1   . DC  D 2 3 ? 10.166  11.514  -2.981  1.00 24.28 ? 3   DC  D OP1   1 
ATOM   637  O  OP2   . DC  D 2 3 ? 8.037   10.685  -1.398  1.00 24.46 ? 3   DC  D OP2   1 
ATOM   638  O  "O5'" . DC  D 2 3 ? 8.249   9.969   -3.791  1.00 22.34 ? 3   DC  D "O5'" 1 
ATOM   639  C  "C5'" . DC  D 2 3 ? 8.864   9.500   -4.989  1.00 22.74 ? 3   DC  D "C5'" 1 
ATOM   640  C  "C4'" . DC  D 2 3 ? 7.820   8.972   -5.943  1.00 23.14 ? 3   DC  D "C4'" 1 
ATOM   641  O  "O4'" . DC  D 2 3 ? 7.140   7.837   -5.362  1.00 22.83 ? 3   DC  D "O4'" 1 
ATOM   642  C  "C3'" . DC  D 2 3 ? 6.702   9.943   -6.292  1.00 23.25 ? 3   DC  D "C3'" 1 
ATOM   643  O  "O3'" . DC  D 2 3 ? 7.106   10.821  -7.345  1.00 23.87 ? 3   DC  D "O3'" 1 
ATOM   644  C  "C2'" . DC  D 2 3 ? 5.609   9.003   -6.756  1.00 22.04 ? 3   DC  D "C2'" 1 
ATOM   645  C  "C1'" . DC  D 2 3 ? 5.785   7.815   -5.812  1.00 20.22 ? 3   DC  D "C1'" 1 
ATOM   646  N  N1    . DC  D 2 3 ? 4.908   7.881   -4.633  1.00 19.52 ? 3   DC  D N1    1 
ATOM   647  C  C2    . DC  D 2 3 ? 3.569   7.528   -4.784  1.00 18.90 ? 3   DC  D C2    1 
ATOM   648  O  O2    . DC  D 2 3 ? 3.169   7.176   -5.901  1.00 19.36 ? 3   DC  D O2    1 
ATOM   649  N  N3    . DC  D 2 3 ? 2.743   7.577   -3.715  1.00 18.20 ? 3   DC  D N3    1 
ATOM   650  C  C4    . DC  D 2 3 ? 3.214   7.962   -2.527  1.00 17.51 ? 3   DC  D C4    1 
ATOM   651  N  N4    . DC  D 2 3 ? 2.363   7.986   -1.497  1.00 17.83 ? 3   DC  D N4    1 
ATOM   652  C  C5    . DC  D 2 3 ? 4.579   8.334   -2.343  1.00 17.40 ? 3   DC  D C5    1 
ATOM   653  C  C6    . DC  D 2 3 ? 5.384   8.279   -3.414  1.00 18.34 ? 3   DC  D C6    1 
ATOM   654  P  P     . DT  D 2 4 ? 6.317   12.200  -7.574  1.00 25.23 ? 4   DT  D P     1 
ATOM   655  O  OP1   . DT  D 2 4 ? 7.001   13.046  -8.749  1.00 26.28 ? 4   DT  D OP1   1 
ATOM   656  O  OP2   . DT  D 2 4 ? 5.914   12.909  -6.190  1.00 25.13 ? 4   DT  D OP2   1 
ATOM   657  O  "O5'" . DT  D 2 4 ? 4.842   11.746  -8.130  1.00 24.07 ? 4   DT  D "O5'" 1 
ATOM   658  C  "C5'" . DT  D 2 4 ? 4.709   11.112  -9.400  1.00 22.48 ? 4   DT  D "C5'" 1 
ATOM   659  C  "C4'" . DT  D 2 4 ? 3.255   10.822  -9.691  1.00 21.87 ? 4   DT  D "C4'" 1 
ATOM   660  O  "O4'" . DT  D 2 4 ? 2.736   9.806   -8.806  1.00 21.47 ? 4   DT  D "O4'" 1 
ATOM   661  C  "C3'" . DT  D 2 4 ? 2.311   11.996  -9.490  1.00 21.36 ? 4   DT  D "C3'" 1 
ATOM   662  O  "O3'" . DT  D 2 4 ? 2.349   12.885  -10.603 1.00 21.31 ? 4   DT  D "O3'" 1 
ATOM   663  C  "C2'" . DT  D 2 4 ? 0.974   11.295  -9.377  1.00 20.46 ? 4   DT  D "C2'" 1 
ATOM   664  C  "C1'" . DT  D 2 4 ? 1.349   10.059  -8.564  1.00 20.82 ? 4   DT  D "C1'" 1 
ATOM   665  N  N1    . DT  D 2 4 ? 1.164   10.244  -7.112  1.00 19.78 ? 4   DT  D N1    1 
ATOM   666  C  C2    . DT  D 2 4 ? -0.091  10.025  -6.602  1.00 19.32 ? 4   DT  D C2    1 
ATOM   667  O  O2    . DT  D 2 4 ? -1.049  9.730   -7.297  1.00 20.44 ? 4   DT  D O2    1 
ATOM   668  N  N3    . DT  D 2 4 ? -0.191  10.176  -5.242  1.00 20.23 ? 4   DT  D N3    1 
ATOM   669  C  C4    . DT  D 2 4 ? 0.817   10.529  -4.365  1.00 20.11 ? 4   DT  D C4    1 
ATOM   670  O  O4    . DT  D 2 4 ? 0.579   10.607  -3.163  1.00 20.52 ? 4   DT  D O4    1 
ATOM   671  C  C5    . DT  D 2 4 ? 2.106   10.775  -4.974  1.00 20.18 ? 4   DT  D C5    1 
ATOM   672  C  C7    . DT  D 2 4 ? 3.250   11.196  -4.109  1.00 20.87 ? 4   DT  D C7    1 
ATOM   673  C  C6    . DT  D 2 4 ? 2.214   10.617  -6.301  1.00 19.71 ? 4   DT  D C6    1 
ATOM   674  P  P     . DT  D 2 5 ? 1.998   14.431  -10.380 1.00 21.59 ? 5   DT  D P     1 
ATOM   675  O  OP1   . DT  D 2 5 ? 2.293   15.275  -11.709 1.00 22.25 ? 5   DT  D OP1   1 
ATOM   676  O  OP2   . DT  D 2 5 ? 2.501   14.963  -8.949  1.00 23.35 ? 5   DT  D OP2   1 
ATOM   677  O  "O5'" . DT  D 2 5 ? 0.377   14.447  -10.179 1.00 20.97 ? 5   DT  D "O5'" 1 
ATOM   678  C  "C5'" . DT  D 2 5 ? -0.483  14.068  -11.251 1.00 20.98 ? 5   DT  D "C5'" 1 
ATOM   679  C  "C4'" . DT  D 2 5 ? -1.907  13.938  -10.766 1.00 19.95 ? 5   DT  D "C4'" 1 
ATOM   680  O  "O4'" . DT  D 2 5 ? -2.048  12.834  -9.845  1.00 20.27 ? 5   DT  D "O4'" 1 
ATOM   681  C  "C3'" . DT  D 2 5 ? -2.463  15.124  -9.996  1.00 19.73 ? 5   DT  D "C3'" 1 
ATOM   682  O  "O3'" . DT  D 2 5 ? -2.830  16.193  -10.863 1.00 18.89 ? 5   DT  D "O3'" 1 
ATOM   683  C  "C2'" . DT  D 2 5 ? -3.670  14.494  -9.334  1.00 19.15 ? 5   DT  D "C2'" 1 
ATOM   684  C  "C1'" . DT  D 2 5 ? -3.094  13.144  -8.915  1.00 19.53 ? 5   DT  D "C1'" 1 
ATOM   685  N  N1    . DT  D 2 5 ? -2.508  13.194  -7.564  1.00 17.95 ? 5   DT  D N1    1 
ATOM   686  C  C2    . DT  D 2 5 ? -3.351  12.967  -6.506  1.00 16.61 ? 5   DT  D C2    1 
ATOM   687  O  O2    . DT  D 2 5 ? -4.535  12.710  -6.644  1.00 19.22 ? 5   DT  D O2    1 
ATOM   688  N  N3    . DT  D 2 5 ? -2.756  13.053  -5.272  1.00 17.22 ? 5   DT  D N3    1 
ATOM   689  C  C4    . DT  D 2 5 ? -1.433  13.342  -4.999  1.00 16.97 ? 5   DT  D C4    1 
ATOM   690  O  O4    . DT  D 2 5 ? -1.042  13.390  -3.833  1.00 18.55 ? 5   DT  D O4    1 
ATOM   691  C  C5    . DT  D 2 5 ? -0.601  13.568  -6.159  1.00 17.52 ? 5   DT  D C5    1 
ATOM   692  C  C7    . DT  D 2 5 ? 0.843   13.901  -5.961  1.00 18.39 ? 5   DT  D C7    1 
ATOM   693  C  C6    . DT  D 2 5 ? -1.172  13.477  -7.370  1.00 15.92 ? 5   DT  D C6    1 
ATOM   694  P  P     . DC  D 2 6 ? -2.934  17.682  -10.275 1.00 18.90 ? 6   DC  D P     1 
ATOM   695  O  OP1   . DC  D 2 6 ? -3.369  18.686  -11.436 1.00 20.04 ? 6   DC  D OP1   1 
ATOM   696  O  OP2   . DC  D 2 6 ? -1.719  18.053  -9.291  1.00 19.78 ? 6   DC  D OP2   1 
ATOM   697  O  "O5'" . DC  D 2 6 ? -4.190  17.620  -9.234  1.00 19.41 ? 6   DC  D "O5'" 1 
ATOM   698  C  "C5'" . DC  D 2 6 ? -5.495  17.290  -9.705  1.00 19.72 ? 6   DC  D "C5'" 1 
ATOM   699  C  "C4'" . DC  D 2 6 ? -6.460  17.186  -8.549  1.00 19.01 ? 6   DC  D "C4'" 1 
ATOM   700  O  "O4'" . DC  D 2 6 ? -6.092  16.097  -7.672  1.00 17.44 ? 6   DC  D "O4'" 1 
ATOM   701  C  "C3'" . DC  D 2 6 ? -6.512  18.400  -7.635  1.00 18.11 ? 6   DC  D "C3'" 1 
ATOM   702  O  "O3'" . DC  D 2 6 ? -7.337  19.421  -8.198  1.00 19.32 ? 6   DC  D "O3'" 1 
ATOM   703  C  "C2'" . DC  D 2 6 ? -7.126  17.807  -6.384  1.00 18.42 ? 6   DC  D "C2'" 1 
ATOM   704  C  "C1'" . DC  D 2 6 ? -6.455  16.435  -6.332  1.00 15.74 ? 6   DC  D "C1'" 1 
ATOM   705  N  N1    . DC  D 2 6 ? -5.235  16.431  -5.510  1.00 15.40 ? 6   DC  D N1    1 
ATOM   706  C  C2    . DC  D 2 6 ? -5.382  16.380  -4.127  1.00 15.53 ? 6   DC  D C2    1 
ATOM   707  O  O2    . DC  D 2 6 ? -6.525  16.333  -3.656  1.00 16.47 ? 6   DC  D O2    1 
ATOM   708  N  N3    . DC  D 2 6 ? -4.282  16.385  -3.341  1.00 15.80 ? 6   DC  D N3    1 
ATOM   709  C  C4    . DC  D 2 6 ? -3.068  16.438  -3.895  1.00 14.77 ? 6   DC  D C4    1 
ATOM   710  N  N4    . DC  D 2 6 ? -2.010  16.442  -3.080  1.00 16.11 ? 6   DC  D N4    1 
ATOM   711  C  C5    . DC  D 2 6 ? -2.886  16.489  -5.309  1.00 16.00 ? 6   DC  D C5    1 
ATOM   712  C  C6    . DC  D 2 6 ? -3.989  16.482  -6.073  1.00 15.79 ? 6   DC  D C6    1 
ATOM   713  P  P     . DT  D 2 7 ? -7.130  20.947  -7.745  1.00 20.66 ? 7   DT  D P     1 
ATOM   714  O  OP1   . DT  D 2 7 ? -8.065  21.909  -8.621  1.00 22.37 ? 7   DT  D OP1   1 
ATOM   715  O  OP2   . DT  D 2 7 ? -5.589  21.324  -7.490  1.00 21.62 ? 7   DT  D OP2   1 
ATOM   716  O  "O5'" . DT  D 2 7 ? -7.724  21.001  -6.230  1.00 19.53 ? 7   DT  D "O5'" 1 
ATOM   717  C  "C5'" . DT  D 2 7 ? -9.089  20.692  -5.984  1.00 17.21 ? 7   DT  D "C5'" 1 
ATOM   718  C  "C4'" . DT  D 2 7 ? -9.381  20.773  -4.506  1.00 18.25 ? 7   DT  D "C4'" 1 
ATOM   719  O  "O4'" . DT  D 2 7 ? -8.719  19.705  -3.795  1.00 15.74 ? 7   DT  D "O4'" 1 
ATOM   720  C  "C3'" . DT  D 2 7 ? -8.900  22.046  -3.823  1.00 17.58 ? 7   DT  D "C3'" 1 
ATOM   721  O  "O3'" . DT  D 2 7 ? -9.833  23.106  -4.066  1.00 20.68 ? 7   DT  D "O3'" 1 
ATOM   722  C  "C2'" . DT  D 2 7 ? -8.870  21.604  -2.373  1.00 18.68 ? 7   DT  D "C2'" 1 
ATOM   723  C  "C1'" . DT  D 2 7 ? -8.369  20.162  -2.488  1.00 17.09 ? 7   DT  D "C1'" 1 
ATOM   724  N  N1    . DT  D 2 7 ? -6.910  20.034  -2.340  1.00 16.72 ? 7   DT  D N1    1 
ATOM   725  C  C2    . DT  D 2 7 ? -6.406  19.989  -1.064  1.00 16.58 ? 7   DT  D C2    1 
ATOM   726  O  O2    . DT  D 2 7 ? -7.108  20.055  -0.072  1.00 17.69 ? 7   DT  D O2    1 
ATOM   727  N  N3    . DT  D 2 7 ? -5.044  19.870  -0.991  1.00 15.71 ? 7   DT  D N3    1 
ATOM   728  C  C4    . DT  D 2 7 ? -4.152  19.798  -2.047  1.00 14.84 ? 7   DT  D C4    1 
ATOM   729  O  O4    . DT  D 2 7 ? -2.950  19.689  -1.824  1.00 16.49 ? 7   DT  D O4    1 
ATOM   730  C  C5    . DT  D 2 7 ? -4.749  19.859  -3.362  1.00 16.29 ? 7   DT  D C5    1 
ATOM   731  C  C7    . DT  D 2 7 ? -3.863  19.806  -4.567  1.00 17.00 ? 7   DT  D C7    1 
ATOM   732  C  C6    . DT  D 2 7 ? -6.082  19.967  -3.441  1.00 15.75 ? 7   DT  D C6    1 
HETATM 733  P  P     . NTT D 2 8 ? -9.412  24.636  -3.790  1.00 20.53 ? 8   NTT D P     1 
HETATM 734  O  OP1   . NTT D 2 8 ? -10.782 25.224  -4.229  1.00 21.65 ? 8   NTT D OP1   1 
HETATM 735  O  OP2   . NTT D 2 8 ? -8.105  24.881  -4.702  1.00 21.15 ? 8   NTT D OP2   1 
HETATM 736  O  "O5'" . NTT D 2 8 ? -8.998  24.537  -2.207  1.00 21.45 ? 8   NTT D "O5'" 1 
HETATM 737  N  N1    . NTT D 2 8 ? -6.276  23.635  0.588   1.00 18.79 ? 8   NTT D N1    1 
HETATM 738  C  C6    . NTT D 2 8 ? -6.153  23.596  -0.818  1.00 17.40 ? 8   NTT D C6    1 
HETATM 739  C  C2    . NTT D 2 8 ? -5.121  23.454  1.414   1.00 18.32 ? 8   NTT D C2    1 
HETATM 740  O  O2    . NTT D 2 8 ? -5.199  23.491  2.664   1.00 20.47 ? 8   NTT D O2    1 
HETATM 741  N  N3    . NTT D 2 8 ? -3.885  23.233  0.765   1.00 17.54 ? 8   NTT D N3    1 
HETATM 742  C  C4    . NTT D 2 8 ? -3.725  23.185  -0.648  1.00 17.57 ? 8   NTT D C4    1 
HETATM 743  O  O4    . NTT D 2 8 ? -2.578  22.987  -1.097  1.00 17.06 ? 8   NTT D O4    1 
HETATM 744  C  C5    . NTT D 2 8 ? -4.959  23.386  -1.460  1.00 16.90 ? 8   NTT D C5    1 
HETATM 745  C  C7    . NTT D 2 8 ? -4.857  23.355  -2.931  1.00 17.47 ? 8   NTT D C7    1 
HETATM 746  C  "C2'" . NTT D 2 8 ? -7.745  25.358  1.595   1.00 20.75 ? 8   NTT D "C2'" 1 
HETATM 747  C  "C5'" . NTT D 2 8 ? -10.046 24.743  -1.266  1.00 20.65 ? 8   NTT D "C5'" 1 
HETATM 748  C  "C4'" . NTT D 2 8 ? -9.430  24.846  0.147   1.00 21.15 ? 8   NTT D "C4'" 1 
HETATM 749  O  "O4'" . NTT D 2 8 ? -8.692  23.616  0.303   1.00 20.06 ? 8   NTT D "O4'" 1 
HETATM 750  C  "C1'" . NTT D 2 8 ? -7.581  23.867  1.215   1.00 19.93 ? 8   NTT D "C1'" 1 
HETATM 751  C  "C3'" . NTT D 2 8 ? -8.380  25.942  0.315   1.00 21.62 ? 8   NTT D "C3'" 1 
HETATM 752  O  "O3'" . NTT D 2 8 ? -8.993  27.207  0.535   1.00 22.02 ? 8   NTT D "O3'" 1 
HETATM 753  O  "O2'" . NTT D 2 8 ? -8.640  25.526  2.680   1.00 23.07 ? 8   NTT D "O2'" 1 
HETATM 754  C  "C6'" . NTT D 2 8 ? -10.526 24.906  1.259   1.00 22.31 ? 8   NTT D "C6'" 1 
HETATM 755  N  "N6'" . NTT D 2 8 ? -9.917  24.837  2.699   1.00 24.35 ? 8   NTT D "N6'" 1 
HETATM 756  C  "C7'" . NTT D 2 8 ? -10.808 25.481  3.565   1.00 24.81 ? 8   NTT D "C7'" 1 
HETATM 757  N  N1    . NCU D 2 9 ? -3.159  26.999  2.336   1.00 18.46 ? 9   NCU D N1    1 
HETATM 758  C  C7    . NCU D 2 9 ? -3.596  26.679  -1.333  1.00 17.89 ? 9   NCU D C7    1 
HETATM 759  C  C6    . NCU D 2 9 ? -3.696  26.996  1.079   1.00 17.49 ? 9   NCU D C6    1 
HETATM 760  C  C5    . NCU D 2 9 ? -2.968  26.625  0.018   1.00 17.18 ? 9   NCU D C5    1 
HETATM 761  C  C4    . NCU D 2 9 ? -1.618  26.230  0.253   1.00 17.85 ? 9   NCU D C4    1 
HETATM 762  C  C2    . NCU D 2 9 ? -1.844  26.589  2.541   1.00 17.29 ? 9   NCU D C2    1 
HETATM 763  O  O2    . NCU D 2 9 ? -1.397  26.584  3.696   1.00 16.65 ? 9   NCU D O2    1 
HETATM 764  P  P     . NCU D 2 9 ? -8.182  28.529  0.115   1.00 23.76 ? 9   NCU D P     1 
HETATM 765  O  OP1   . NCU D 2 9 ? -9.011  29.866  0.434   1.00 23.73 ? 9   NCU D OP1   1 
HETATM 766  O  OP2   . NCU D 2 9 ? -7.468  28.337  -1.302  1.00 23.80 ? 9   NCU D OP2   1 
HETATM 767  O  "O5'" . NCU D 2 9 ? -6.966  28.629  1.213   1.00 23.22 ? 9   NCU D "O5'" 1 
HETATM 768  N  N3    . NCU D 2 9 ? -1.093  26.211  1.480   1.00 16.01 ? 9   NCU D N3    1 
HETATM 769  N  N4    . NCU D 2 9 ? -0.835  25.873  -0.769  1.00 17.10 ? 9   NCU D N4    1 
HETATM 770  C  "C2'" . NCU D 2 9 ? -3.707  28.945  3.786   1.00 20.36 ? 9   NCU D "C2'" 1 
HETATM 771  C  "C5'" . NCU D 2 9 ? -7.255  28.666  2.605   1.00 21.78 ? 9   NCU D "C5'" 1 
HETATM 772  C  "C4'" . NCU D 2 9 ? -5.981  28.562  3.410   1.00 21.82 ? 9   NCU D "C4'" 1 
HETATM 773  O  "O4'" . NCU D 2 9 ? -5.326  27.291  3.210   1.00 20.33 ? 9   NCU D "O4'" 1 
HETATM 774  C  "C1'" . NCU D 2 9 ? -3.932  27.456  3.499   1.00 19.79 ? 9   NCU D "C1'" 1 
HETATM 775  C  "C3'" . NCU D 2 9 ? -4.894  29.573  3.086   1.00 21.29 ? 9   NCU D "C3'" 1 
HETATM 776  O  "O3'" . NCU D 2 9 ? -5.164  30.931  3.410   1.00 22.27 ? 9   NCU D "O3'" 1 
HETATM 777  O  "O2'" . NCU D 2 9 ? -3.818  29.157  5.257   1.00 22.19 ? 9   NCU D "O2'" 1 
HETATM 778  C  "C6'" . NCU D 2 9 ? -6.198  28.810  4.920   1.00 22.29 ? 9   NCU D "C6'" 1 
HETATM 779  N  "N6'" . NCU D 2 9 ? -4.963  28.617  5.910   1.00 24.33 ? 9   NCU D "N6'" 1 
HETATM 780  C  "C7'" . NCU D 2 9 ? -5.363  29.407  7.187   1.00 25.61 ? 9   NCU D "C7'" 1 
HETATM 781  CO CO    . NCO E 3 . ? 3.976   -15.101 -1.150  1.00 18.22 ? 101 NCO A CO    1 
HETATM 782  N  N1    . NCO E 3 . ? 3.441   -16.053 0.493   1.00 21.12 ? 101 NCO A N1    1 
HETATM 783  N  N2    . NCO E 3 . ? 3.673   -16.603 -2.289  1.00 20.20 ? 101 NCO A N2    1 
HETATM 784  N  N3    . NCO E 3 . ? 5.844   -15.583 -0.741  1.00 21.13 ? 101 NCO A N3    1 
HETATM 785  N  N4    . NCO E 3 . ? 2.124   -14.579 -1.485  1.00 20.66 ? 101 NCO A N4    1 
HETATM 786  N  N5    . NCO E 3 . ? 4.537   -14.106 -2.730  1.00 21.22 ? 101 NCO A N5    1 
HETATM 787  N  N6    . NCO E 3 . ? 4.235   -13.505 -0.054  1.00 21.54 ? 101 NCO A N6    1 
HETATM 788  CO CO    . NCO F 3 . ? -0.936  -0.096  -0.052  1.00 14.42 ? 102 NCO A CO    1 
HETATM 789  N  N1    . NCO F 3 . ? -1.907  -1.543  -0.976  1.00 15.75 ? 102 NCO A N1    1 
HETATM 790  N  N2    . NCO F 3 . ? -0.754  0.988   -1.615  1.00 15.43 ? 102 NCO A N2    1 
HETATM 791  N  N3    . NCO F 3 . ? 0.734   -1.100  -0.365  1.00 16.46 ? 102 NCO A N3    1 
HETATM 792  N  N4    . NCO F 3 . ? -2.611  0.837   0.309   1.00 15.63 ? 102 NCO A N4    1 
HETATM 793  N  N5    . NCO F 3 . ? 0.054   1.281   0.922   1.00 14.09 ? 102 NCO A N5    1 
HETATM 794  N  N6    . NCO F 3 . ? -1.159  -1.123  1.595   1.00 13.63 ? 102 NCO A N6    1 
HETATM 795  CO CO    . NCO G 3 . ? 0.700   15.630  2.087   1.00 24.26 ? 101 NCO C CO    1 
HETATM 796  N  N1    . NCO G 3 . ? -0.938  14.550  1.893   1.00 25.48 ? 101 NCO C N1    1 
HETATM 797  N  N2    . NCO G 3 . ? 0.302   16.773  0.608   1.00 24.29 ? 101 NCO C N2    1 
HETATM 798  N  N3    . NCO G 3 . ? 1.639   14.280  1.001   1.00 25.05 ? 101 NCO C N3    1 
HETATM 799  N  N4    . NCO G 3 . ? -0.243  16.907  3.220   1.00 24.52 ? 101 NCO C N4    1 
HETATM 800  N  N5    . NCO G 3 . ? 2.356   16.637  2.323   1.00 24.57 ? 101 NCO C N5    1 
HETATM 801  N  N6    . NCO G 3 . ? 1.135   14.552  3.657   1.00 24.46 ? 101 NCO C N6    1 
HETATM 802  O  O     . HOH H 4 . ? 0.286   -12.945 -9.806  1.00 34.74 ? 201 HOH A O     1 
HETATM 803  O  O     . HOH H 4 . ? -9.807  -3.594  0.490   1.00 23.15 ? 202 HOH A O     1 
HETATM 804  O  O     . HOH H 4 . ? 7.150   -16.136 -10.605 1.00 46.92 ? 203 HOH A O     1 
HETATM 805  O  O     . HOH H 4 . ? -4.254  -6.526  7.533   1.00 32.81 ? 204 HOH A O     1 
HETATM 806  O  O     . HOH H 4 . ? 8.939   -17.855 -1.593  1.00 26.38 ? 205 HOH A O     1 
HETATM 807  O  O     . HOH H 4 . ? -0.246  -11.440 -6.773  1.00 33.33 ? 206 HOH A O     1 
HETATM 808  O  O     . HOH H 4 . ? -3.103  -11.133 -4.250  1.00 27.30 ? 207 HOH A O     1 
HETATM 809  O  O     . HOH H 4 . ? -2.457  -7.966  -0.869  1.00 21.45 ? 208 HOH A O     1 
HETATM 810  O  O     . HOH H 4 . ? -4.066  -0.546  2.554   1.00 19.45 ? 209 HOH A O     1 
HETATM 811  O  O     . HOH H 4 . ? -0.682  -0.101  10.501  1.00 22.52 ? 210 HOH A O     1 
HETATM 812  O  O     . HOH H 4 . ? -5.274  -19.250 -4.832  1.00 27.44 ? 211 HOH A O     1 
HETATM 813  O  O     . HOH H 4 . ? -0.718  -13.858 -3.923  1.00 20.29 ? 212 HOH A O     1 
HETATM 814  O  O     . HOH H 4 . ? 1.145   -1.800  9.127   1.00 25.49 ? 213 HOH A O     1 
HETATM 815  O  O     . HOH H 4 . ? -9.678  -15.336 -0.422  0.50 29.01 ? 214 HOH A O     1 
HETATM 816  O  O     . HOH H 4 . ? -0.696  6.269   9.527   1.00 25.67 ? 215 HOH A O     1 
HETATM 817  O  O     . HOH H 4 . ? -6.527  -2.848  -0.014  1.00 34.97 ? 216 HOH A O     1 
HETATM 818  O  O     . HOH H 4 . ? 12.630  -19.151 0.058   1.00 32.74 ? 217 HOH A O     1 
HETATM 819  O  O     . HOH H 4 . ? 11.668  -24.358 -6.891  1.00 23.81 ? 218 HOH A O     1 
HETATM 820  O  O     . HOH H 4 . ? 4.141   3.181   8.936   1.00 20.11 ? 219 HOH A O     1 
HETATM 821  O  O     . HOH H 4 . ? -4.848  -5.058  -1.260  1.00 29.72 ? 220 HOH A O     1 
HETATM 822  O  O     . HOH H 4 . ? 0.753   -8.509  -0.297  1.00 28.23 ? 221 HOH A O     1 
HETATM 823  O  O     . HOH H 4 . ? -3.194  -13.559 -10.389 1.00 39.66 ? 222 HOH A O     1 
HETATM 824  O  O     . HOH H 4 . ? 10.011  -17.428 -9.661  1.00 28.48 ? 223 HOH A O     1 
HETATM 825  O  O     . HOH H 4 . ? 9.024   -15.725 -3.964  1.00 40.16 ? 224 HOH A O     1 
HETATM 826  O  O     . HOH H 4 . ? -4.826  -8.446  -2.557  1.00 19.31 ? 225 HOH A O     1 
HETATM 827  O  O     . HOH H 4 . ? 5.260   -23.474 -7.530  1.00 18.67 ? 226 HOH A O     1 
HETATM 828  O  O     . HOH H 4 . ? -8.398  -7.324  -4.364  1.00 33.86 ? 227 HOH A O     1 
HETATM 829  O  O     . HOH H 4 . ? 7.618   -20.439 0.283   1.00 38.90 ? 228 HOH A O     1 
HETATM 830  O  O     . HOH H 4 . ? -4.882  -8.580  -6.066  1.00 41.69 ? 229 HOH A O     1 
HETATM 831  O  O     . HOH H 4 . ? -2.439  2.616   2.911   1.00 18.27 ? 230 HOH A O     1 
HETATM 832  O  O     . HOH H 4 . ? -1.663  -10.777 -1.905  1.00 29.94 ? 231 HOH A O     1 
HETATM 833  O  O     . HOH H 4 . ? -8.999  0.435   5.493   1.00 44.59 ? 232 HOH A O     1 
HETATM 834  O  O     . HOH H 4 . ? 5.102   -15.921 -4.913  1.00 21.16 ? 233 HOH A O     1 
HETATM 835  O  O     . HOH H 4 . ? -10.836 -11.150 -5.029  1.00 34.10 ? 234 HOH A O     1 
HETATM 836  O  O     . HOH H 4 . ? 1.969   -13.945 -4.541  1.00 18.52 ? 235 HOH A O     1 
HETATM 837  O  O     . HOH H 4 . ? -4.985  -17.198 -8.987  1.00 28.23 ? 236 HOH A O     1 
HETATM 838  O  O     . HOH H 4 . ? 8.964   -21.521 -10.058 1.00 25.58 ? 237 HOH A O     1 
HETATM 839  O  O     . HOH H 4 . ? -10.428 -13.742 -4.401  1.00 31.86 ? 238 HOH A O     1 
HETATM 840  O  O     . HOH H 4 . ? -3.060  6.253   6.089   1.00 64.00 ? 239 HOH A O     1 
HETATM 841  O  O     . HOH H 4 . ? -8.148  -4.146  -2.660  1.00 36.29 ? 240 HOH A O     1 
HETATM 842  O  O     . HOH H 4 . ? 15.042  -18.582 -5.053  1.00 43.12 ? 241 HOH A O     1 
HETATM 843  O  O     . HOH H 4 . ? -10.537 -6.709  -2.760  1.00 26.81 ? 242 HOH A O     1 
HETATM 844  O  O     . HOH H 4 . ? -8.145  -10.796 -7.570  1.00 42.44 ? 243 HOH A O     1 
HETATM 845  O  O     . HOH H 4 . ? -7.375  -10.627 4.663   1.00 15.95 ? 244 HOH A O     1 
HETATM 846  O  O     . HOH H 4 . ? 6.655   -14.146 -8.722  1.00 42.54 ? 245 HOH A O     1 
HETATM 847  O  O     . HOH H 4 . ? 4.886   -13.107 -6.847  1.00 29.74 ? 246 HOH A O     1 
HETATM 848  O  O     . HOH H 4 . ? 0.851   2.621   10.584  1.00 23.91 ? 247 HOH A O     1 
HETATM 849  O  O     . HOH H 4 . ? -7.706  -16.271 1.101   1.00 17.69 ? 248 HOH A O     1 
HETATM 850  O  O     . HOH H 4 . ? 6.712   -18.370 -3.034  1.00 27.49 ? 249 HOH A O     1 
HETATM 851  O  O     . HOH H 4 . ? 1.256   -18.225 -11.442 1.00 30.34 ? 250 HOH A O     1 
HETATM 852  O  O     . HOH H 4 . ? -3.290  -3.956  1.677   1.00 27.15 ? 251 HOH A O     1 
HETATM 853  O  O     . HOH H 4 . ? -8.728  -17.106 -3.696  1.00 38.04 ? 252 HOH A O     1 
HETATM 854  O  O     . HOH H 4 . ? -4.810  0.487   10.202  1.00 25.12 ? 253 HOH A O     1 
HETATM 855  O  O     . HOH H 4 . ? 2.514   6.495   7.353   1.00 26.98 ? 254 HOH A O     1 
HETATM 856  O  O     . HOH H 4 . ? 14.520  -21.033 -6.312  1.00 24.77 ? 255 HOH A O     1 
HETATM 857  O  O     . HOH H 4 . ? -0.720  -22.369 -6.603  1.00 18.32 ? 256 HOH A O     1 
HETATM 858  O  O     . HOH H 4 . ? 5.237   -18.771 -0.360  1.00 22.23 ? 257 HOH A O     1 
HETATM 859  O  O     . HOH H 4 . ? 9.347   -25.678 -6.719  1.00 18.42 ? 258 HOH A O     1 
HETATM 860  O  O     . HOH H 4 . ? -2.134  -6.258  8.914   1.00 27.69 ? 259 HOH A O     1 
HETATM 861  O  O     . HOH H 4 . ? -0.071  -4.043  0.291   1.00 22.62 ? 260 HOH A O     1 
HETATM 862  O  O     . HOH H 4 . ? 0.764   -11.995 -0.849  1.00 32.38 ? 261 HOH A O     1 
HETATM 863  O  O     . HOH H 4 . ? 5.889   -16.394 2.182   1.00 41.37 ? 262 HOH A O     1 
HETATM 864  O  O     . HOH H 4 . ? -6.316  -18.445 -2.433  1.00 20.86 ? 263 HOH A O     1 
HETATM 865  O  O     . HOH H 4 . ? 7.537   -13.721 -2.883  1.00 47.16 ? 264 HOH A O     1 
HETATM 866  O  O     . HOH H 4 . ? 3.281   0.089   8.830   1.00 20.16 ? 265 HOH A O     1 
HETATM 867  O  O     . HOH H 4 . ? -4.901  -0.754  -1.173  1.00 26.11 ? 266 HOH A O     1 
HETATM 868  O  O     . HOH H 4 . ? -5.549  -14.664 -10.003 1.00 53.90 ? 267 HOH A O     1 
HETATM 869  O  O     . HOH H 4 . ? 1.418   -5.880  -0.914  1.00 39.75 ? 268 HOH A O     1 
HETATM 870  O  O     . HOH H 4 . ? -2.191  -5.431  -0.996  1.00 48.26 ? 269 HOH A O     1 
HETATM 871  O  O     . HOH H 4 . ? 12.417  -17.241 -7.672  1.00 51.26 ? 270 HOH A O     1 
HETATM 872  O  O     . HOH H 4 . ? -3.392  -19.832 -8.884  1.00 43.10 ? 271 HOH A O     1 
HETATM 873  O  O     . HOH H 4 . ? 2.834   -12.569 -11.958 1.00 46.50 ? 272 HOH A O     1 
HETATM 874  O  O     . HOH H 4 . ? -6.623  -9.312  6.986   1.00 32.13 ? 273 HOH A O     1 
HETATM 875  O  O     . HOH H 4 . ? -6.252  1.426   0.644   1.00 32.01 ? 274 HOH A O     1 
HETATM 876  O  O     . HOH H 4 . ? 5.616   -10.387 1.621   1.00 27.31 ? 275 HOH A O     1 
HETATM 877  O  O     . HOH H 4 . ? 12.306  -21.995 -8.624  1.00 38.80 ? 276 HOH A O     1 
HETATM 878  O  O     . HOH H 4 . ? 7.172   -13.031 -5.340  1.00 45.82 ? 277 HOH A O     1 
HETATM 879  O  O     . HOH H 4 . ? 11.044  -19.813 -10.014 1.00 26.72 ? 278 HOH A O     1 
HETATM 880  O  O     . HOH H 4 . ? -4.560  -3.032  -3.440  1.00 40.13 ? 279 HOH A O     1 
HETATM 881  O  O     . HOH H 4 . ? -0.626  -4.593  10.118  1.00 34.16 ? 280 HOH A O     1 
HETATM 882  O  O     . HOH H 4 . ? -3.485  -16.283 -11.244 1.00 41.98 ? 281 HOH A O     1 
HETATM 883  O  O     . HOH H 4 . ? -4.373  4.393   2.138   1.00 37.69 ? 282 HOH A O     1 
HETATM 884  O  O     . HOH H 4 . ? 8.914   -23.402 3.904   1.00 25.21 ? 283 HOH A O     1 
HETATM 885  O  O     . HOH H 4 . ? -8.707  -14.497 2.916   0.50 29.01 ? 284 HOH A O     1 
HETATM 886  O  O     . HOH H 4 . ? 15.519  -18.287 -0.855  1.00 48.19 ? 285 HOH A O     1 
HETATM 887  O  O     . HOH H 4 . ? -3.742  -6.952  -4.273  1.00 32.39 ? 286 HOH A O     1 
HETATM 888  O  O     . HOH H 4 . ? -9.829  -13.754 -7.498  1.00 51.77 ? 287 HOH A O     1 
HETATM 889  O  O     . HOH H 4 . ? -9.949  -4.008  -4.192  1.00 18.10 ? 288 HOH A O     1 
HETATM 890  O  O     . HOH H 4 . ? 16.337  -18.335 -2.903  1.00 37.00 ? 289 HOH A O     1 
HETATM 891  O  O     . HOH H 4 . ? 3.983   -14.721 4.360   1.00 28.91 ? 290 HOH A O     1 
HETATM 892  O  O     . HOH H 4 . ? -10.134 1.598   2.626   1.00 51.80 ? 291 HOH A O     1 
HETATM 893  O  O     . HOH H 4 . ? -7.949  -16.645 -7.812  1.00 46.15 ? 292 HOH A O     1 
HETATM 894  O  O     . HOH H 4 . ? 3.264   -3.329  10.031  1.00 21.92 ? 293 HOH A O     1 
HETATM 895  O  O     . HOH H 4 . ? 2.037   -11.311 -5.358  1.00 34.04 ? 294 HOH A O     1 
HETATM 896  O  O     . HOH H 4 . ? -1.700  -8.764  -4.309  1.00 32.04 ? 295 HOH A O     1 
HETATM 897  O  O     . HOH H 4 . ? -1.133  -7.988  -2.400  1.00 23.66 ? 296 HOH A O     1 
HETATM 898  O  O     . HOH H 4 . ? -7.695  6.401   7.663   1.00 54.99 ? 297 HOH A O     1 
HETATM 899  O  O     . HOH H 4 . ? -7.553  -20.432 -5.901  1.00 47.44 ? 298 HOH A O     1 
HETATM 900  O  O     . HOH H 4 . ? 0.448   -6.673  -3.021  1.00 44.29 ? 299 HOH A O     1 
HETATM 901  O  O     . HOH H 4 . ? -1.627  8.946   3.655   1.00 52.27 ? 300 HOH A O     1 
HETATM 902  O  O     . HOH H 4 . ? 13.745  -23.742 -10.455 1.00 41.84 ? 301 HOH A O     1 
HETATM 903  O  O     . HOH H 4 . ? 12.449  -15.088 2.870   1.00 82.04 ? 302 HOH A O     1 
HETATM 904  O  O     . HOH I 4 . ? 12.266  -8.768  7.890   1.00 19.77 ? 101 HOH B O     1 
HETATM 905  O  O     . HOH I 4 . ? -1.031  -23.805 5.483   1.00 38.70 ? 102 HOH B O     1 
HETATM 906  O  O     . HOH I 4 . ? -1.365  -33.249 -2.506  1.00 24.10 ? 103 HOH B O     1 
HETATM 907  O  O     . HOH I 4 . ? -6.403  -29.495 -0.180  1.00 52.86 ? 104 HOH B O     1 
HETATM 908  O  O     . HOH I 4 . ? -5.166  -24.631 8.541   1.00 23.84 ? 105 HOH B O     1 
HETATM 909  O  O     . HOH I 4 . ? 7.327   -11.557 5.656   1.00 26.84 ? 106 HOH B O     1 
HETATM 910  O  O     . HOH I 4 . ? 9.534   -11.400 6.080   1.00 50.59 ? 107 HOH B O     1 
HETATM 911  O  O     . HOH I 4 . ? 4.048   -15.513 8.769   1.00 44.96 ? 108 HOH B O     1 
HETATM 912  O  O     . HOH I 4 . ? 10.643  -4.300  -1.749  1.00 30.29 ? 109 HOH B O     1 
HETATM 913  O  O     . HOH I 4 . ? 2.814   -23.092 3.266   1.00 20.79 ? 110 HOH B O     1 
HETATM 914  O  O     . HOH I 4 . ? 4.967   -14.081 6.656   1.00 30.81 ? 111 HOH B O     1 
HETATM 915  O  O     . HOH I 4 . ? -4.163  -8.876  7.242   1.00 29.84 ? 112 HOH B O     1 
HETATM 916  O  O     . HOH I 4 . ? 9.242   -7.292  1.656   1.00 27.87 ? 113 HOH B O     1 
HETATM 917  O  O     . HOH I 4 . ? -1.488  -27.490 1.579   1.00 20.63 ? 114 HOH B O     1 
HETATM 918  O  O     . HOH I 4 . ? 10.027  -0.536  -4.027  1.00 31.43 ? 115 HOH B O     1 
HETATM 919  O  O     . HOH I 4 . ? 3.770   -4.967  -0.448  1.00 27.07 ? 116 HOH B O     1 
HETATM 920  O  O     . HOH I 4 . ? 1.217   -32.724 -1.755  1.00 18.37 ? 117 HOH B O     1 
HETATM 921  O  O     . HOH I 4 . ? 0.140   -19.669 10.902  1.00 53.62 ? 118 HOH B O     1 
HETATM 922  O  O     . HOH I 4 . ? 3.008   -14.630 13.374  1.00 40.37 ? 119 HOH B O     1 
HETATM 923  O  O     . HOH I 4 . ? 2.683   -19.459 3.149   1.00 30.90 ? 120 HOH B O     1 
HETATM 924  O  O     . HOH I 4 . ? 15.466  -3.100  2.154   1.00 28.73 ? 121 HOH B O     1 
HETATM 925  O  O     . HOH I 4 . ? 12.312  -9.475  4.189   1.00 41.89 ? 122 HOH B O     1 
HETATM 926  O  O     . HOH I 4 . ? -4.850  -31.649 -0.717  1.00 40.89 ? 123 HOH B O     1 
HETATM 927  O  O     . HOH I 4 . ? 2.265   -13.790 2.479   1.00 19.41 ? 124 HOH B O     1 
HETATM 928  O  O     . HOH I 4 . ? 0.190   -16.711 7.861   1.00 23.03 ? 125 HOH B O     1 
HETATM 929  O  O     . HOH I 4 . ? 1.819   -5.855  9.569   1.00 18.50 ? 126 HOH B O     1 
HETATM 930  O  O     . HOH I 4 . ? -4.283  -21.702 -3.738  1.00 19.43 ? 127 HOH B O     1 
HETATM 931  O  O     . HOH I 4 . ? 7.344   -9.981  3.540   1.00 22.86 ? 128 HOH B O     1 
HETATM 932  O  O     . HOH I 4 . ? -3.948  -10.885 10.104  1.00 31.03 ? 129 HOH B O     1 
HETATM 933  O  O     . HOH I 4 . ? 0.756   -30.753 0.183   1.00 21.51 ? 130 HOH B O     1 
HETATM 934  O  O     . HOH I 4 . ? 2.914   -10.761 1.303   1.00 22.88 ? 131 HOH B O     1 
HETATM 935  O  O     . HOH I 4 . ? -5.395  -21.456 10.300  1.00 20.63 ? 132 HOH B O     1 
HETATM 936  O  O     . HOH I 4 . ? -4.631  -30.766 -4.185  1.00 35.27 ? 133 HOH B O     1 
HETATM 937  O  O     . HOH I 4 . ? -7.173  -14.745 5.764   1.00 22.81 ? 134 HOH B O     1 
HETATM 938  O  O     . HOH I 4 . ? 5.949   -27.916 -6.593  1.00 13.81 ? 135 HOH B O     1 
HETATM 939  O  O     . HOH I 4 . ? 5.924   -3.118  9.176   1.00 18.09 ? 136 HOH B O     1 
HETATM 940  O  O     . HOH I 4 . ? 5.656   -30.718 -7.410  1.00 14.79 ? 137 HOH B O     1 
HETATM 941  O  O     . HOH I 4 . ? -2.869  -30.808 1.634   1.00 34.78 ? 138 HOH B O     1 
HETATM 942  O  O     . HOH I 4 . ? -3.115  -23.275 -5.622  1.00 15.90 ? 139 HOH B O     1 
HETATM 943  O  O     . HOH I 4 . ? 13.778  -6.929  3.876   1.00 29.82 ? 140 HOH B O     1 
HETATM 944  O  O     . HOH I 4 . ? -6.889  -18.925 1.009   1.00 23.60 ? 141 HOH B O     1 
HETATM 945  O  O     . HOH I 4 . ? 2.478   -17.081 4.534   1.00 21.02 ? 142 HOH B O     1 
HETATM 946  O  O     . HOH I 4 . ? -6.137  -17.587 11.715  1.00 28.55 ? 143 HOH B O     1 
HETATM 947  O  O     . HOH I 4 . ? 4.001   -26.115 3.169   1.00 30.39 ? 144 HOH B O     1 
HETATM 948  O  O     . HOH I 4 . ? -1.234  -20.372 7.299   1.00 30.25 ? 145 HOH B O     1 
HETATM 949  O  O     . HOH I 4 . ? 3.028   -2.772  -2.516  1.00 12.71 ? 146 HOH B O     1 
HETATM 950  O  O     . HOH I 4 . ? 5.144   -8.391  0.376   1.00 40.41 ? 147 HOH B O     1 
HETATM 951  O  O     . HOH I 4 . ? -7.634  -21.130 -0.877  1.00 31.00 ? 148 HOH B O     1 
HETATM 952  O  O     . HOH I 4 . ? 6.432   -15.579 11.004  1.00 23.19 ? 149 HOH B O     1 
HETATM 953  O  O     . HOH I 4 . ? -6.933  -12.965 9.012   0.50 33.25 ? 150 HOH B O     1 
HETATM 954  O  O     . HOH I 4 . ? 14.260  -1.907  -3.461  1.00 45.18 ? 151 HOH B O     1 
HETATM 955  O  O     . HOH I 4 . ? -4.771  -27.293 7.273   1.00 46.28 ? 152 HOH B O     1 
HETATM 956  O  O     . HOH I 4 . ? -0.907  -9.561  12.525  1.00 38.12 ? 153 HOH B O     1 
HETATM 957  O  O     . HOH I 4 . ? -1.445  -26.410 5.380   1.00 45.67 ? 154 HOH B O     1 
HETATM 958  O  O     . HOH I 4 . ? 12.316  -0.359  -5.178  1.00 47.79 ? 155 HOH B O     1 
HETATM 959  O  O     . HOH I 4 . ? -6.517  -23.078 -3.261  1.00 27.95 ? 156 HOH B O     1 
HETATM 960  O  O     . HOH I 4 . ? -4.834  -22.079 13.358  1.00 37.88 ? 157 HOH B O     1 
HETATM 961  O  O     . HOH I 4 . ? 9.370   -11.388 2.446   1.00 36.31 ? 158 HOH B O     1 
HETATM 962  O  O     . HOH I 4 . ? -8.471  -29.318 3.633   1.00 46.10 ? 159 HOH B O     1 
HETATM 963  O  O     . HOH I 4 . ? 11.517  -9.179  1.377   1.00 33.62 ? 160 HOH B O     1 
HETATM 964  O  O     . HOH I 4 . ? -6.836  -29.219 -2.996  1.00 31.34 ? 161 HOH B O     1 
HETATM 965  O  O     . HOH I 4 . ? -8.164  -30.863 1.012   1.00 44.85 ? 162 HOH B O     1 
HETATM 966  O  O     . HOH I 4 . ? 1.966   -18.040 6.880   1.00 39.20 ? 163 HOH B O     1 
HETATM 967  O  O     . HOH I 4 . ? -4.732  -34.488 -3.539  1.00 55.32 ? 164 HOH B O     1 
HETATM 968  O  O     . HOH I 4 . ? -4.481  -12.988 12.882  1.00 45.79 ? 165 HOH B O     1 
HETATM 969  O  O     . HOH I 4 . ? -2.529  -8.300  10.772  1.00 34.71 ? 166 HOH B O     1 
HETATM 970  O  O     . HOH I 4 . ? -7.557  -26.423 -5.225  1.00 41.02 ? 167 HOH B O     1 
HETATM 971  O  O     . HOH I 4 . ? -3.010  -24.684 9.660   1.00 26.58 ? 168 HOH B O     1 
HETATM 972  O  O     . HOH I 4 . ? -4.989  -23.159 -7.790  1.00 29.03 ? 169 HOH B O     1 
HETATM 973  O  O     . HOH I 4 . ? 7.635   -7.532  -0.442  1.00 33.72 ? 170 HOH B O     1 
HETATM 974  O  O     . HOH I 4 . ? 1.279   -20.737 7.114   1.00 44.52 ? 171 HOH B O     1 
HETATM 975  O  O     . HOH I 4 . ? 7.938   -5.669  -2.470  1.00 46.56 ? 172 HOH B O     1 
HETATM 976  O  O     . HOH I 4 . ? 11.880  -13.182 6.818   1.00 52.89 ? 173 HOH B O     1 
HETATM 977  O  O     . HOH I 4 . ? 1.315   -23.391 5.595   1.00 30.29 ? 174 HOH B O     1 
HETATM 978  O  O     . HOH I 4 . ? 7.393   -13.735 3.879   1.00 48.23 ? 175 HOH B O     1 
HETATM 979  O  O     . HOH I 4 . ? 0.220   -27.969 3.691   1.00 28.93 ? 176 HOH B O     1 
HETATM 980  O  O     . HOH I 4 . ? 16.233  -8.381  1.474   1.00 50.61 ? 177 HOH B O     1 
HETATM 981  O  O     . HOH I 4 . ? -6.663  -16.786 14.905  1.00 53.48 ? 178 HOH B O     1 
HETATM 982  O  O     . HOH I 4 . ? 11.834  -7.104  -4.292  1.00 61.08 ? 179 HOH B O     1 
HETATM 983  O  O     . HOH J 4 . ? -5.091  12.819  9.613   1.00 43.24 ? 201 HOH C O     1 
HETATM 984  O  O     . HOH J 4 . ? -4.689  -1.932  -7.895  1.00 35.56 ? 202 HOH C O     1 
HETATM 985  O  O     . HOH J 4 . ? 1.172   -4.572  -9.216  1.00 48.65 ? 203 HOH C O     1 
HETATM 986  O  O     . HOH J 4 . ? -1.864  14.052  10.944  0.50 29.67 ? 204 HOH C O     1 
HETATM 987  O  O     . HOH J 4 . ? -2.381  -0.432  -3.793  1.00 23.01 ? 205 HOH C O     1 
HETATM 988  O  O     . HOH J 4 . ? -11.163 6.692   -5.331  1.00 36.75 ? 206 HOH C O     1 
HETATM 989  O  O     . HOH J 4 . ? 4.311   17.261  6.703   1.00 41.87 ? 207 HOH C O     1 
HETATM 990  O  O     . HOH J 4 . ? -5.263  3.550   -0.663  1.00 24.31 ? 208 HOH C O     1 
HETATM 991  O  O     . HOH J 4 . ? 8.539   22.897  -0.559  1.00 43.38 ? 209 HOH C O     1 
HETATM 992  O  O     . HOH J 4 . ? 6.800   19.622  2.217   1.00 38.43 ? 210 HOH C O     1 
HETATM 993  O  O     . HOH J 4 . ? -3.497  6.341   -0.080  1.00 39.90 ? 211 HOH C O     1 
HETATM 994  O  O     . HOH J 4 . ? -9.905  17.345  2.317   1.00 27.31 ? 212 HOH C O     1 
HETATM 995  O  O     . HOH J 4 . ? -2.349  23.385  9.047   1.00 45.16 ? 213 HOH C O     1 
HETATM 996  O  O     . HOH J 4 . ? -9.268  13.593  -3.683  1.00 34.56 ? 214 HOH C O     1 
HETATM 997  O  O     . HOH J 4 . ? 8.651   18.962  6.972   1.00 36.26 ? 215 HOH C O     1 
HETATM 998  O  O     . HOH J 4 . ? 3.619   2.134   -9.629  1.00 31.09 ? 216 HOH C O     1 
HETATM 999  O  O     . HOH J 4 . ? -8.184  7.435   -7.722  1.00 35.31 ? 217 HOH C O     1 
HETATM 1000 O  O     . HOH J 4 . ? -3.950  13.152  3.343   1.00 26.21 ? 218 HOH C O     1 
HETATM 1001 O  O     . HOH J 4 . ? -6.367  5.926   -9.351  1.00 34.15 ? 219 HOH C O     1 
HETATM 1002 O  O     . HOH J 4 . ? -0.739  6.553   0.597   1.00 45.94 ? 220 HOH C O     1 
HETATM 1003 O  O     . HOH J 4 . ? -6.830  0.926   -2.686  1.00 38.18 ? 221 HOH C O     1 
HETATM 1004 O  O     . HOH J 4 . ? 1.940   19.342  12.021  1.00 42.17 ? 222 HOH C O     1 
HETATM 1005 O  O     . HOH J 4 . ? 4.609   26.303  6.428   1.00 15.70 ? 223 HOH C O     1 
HETATM 1006 O  O     . HOH J 4 . ? -11.504 11.979  -3.316  1.00 43.64 ? 224 HOH C O     1 
HETATM 1007 O  O     . HOH J 4 . ? 5.368   24.341  -2.055  1.00 38.94 ? 225 HOH C O     1 
HETATM 1008 O  O     . HOH J 4 . ? 0.377   16.365  6.009   1.00 25.92 ? 226 HOH C O     1 
HETATM 1009 O  O     . HOH J 4 . ? -3.289  2.788   -2.427  1.00 21.34 ? 227 HOH C O     1 
HETATM 1010 O  O     . HOH J 4 . ? 0.277   -2.442  -3.039  1.00 19.91 ? 228 HOH C O     1 
HETATM 1011 O  O     . HOH J 4 . ? -11.479 4.484   -3.511  1.00 44.44 ? 229 HOH C O     1 
HETATM 1012 O  O     . HOH J 4 . ? -2.822  5.929   -9.602  1.00 30.65 ? 230 HOH C O     1 
HETATM 1013 O  O     . HOH J 4 . ? 2.301   18.999  4.306   1.00 22.36 ? 231 HOH C O     1 
HETATM 1014 O  O     . HOH J 4 . ? -10.979 5.377   0.663   1.00 48.62 ? 232 HOH C O     1 
HETATM 1015 O  O     . HOH J 4 . ? -5.575  9.947   3.150   1.00 32.99 ? 233 HOH C O     1 
HETATM 1016 O  O     . HOH J 4 . ? 4.041   4.216   -7.717  1.00 28.27 ? 234 HOH C O     1 
HETATM 1017 O  O     . HOH J 4 . ? -1.829  14.001  4.828   1.00 31.99 ? 235 HOH C O     1 
HETATM 1018 O  O     . HOH J 4 . ? -6.492  6.788   0.888   1.00 30.40 ? 236 HOH C O     1 
HETATM 1019 O  O     . HOH J 4 . ? -8.098  0.484   -7.291  1.00 27.49 ? 237 HOH C O     1 
HETATM 1020 O  O     . HOH J 4 . ? -6.614  9.406   -7.139  1.00 32.81 ? 238 HOH C O     1 
HETATM 1021 O  O     . HOH J 4 . ? -5.440  18.703  10.764  1.00 32.09 ? 239 HOH C O     1 
HETATM 1022 O  O     . HOH J 4 . ? -10.638 15.294  6.319   1.00 29.67 ? 240 HOH C O     1 
HETATM 1023 O  O     . HOH J 4 . ? 4.570   -4.377  -4.129  1.00 46.51 ? 241 HOH C O     1 
HETATM 1024 O  O     . HOH J 4 . ? 3.141   22.914  -1.683  1.00 46.54 ? 242 HOH C O     1 
HETATM 1025 O  O     . HOH J 4 . ? -3.489  9.751   1.169   1.00 39.75 ? 243 HOH C O     1 
HETATM 1026 O  O     . HOH J 4 . ? 4.065   21.366  1.831   1.00 29.94 ? 244 HOH C O     1 
HETATM 1027 O  O     . HOH J 4 . ? 1.607   27.381  6.936   1.00 20.75 ? 245 HOH C O     1 
HETATM 1028 O  O     . HOH J 4 . ? 1.489   21.094  -0.862  1.00 37.63 ? 246 HOH C O     1 
HETATM 1029 O  O     . HOH J 4 . ? -9.857  16.886  -0.405  1.00 27.03 ? 247 HOH C O     1 
HETATM 1030 O  O     . HOH J 4 . ? -13.047 10.916  0.451   1.00 37.07 ? 248 HOH C O     1 
HETATM 1031 O  O     . HOH J 4 . ? 3.191   17.195  -0.437  1.00 35.08 ? 249 HOH C O     1 
HETATM 1032 O  O     . HOH J 4 . ? 3.199   26.010  8.316   1.00 16.36 ? 250 HOH C O     1 
HETATM 1033 O  O     . HOH J 4 . ? -11.199 8.412   4.768   1.00 43.81 ? 251 HOH C O     1 
HETATM 1034 O  O     . HOH J 4 . ? -0.075  5.964   -9.250  1.00 21.09 ? 252 HOH C O     1 
HETATM 1035 O  O     . HOH J 4 . ? 1.091   19.450  1.619   1.00 21.73 ? 253 HOH C O     1 
HETATM 1036 O  O     . HOH J 4 . ? 3.969   15.607  4.620   1.00 50.11 ? 254 HOH C O     1 
HETATM 1037 O  O     . HOH J 4 . ? -7.246  21.259  5.162   1.00 39.81 ? 255 HOH C O     1 
HETATM 1038 O  O     . HOH J 4 . ? 7.819   2.018   -5.045  1.00 43.51 ? 256 HOH C O     1 
HETATM 1039 O  O     . HOH J 4 . ? -11.559 3.660   -0.580  1.00 46.75 ? 257 HOH C O     1 
HETATM 1040 O  O     . HOH J 4 . ? -1.378  3.909   -0.169  1.00 17.29 ? 258 HOH C O     1 
HETATM 1041 O  O     . HOH J 4 . ? -11.888 14.762  -0.690  1.00 38.86 ? 259 HOH C O     1 
HETATM 1042 O  O     . HOH J 4 . ? -3.028  -3.525  -5.724  1.00 40.02 ? 260 HOH C O     1 
HETATM 1043 O  O     . HOH J 4 . ? -7.071  3.348   -9.224  1.00 35.94 ? 261 HOH C O     1 
HETATM 1044 O  O     . HOH J 4 . ? 5.523   18.660  9.752   1.00 66.80 ? 262 HOH C O     1 
HETATM 1045 O  O     . HOH J 4 . ? 9.418   1.508   -3.252  1.00 45.30 ? 263 HOH C O     1 
HETATM 1046 O  O     . HOH J 4 . ? -8.402  3.783   1.440   1.00 41.65 ? 264 HOH C O     1 
HETATM 1047 O  O     . HOH J 4 . ? 6.726   -2.456  -9.076  1.00 45.48 ? 265 HOH C O     1 
HETATM 1048 O  O     . HOH J 4 . ? -9.464  1.292   -4.646  1.00 57.27 ? 266 HOH C O     1 
HETATM 1049 O  O     . HOH J 4 . ? 4.311   13.712  2.568   1.00 57.26 ? 267 HOH C O     1 
HETATM 1050 O  O     . HOH J 4 . ? -1.019  11.548  0.883   1.00 28.93 ? 268 HOH C O     1 
HETATM 1051 O  O     . HOH J 4 . ? 8.687   -2.661  -5.432  1.00 47.17 ? 269 HOH C O     1 
HETATM 1052 O  O     . HOH J 4 . ? -2.167  25.688  6.907   1.00 47.04 ? 270 HOH C O     1 
HETATM 1053 O  O     . HOH J 4 . ? -4.978  22.618  9.057   1.00 46.53 ? 271 HOH C O     1 
HETATM 1054 O  O     . HOH J 4 . ? 11.159  22.103  -0.012  1.00 34.26 ? 272 HOH C O     1 
HETATM 1055 O  O     . HOH J 4 . ? -10.826 3.390   -5.785  1.00 43.09 ? 273 HOH C O     1 
HETATM 1056 O  O     . HOH J 4 . ? -11.296 10.599  -5.414  1.00 54.93 ? 274 HOH C O     1 
HETATM 1057 O  O     . HOH J 4 . ? -9.212  2.840   -7.828  1.00 38.26 ? 275 HOH C O     1 
HETATM 1058 O  O     . HOH J 4 . ? -6.049  5.588   2.848   1.00 40.65 ? 276 HOH C O     1 
HETATM 1059 O  O     . HOH J 4 . ? 1.735   13.951  9.923   0.50 29.67 ? 277 HOH C O     1 
HETATM 1060 O  O     . HOH J 4 . ? -12.537 17.295  3.107   1.00 33.93 ? 278 HOH C O     1 
HETATM 1061 O  O     . HOH J 4 . ? -0.710  -3.920  -11.635 1.00 21.97 ? 279 HOH C O     1 
HETATM 1062 O  O     . HOH J 4 . ? -2.488  24.544  11.412  1.00 31.92 ? 280 HOH C O     1 
HETATM 1063 O  O     . HOH J 4 . ? -12.603 17.088  5.719   1.00 57.00 ? 281 HOH C O     1 
HETATM 1064 O  O     . HOH J 4 . ? -10.286 8.972   -8.855  0.50 29.01 ? 282 HOH C O     1 
HETATM 1065 O  O     . HOH J 4 . ? 2.315   14.205  7.816   1.00 44.24 ? 283 HOH C O     1 
HETATM 1066 O  O     . HOH J 4 . ? -4.406  7.679   4.011   1.00 46.55 ? 284 HOH C O     1 
HETATM 1067 O  O     . HOH J 4 . ? -1.325  -5.268  -3.385  1.00 46.22 ? 285 HOH C O     1 
HETATM 1068 O  O     . HOH J 4 . ? 10.678  19.554  5.233   1.00 26.61 ? 286 HOH C O     1 
HETATM 1069 O  O     . HOH J 4 . ? 10.505  0.607   -8.294  1.00 52.98 ? 287 HOH C O     1 
HETATM 1070 O  O     . HOH J 4 . ? 4.976   -0.269  -10.704 1.00 37.29 ? 288 HOH C O     1 
HETATM 1071 O  O     . HOH J 4 . ? 5.176   15.193  10.401  1.00 68.71 ? 289 HOH C O     1 
HETATM 1072 O  O     . HOH J 4 . ? -2.644  7.526   2.023   1.00 23.59 ? 290 HOH C O     1 
HETATM 1073 O  O     . HOH J 4 . ? -10.968 11.084  -7.613  1.00 68.79 ? 291 HOH C O     1 
HETATM 1074 O  O     . HOH J 4 . ? 6.186   13.821  8.659   0.50 29.67 ? 292 HOH C O     1 
HETATM 1075 O  O     . HOH K 4 . ? -8.161  32.247  0.565   1.00 37.18 ? 101 HOH D O     1 
HETATM 1076 O  O     . HOH K 4 . ? -1.050  22.535  -3.069  1.00 37.44 ? 102 HOH D O     1 
HETATM 1077 O  O     . HOH K 4 . ? 0.283   18.932  -10.662 1.00 33.23 ? 103 HOH D O     1 
HETATM 1078 O  O     . HOH K 4 . ? 0.068   17.026  -7.684  1.00 31.55 ? 104 HOH D O     1 
HETATM 1079 O  O     . HOH K 4 . ? -6.731  12.991  -8.058  1.00 30.31 ? 105 HOH D O     1 
HETATM 1080 O  O     . HOH K 4 . ? -5.346  29.917  -1.257  1.00 29.02 ? 106 HOH D O     1 
HETATM 1081 O  O     . HOH K 4 . ? -10.978 29.343  2.132   1.00 43.77 ? 107 HOH D O     1 
HETATM 1082 O  O     . HOH K 4 . ? 10.130  13.861  -4.222  1.00 38.28 ? 108 HOH D O     1 
HETATM 1083 O  O     . HOH K 4 . ? 6.600   9.503   0.510   1.00 22.90 ? 109 HOH D O     1 
HETATM 1084 O  O     . HOH K 4 . ? -1.867  20.456  -12.752 1.00 39.46 ? 110 HOH D O     1 
HETATM 1085 O  O     . HOH K 4 . ? -11.608 24.819  -6.736  1.00 36.60 ? 111 HOH D O     1 
HETATM 1086 O  O     . HOH K 4 . ? -0.453  19.772  -2.778  1.00 27.26 ? 112 HOH D O     1 
HETATM 1087 O  O     . HOH K 4 . ? 7.751   4.101   8.068   1.00 15.11 ? 113 HOH D O     1 
HETATM 1088 O  O     . HOH K 4 . ? -4.123  32.150  5.566   1.00 27.49 ? 114 HOH D O     1 
HETATM 1089 O  O     . HOH K 4 . ? 1.643   6.148   1.998   1.00 24.51 ? 115 HOH D O     1 
HETATM 1090 O  O     . HOH K 4 . ? 10.724  10.555  5.197   1.00 41.12 ? 116 HOH D O     1 
HETATM 1091 O  O     . HOH K 4 . ? 0.883   17.267  -12.871 1.00 27.37 ? 117 HOH D O     1 
HETATM 1092 O  O     . HOH K 4 . ? -2.193  20.412  -8.011  1.00 46.83 ? 118 HOH D O     1 
HETATM 1093 O  O     . HOH K 4 . ? -5.549  31.992  0.915   1.00 26.38 ? 119 HOH D O     1 
HETATM 1094 O  O     . HOH K 4 . ? 8.110   4.386   -5.454  1.00 37.36 ? 120 HOH D O     1 
HETATM 1095 O  O     . HOH K 4 . ? -6.502  26.536  -3.155  1.00 28.35 ? 121 HOH D O     1 
HETATM 1096 O  O     . HOH K 4 . ? -6.266  24.248  5.107   1.00 35.93 ? 122 HOH D O     1 
HETATM 1097 O  O     . HOH K 4 . ? 2.809   13.397  -13.700 1.00 30.83 ? 123 HOH D O     1 
HETATM 1098 O  O     . HOH K 4 . ? -8.572  19.762  2.279   1.00 33.16 ? 124 HOH D O     1 
HETATM 1099 O  O     . HOH K 4 . ? 6.323   8.627   5.281   1.00 33.52 ? 125 HOH D O     1 
HETATM 1100 O  O     . HOH K 4 . ? 5.709   12.105  -2.027  1.00 39.55 ? 126 HOH D O     1 
HETATM 1101 O  O     . HOH K 4 . ? 0.680   14.668  -2.036  1.00 29.34 ? 127 HOH D O     1 
HETATM 1102 O  O     . HOH K 4 . ? 11.313  3.068   0.660   1.00 24.39 ? 128 HOH D O     1 
HETATM 1103 O  O     . HOH K 4 . ? -9.391  29.916  -2.721  1.00 40.82 ? 129 HOH D O     1 
HETATM 1104 O  O     . HOH K 4 . ? -11.565 27.777  -3.175  1.00 39.46 ? 130 HOH D O     1 
HETATM 1105 O  O     . HOH K 4 . ? -2.608  9.805   -9.707  1.00 37.01 ? 131 HOH D O     1 
HETATM 1106 O  O     . HOH K 4 . ? -0.988  27.691  6.333   1.00 29.54 ? 132 HOH D O     1 
HETATM 1107 O  O     . HOH K 4 . ? 3.768   6.677   -8.707  1.00 28.93 ? 133 HOH D O     1 
HETATM 1108 O  O     . HOH K 4 . ? -4.781  25.792  6.604   1.00 36.86 ? 134 HOH D O     1 
HETATM 1109 O  O     . HOH K 4 . ? -9.410  16.331  -4.197  1.00 26.21 ? 135 HOH D O     1 
HETATM 1110 O  O     . HOH K 4 . ? 2.286   11.473  -0.853  1.00 36.93 ? 136 HOH D O     1 
HETATM 1111 O  O     . HOH K 4 . ? 13.293  9.044   2.642   1.00 37.81 ? 137 HOH D O     1 
HETATM 1112 O  O     . HOH K 4 . ? 7.354   14.526  -4.089  1.00 47.59 ? 138 HOH D O     1 
HETATM 1113 O  O     . HOH K 4 . ? -0.901  26.189  -3.787  1.00 29.37 ? 139 HOH D O     1 
HETATM 1114 O  O     . HOH K 4 . ? 0.390   17.518  -4.609  1.00 31.54 ? 140 HOH D O     1 
HETATM 1115 O  O     . HOH K 4 . ? -9.394  19.475  -10.467 1.00 37.09 ? 141 HOH D O     1 
HETATM 1116 O  O     . HOH K 4 . ? 3.579   9.587   0.860   1.00 27.46 ? 142 HOH D O     1 
HETATM 1117 O  O     . HOH K 4 . ? -1.377  29.981  7.123   1.00 36.66 ? 143 HOH D O     1 
HETATM 1118 O  O     . HOH K 4 . ? 0.454   3.700   3.500   1.00 8.48  ? 144 HOH D O     1 
HETATM 1119 O  O     . HOH K 4 . ? 10.446  2.898   -2.003  1.00 30.25 ? 145 HOH D O     1 
HETATM 1120 O  O     . HOH K 4 . ? 10.112  6.274   -6.734  1.00 41.11 ? 146 HOH D O     1 
HETATM 1121 O  O     . HOH K 4 . ? -6.848  25.667  -7.646  1.00 42.05 ? 147 HOH D O     1 
HETATM 1122 O  O     . HOH K 4 . ? -9.488  21.487  2.966   1.00 41.89 ? 148 HOH D O     1 
HETATM 1123 O  O     . HOH K 4 . ? -11.623 19.112  -2.062  1.00 49.75 ? 149 HOH D O     1 
HETATM 1124 O  O     . HOH K 4 . ? -9.540  15.716  -7.682  1.00 44.61 ? 150 HOH D O     1 
HETATM 1125 O  O     . HOH K 4 . ? -8.361  25.701  6.257   1.00 35.10 ? 151 HOH D O     1 
HETATM 1126 O  O     . HOH K 4 . ? 11.811  8.349   -6.186  1.00 41.56 ? 152 HOH D O     1 
HETATM 1127 O  O     . HOH K 4 . ? -3.091  31.422  8.102   1.00 42.58 ? 153 HOH D O     1 
HETATM 1128 O  O     . HOH K 4 . ? -11.586 21.218  0.339   1.00 34.49 ? 154 HOH D O     1 
HETATM 1129 O  O     . HOH K 4 . ? 1.418   8.636   -12.177 0.50 29.01 ? 155 HOH D O     1 
HETATM 1130 O  O     . HOH K 4 . ? 2.261   6.590   -10.821 1.00 44.68 ? 156 HOH D O     1 
HETATM 1131 O  O     . HOH K 4 . ? -9.891  28.157  5.212   1.00 43.94 ? 157 HOH D O     1 
HETATM 1132 O  O     . HOH K 4 . ? 8.630   10.292  6.856   1.00 37.64 ? 158 HOH D O     1 
HETATM 1133 O  O     . HOH K 4 . ? -5.145  9.782   -9.312  1.00 32.02 ? 159 HOH D O     1 
HETATM 1134 O  O     . HOH K 4 . ? -12.722 21.891  -6.660  1.00 43.06 ? 160 HOH D O     1 
HETATM 1135 O  O     . HOH K 4 . ? -2.076  28.914  8.935   1.00 38.21 ? 161 HOH D O     1 
HETATM 1136 O  O     . HOH K 4 . ? -4.543  26.975  -4.916  1.00 37.92 ? 162 HOH D O     1 
HETATM 1137 O  O     . HOH K 4 . ? 14.069  9.206   -1.413  1.00 39.10 ? 163 HOH D O     1 
HETATM 1138 O  O     . HOH K 4 . ? 14.605  7.206   5.143   1.00 36.73 ? 164 HOH D O     1 
HETATM 1139 O  O     . HOH K 4 . ? -1.051  8.707   -11.476 0.50 29.01 ? 165 HOH D O     1 
HETATM 1140 O  O     . HOH K 4 . ? -11.491 21.715  5.293   1.00 54.46 ? 166 HOH D O     1 
HETATM 1141 O  O     . HOH K 4 . ? -10.125 26.984  -8.160  1.00 56.24 ? 167 HOH D O     1 
HETATM 1142 O  O     . HOH K 4 . ? -5.394  25.984  9.362   1.00 43.01 ? 168 HOH D O     1 
HETATM 1143 O  O     . HOH K 4 . ? 14.129  12.113  2.424   1.00 47.02 ? 169 HOH D O     1 
HETATM 1144 O  O     . HOH K 4 . ? 13.799  3.345   -0.579  1.00 38.64 ? 170 HOH D O     1 
HETATM 1145 O  O     . HOH K 4 . ? 15.490  6.684   -2.818  1.00 55.91 ? 171 HOH D O     1 
HETATM 1146 O  O     . HOH K 4 . ? -2.512  24.091  -5.784  1.00 40.78 ? 172 HOH D O     1 
HETATM 1147 O  O     . HOH K 4 . ? -13.260 27.063  -0.880  1.00 43.66 ? 173 HOH D O     1 
HETATM 1148 O  O     . HOH K 4 . ? -12.431 19.456  -6.472  1.00 43.74 ? 174 HOH D O     1 
HETATM 1149 O  O     . HOH K 4 . ? -12.801 29.229  -5.189  1.00 45.39 ? 175 HOH D O     1 
HETATM 1150 O  O     . HOH K 4 . ? 14.393  8.001   1.032   1.00 45.10 ? 176 HOH D O     1 
HETATM 1151 O  O     . HOH K 4 . ? -8.688  31.770  6.377   1.00 46.63 ? 177 HOH D O     1 
HETATM 1152 O  O     . HOH K 4 . ? 11.627  4.324   -7.393  1.00 48.05 ? 178 HOH D O     1 
HETATM 1153 O  O     . HOH K 4 . ? 12.886  9.146   7.123   1.00 37.41 ? 179 HOH D O     1 
HETATM 1154 O  O     . HOH K 4 . ? 15.022  2.943   -3.201  1.00 63.48 ? 180 HOH D O     1 
HETATM 1155 O  O     . HOH K 4 . ? 3.613   7.524   5.089   1.00 38.32 ? 181 HOH D O     1 
HETATM 1156 O  O     . HOH K 4 . ? -12.336 27.034  6.798   1.00 47.47 ? 182 HOH D O     1 
# 
